data_7AL4
#
_entry.id   7AL4
#
_cell.length_a   115.919
_cell.length_b   92.453
_cell.length_c   156.688
_cell.angle_alpha   90.00
_cell.angle_beta   95.12
_cell.angle_gamma   90.00
#
_symmetry.space_group_name_H-M   'P 1 21 1'
#
loop_
_entity.id
_entity.type
_entity.pdbx_description
1 polymer 'Ancestral Flavin-containing monooxygenase 1 (mammalian)'
2 non-polymer 'FLAVIN-ADENINE DINUCLEOTIDE'
3 non-polymer 'NADP NICOTINAMIDE-ADENINE-DINUCLEOTIDE PHOSPHATE'
4 non-polymer DODECYL-BETA-D-MALTOSIDE
5 non-polymer GLYCEROL
6 non-polymer 'CHLORIDE ION'
7 water water
#
_entity_poly.entity_id   1
_entity_poly.type   'polypeptide(L)'
_entity_poly.pdbx_seq_one_letter_code
;MAKRVAIVGAGVSGLASIKCCLEEGLEPTCFERSDDLGGLWRFTEHVEEGRASLYKSVVSNSCKEMSCYSDFPFPEDYPN
YVPNSQFLEYLKMYANRFNLLKHIQFKTKVCSVTKCPDFTVTGQWEVVTQHEGKQESAIFDAVMVCTGFLTDPYLPLDSF
PGINTFKGQYFHSRQYKHPDIFKDKRVLVVGMGNSGTDIAVEASHLAKKVFLSTTGGAWVMSRVFDSGYPWDMVFTTRFQ
NMLRNSLPTPIVTWLMARKMNSWFNHANYGLVPEDRTQLREPVLNDELPGCIITGKVLIKPSIKEVKENSVIFNNTPKEE
PIDIIVFATGYTFAFPFLDESVVKVENGQASLYKYIFPAHLPKPTLAVIGLIKPLGSIIPTGETQARWAVRVLKGINKLP
PQSVMIEEVNARKENKPSGFGLCYCKALQSDYITYIDELLTYINAKPNLLSMLLTDPRLALTIFFGPCTPYQFRLTGPGK
WEGARNAILTQWDRTFKVTKTRIVQESPSPFASLLKLLSLPVLLLALLLMC
;
_entity_poly.pdbx_strand_id   D,C,B,A
#
loop_
_chem_comp.id
_chem_comp.type
_chem_comp.name
_chem_comp.formula
CL non-polymer 'CHLORIDE ION' 'Cl -1'
FAD non-polymer 'FLAVIN-ADENINE DINUCLEOTIDE' 'C27 H33 N9 O15 P2'
GOL non-polymer GLYCEROL 'C3 H8 O3'
LMT D-saccharide DODECYL-BETA-D-MALTOSIDE 'C24 H46 O11'
NAP non-polymer 'NADP NICOTINAMIDE-ADENINE-DINUCLEOTIDE PHOSPHATE' 'C21 H28 N7 O17 P3'
#
# COMPACT_ATOMS: atom_id res chain seq x y z
N ALA A 2 -28.84 45.08 62.53
CA ALA A 2 -30.33 45.28 62.56
C ALA A 2 -30.91 45.31 61.13
N LYS A 3 -30.08 45.62 60.13
CA LYS A 3 -30.48 45.85 58.71
C LYS A 3 -31.07 44.57 58.09
N ARG A 4 -32.26 44.69 57.49
CA ARG A 4 -32.98 43.61 56.76
C ARG A 4 -32.43 43.47 55.34
N VAL A 5 -31.84 42.32 55.00
CA VAL A 5 -31.21 42.08 53.67
C VAL A 5 -32.01 41.02 52.90
N ALA A 6 -32.39 41.34 51.66
CA ALA A 6 -33.04 40.42 50.71
C ALA A 6 -31.96 39.73 49.87
N ILE A 7 -31.95 38.40 49.90
CA ILE A 7 -31.02 37.55 49.11
C ILE A 7 -31.80 36.86 47.98
N VAL A 8 -31.43 37.14 46.73
CA VAL A 8 -32.10 36.54 45.54
C VAL A 8 -31.32 35.28 45.14
N GLY A 9 -31.92 34.11 45.36
CA GLY A 9 -31.34 32.81 44.98
C GLY A 9 -30.60 32.16 46.14
N ALA A 10 -30.67 30.83 46.24
CA ALA A 10 -30.01 30.02 47.28
C ALA A 10 -28.96 29.10 46.65
N GLY A 11 -28.27 29.61 45.64
CA GLY A 11 -27.08 28.95 45.07
C GLY A 11 -25.91 29.05 46.03
N VAL A 12 -24.75 28.57 45.61
CA VAL A 12 -23.44 28.76 46.29
C VAL A 12 -23.36 30.20 46.81
N SER A 13 -23.52 31.17 45.90
CA SER A 13 -23.47 32.63 46.17
C SER A 13 -24.53 33.03 47.21
N GLY A 14 -25.76 32.56 47.02
CA GLY A 14 -26.89 32.81 47.95
C GLY A 14 -26.53 32.41 49.36
N LEU A 15 -26.18 31.13 49.55
CA LEU A 15 -25.90 30.53 50.88
C LEU A 15 -24.81 31.35 51.60
N ALA A 16 -23.75 31.70 50.87
CA ALA A 16 -22.62 32.52 51.37
C ALA A 16 -23.16 33.84 51.93
N SER A 17 -24.04 34.48 51.18
CA SER A 17 -24.66 35.77 51.56
C SER A 17 -25.43 35.58 52.87
N ILE A 18 -26.30 34.56 52.91
CA ILE A 18 -27.13 34.26 54.13
C ILE A 18 -26.16 34.15 55.31
N LYS A 19 -25.16 33.27 55.18
CA LYS A 19 -24.13 32.98 56.22
C LYS A 19 -23.42 34.27 56.63
N CYS A 20 -22.87 35.00 55.64
CA CYS A 20 -22.12 36.26 55.86
C CYS A 20 -23.00 37.33 56.53
N CYS A 21 -24.30 37.34 56.21
CA CYS A 21 -25.34 38.20 56.85
C CYS A 21 -25.46 37.84 58.33
N LEU A 22 -25.91 36.62 58.64
CA LEU A 22 -26.01 36.08 60.02
C LEU A 22 -24.75 36.45 60.80
N GLU A 23 -23.58 36.24 60.19
CA GLU A 23 -22.23 36.36 60.82
C GLU A 23 -22.00 37.81 61.26
N GLU A 24 -22.32 38.78 60.40
CA GLU A 24 -22.17 40.23 60.70
C GLU A 24 -23.47 40.77 61.33
N GLY A 25 -24.34 39.86 61.80
CA GLY A 25 -25.57 40.18 62.56
C GLY A 25 -26.52 41.07 61.78
N LEU A 26 -26.86 40.70 60.55
CA LEU A 26 -27.97 41.33 59.78
C LEU A 26 -29.11 40.32 59.71
N GLU A 27 -30.22 40.69 59.08
CA GLU A 27 -31.43 39.83 59.02
C GLU A 27 -31.67 39.43 57.57
N PRO A 28 -31.10 38.29 57.11
CA PRO A 28 -31.28 37.87 55.73
C PRO A 28 -32.60 37.12 55.51
N THR A 29 -33.31 37.53 54.45
CA THR A 29 -34.47 36.82 53.85
C THR A 29 -34.12 36.46 52.41
N CYS A 30 -33.98 35.17 52.14
CA CYS A 30 -33.46 34.61 50.87
C CYS A 30 -34.57 33.95 50.04
N PHE A 31 -34.81 34.49 48.86
CA PHE A 31 -35.87 34.03 47.93
C PHE A 31 -35.25 33.13 46.87
N GLU A 32 -35.54 31.84 46.95
CA GLU A 32 -35.17 30.82 45.94
C GLU A 32 -36.41 30.54 45.09
N ARG A 33 -36.25 30.40 43.78
CA ARG A 33 -37.38 30.20 42.83
C ARG A 33 -37.69 28.71 42.67
N SER A 34 -36.69 27.85 42.86
CA SER A 34 -36.85 26.38 42.83
C SER A 34 -37.20 25.87 44.22
N ASP A 35 -37.29 24.55 44.40
CA ASP A 35 -37.85 23.90 45.62
C ASP A 35 -36.73 23.43 46.54
N ASP A 36 -35.47 23.70 46.21
CA ASP A 36 -34.31 23.37 47.07
C ASP A 36 -33.09 24.18 46.63
N LEU A 37 -32.16 24.36 47.57
CA LEU A 37 -30.93 25.17 47.40
C LEU A 37 -30.00 24.52 46.36
N GLY A 38 -28.82 25.12 46.19
CA GLY A 38 -27.71 24.62 45.33
C GLY A 38 -27.70 25.30 43.97
N GLY A 39 -28.90 25.56 43.45
CA GLY A 39 -29.11 25.92 42.02
C GLY A 39 -28.44 24.92 41.09
N LEU A 40 -27.26 25.28 40.59
CA LEU A 40 -26.55 24.48 39.55
C LEU A 40 -26.29 23.07 40.09
N TRP A 41 -25.65 23.03 41.24
CA TRP A 41 -25.06 21.80 41.81
C TRP A 41 -26.16 20.80 42.14
N ARG A 42 -27.39 21.25 42.30
CA ARG A 42 -28.52 20.30 42.43
C ARG A 42 -28.85 19.77 41.04
N PHE A 43 -28.44 18.54 40.74
CA PHE A 43 -28.83 17.84 39.50
C PHE A 43 -30.29 17.41 39.62
N THR A 44 -31.15 17.91 38.73
CA THR A 44 -32.51 17.36 38.50
C THR A 44 -32.52 16.63 37.17
N GLU A 45 -33.53 15.79 36.96
CA GLU A 45 -33.77 15.11 35.66
C GLU A 45 -34.24 16.17 34.66
N HIS A 46 -35.25 16.94 35.05
CA HIS A 46 -35.88 18.00 34.23
C HIS A 46 -34.99 19.25 34.20
N VAL A 47 -35.04 20.00 33.09
CA VAL A 47 -34.50 21.39 33.00
C VAL A 47 -35.53 22.33 33.62
N GLU A 48 -35.19 22.95 34.76
CA GLU A 48 -35.99 24.02 35.38
C GLU A 48 -35.57 25.33 34.72
N GLU A 49 -36.54 26.16 34.30
CA GLU A 49 -36.25 27.50 33.70
C GLU A 49 -35.85 28.47 34.82
N GLY A 50 -34.99 29.44 34.49
CA GLY A 50 -34.43 30.43 35.44
C GLY A 50 -33.33 29.88 36.32
N ARG A 51 -33.00 28.58 36.17
CA ARG A 51 -32.09 27.84 37.07
C ARG A 51 -31.11 26.98 36.26
N ALA A 52 -29.80 27.22 36.42
CA ALA A 52 -28.73 26.60 35.60
C ALA A 52 -28.94 25.09 35.59
N SER A 53 -28.61 24.44 34.48
CA SER A 53 -28.86 22.98 34.27
C SER A 53 -27.55 22.22 34.13
N LEU A 54 -27.60 20.94 34.50
CA LEU A 54 -26.40 20.08 34.68
C LEU A 54 -26.64 18.72 34.03
N TYR A 55 -25.62 18.13 33.42
CA TYR A 55 -25.62 16.71 32.96
C TYR A 55 -25.16 15.83 34.13
N LYS A 56 -25.64 14.58 34.14
CA LYS A 56 -25.53 13.65 35.31
C LYS A 56 -24.07 13.37 35.67
N SER A 57 -23.13 13.46 34.74
CA SER A 57 -21.73 12.97 34.95
C SER A 57 -20.82 14.04 35.54
N VAL A 58 -21.30 15.28 35.67
CA VAL A 58 -20.42 16.45 36.01
C VAL A 58 -19.70 16.17 37.32
N VAL A 59 -18.40 16.46 37.35
CA VAL A 59 -17.59 16.52 38.61
C VAL A 59 -16.83 17.84 38.59
N SER A 60 -16.54 18.39 39.77
CA SER A 60 -15.82 19.67 39.97
C SER A 60 -14.57 19.70 39.09
N ASN A 61 -14.30 20.83 38.45
CA ASN A 61 -13.08 21.07 37.63
C ASN A 61 -12.14 21.97 38.44
N SER A 62 -12.51 22.27 39.68
CA SER A 62 -11.65 22.87 40.72
C SER A 62 -11.62 21.90 41.91
N CYS A 63 -10.45 21.74 42.52
CA CYS A 63 -10.17 20.62 43.46
C CYS A 63 -10.76 20.93 44.85
N LYS A 64 -10.89 19.88 45.67
CA LYS A 64 -11.58 19.83 46.99
C LYS A 64 -11.08 20.94 47.91
N GLU A 65 -9.82 20.84 48.33
CA GLU A 65 -9.19 21.81 49.27
C GLU A 65 -8.72 23.01 48.44
N MET A 66 -9.65 23.84 47.98
CA MET A 66 -9.37 24.92 47.00
C MET A 66 -10.66 25.59 46.55
N SER A 67 -11.76 24.85 46.59
CA SER A 67 -13.11 25.30 46.17
C SER A 67 -14.12 25.00 47.28
N CYS A 68 -13.72 25.21 48.53
CA CYS A 68 -14.61 25.07 49.72
C CYS A 68 -14.75 26.42 50.41
N TYR A 69 -15.87 26.65 51.09
CA TYR A 69 -16.07 27.86 51.93
C TYR A 69 -14.90 27.93 52.92
N SER A 70 -14.31 29.13 53.08
CA SER A 70 -13.02 29.39 53.78
C SER A 70 -13.01 28.82 55.20
N ASP A 71 -14.17 28.68 55.83
CA ASP A 71 -14.30 28.25 57.24
C ASP A 71 -15.00 26.89 57.33
N PHE A 72 -15.16 26.20 56.19
CA PHE A 72 -15.91 24.93 56.09
C PHE A 72 -15.30 24.03 55.03
N PRO A 73 -14.29 23.21 55.39
CA PRO A 73 -13.64 22.33 54.44
C PRO A 73 -14.61 21.24 53.97
N PHE A 74 -14.30 20.60 52.85
CA PHE A 74 -15.01 19.37 52.42
C PHE A 74 -14.68 18.28 53.42
N PRO A 75 -15.55 17.26 53.62
CA PRO A 75 -15.16 16.08 54.40
C PRO A 75 -13.80 15.50 53.97
N GLU A 76 -13.16 14.75 54.85
CA GLU A 76 -11.85 14.08 54.57
C GLU A 76 -12.05 12.93 53.57
N ASP A 77 -13.25 12.33 53.54
CA ASP A 77 -13.58 11.14 52.73
C ASP A 77 -14.08 11.55 51.34
N TYR A 78 -14.16 12.86 51.06
CA TYR A 78 -14.61 13.40 49.74
C TYR A 78 -13.47 13.34 48.72
N PRO A 79 -13.76 12.89 47.48
CA PRO A 79 -12.73 12.74 46.47
C PRO A 79 -12.19 14.12 46.09
N ASN A 80 -10.94 14.17 45.65
CA ASN A 80 -10.21 15.44 45.40
C ASN A 80 -10.98 16.32 44.40
N TYR A 81 -11.72 15.72 43.46
CA TYR A 81 -12.67 16.44 42.58
C TYR A 81 -14.06 15.81 42.69
N VAL A 82 -14.99 16.57 43.27
CA VAL A 82 -16.29 16.04 43.78
C VAL A 82 -17.30 16.02 42.63
N PRO A 83 -18.03 14.91 42.47
CA PRO A 83 -19.22 14.88 41.62
C PRO A 83 -20.35 15.81 42.08
N ASN A 84 -21.20 16.23 41.14
CA ASN A 84 -22.39 17.10 41.39
C ASN A 84 -23.23 16.56 42.54
N SER A 85 -23.34 15.25 42.68
CA SER A 85 -24.10 14.59 43.79
C SER A 85 -23.53 15.06 45.13
N GLN A 86 -22.21 14.94 45.27
CA GLN A 86 -21.48 15.14 46.56
C GLN A 86 -21.34 16.64 46.84
N PHE A 87 -21.15 17.44 45.79
CA PHE A 87 -21.03 18.92 45.89
C PHE A 87 -22.30 19.45 46.55
N LEU A 88 -23.46 18.95 46.11
CA LEU A 88 -24.77 19.36 46.66
C LEU A 88 -24.82 19.04 48.16
N GLU A 89 -24.58 17.78 48.53
CA GLU A 89 -24.48 17.36 49.96
C GLU A 89 -23.62 18.39 50.70
N TYR A 90 -22.42 18.66 50.21
CA TYR A 90 -21.48 19.62 50.86
C TYR A 90 -22.20 20.94 51.09
N LEU A 91 -22.97 21.42 50.11
CA LEU A 91 -23.72 22.71 50.24
C LEU A 91 -24.82 22.52 51.28
N LYS A 92 -25.57 21.42 51.23
CA LYS A 92 -26.66 21.17 52.22
C LYS A 92 -26.07 21.06 53.63
N MET A 93 -24.78 20.73 53.73
CA MET A 93 -24.04 20.66 55.03
C MET A 93 -23.71 22.06 55.52
N TYR A 94 -23.16 22.89 54.65
CA TYR A 94 -22.88 24.33 54.91
C TYR A 94 -24.15 25.00 55.42
N ALA A 95 -25.27 24.76 54.73
CA ALA A 95 -26.60 25.34 55.03
C ALA A 95 -27.07 24.90 56.41
N ASN A 96 -27.02 23.58 56.66
CA ASN A 96 -27.38 22.99 57.97
C ASN A 96 -26.47 23.58 59.06
N ARG A 97 -25.15 23.49 58.89
CA ARG A 97 -24.13 23.88 59.92
C ARG A 97 -24.45 25.26 60.47
N PHE A 98 -24.44 26.27 59.60
CA PHE A 98 -24.53 27.70 59.97
C PHE A 98 -25.99 28.16 60.00
N ASN A 99 -26.93 27.20 59.98
CA ASN A 99 -28.35 27.42 60.38
C ASN A 99 -29.02 28.34 59.36
N LEU A 100 -28.73 28.13 58.07
CA LEU A 100 -29.12 29.04 56.96
C LEU A 100 -30.50 28.66 56.41
N LEU A 101 -30.89 27.39 56.59
CA LEU A 101 -32.15 26.83 56.02
C LEU A 101 -33.35 27.68 56.46
N LYS A 102 -33.36 28.08 57.74
CA LYS A 102 -34.35 29.01 58.35
C LYS A 102 -34.77 30.10 57.35
N HIS A 103 -33.80 30.80 56.80
CA HIS A 103 -33.97 32.14 56.19
C HIS A 103 -34.35 32.05 54.72
N ILE A 104 -34.52 30.85 54.18
CA ILE A 104 -34.81 30.66 52.73
C ILE A 104 -36.30 30.41 52.55
N GLN A 105 -36.94 31.14 51.63
CA GLN A 105 -38.31 30.85 51.12
C GLN A 105 -38.19 30.24 49.72
N PHE A 106 -38.55 28.96 49.59
CA PHE A 106 -38.47 28.19 48.32
C PHE A 106 -39.72 28.46 47.47
N LYS A 107 -39.62 28.17 46.17
CA LYS A 107 -40.74 28.35 45.20
C LYS A 107 -41.18 29.82 45.20
N THR A 108 -40.20 30.73 45.22
CA THR A 108 -40.40 32.20 45.39
C THR A 108 -39.56 32.94 44.35
N LYS A 109 -40.12 33.15 43.15
CA LYS A 109 -39.48 33.98 42.08
C LYS A 109 -39.41 35.41 42.58
N VAL A 110 -38.25 36.04 42.46
CA VAL A 110 -38.13 37.51 42.66
C VAL A 110 -38.52 38.16 41.33
N CYS A 111 -39.78 38.58 41.21
CA CYS A 111 -40.39 39.13 39.96
C CYS A 111 -39.80 40.52 39.66
N SER A 112 -39.48 41.31 40.69
CA SER A 112 -38.93 42.69 40.57
C SER A 112 -38.31 43.19 41.89
N VAL A 113 -37.15 43.85 41.76
CA VAL A 113 -36.50 44.68 42.82
C VAL A 113 -36.43 46.12 42.29
N THR A 114 -37.11 47.04 42.96
CA THR A 114 -37.18 48.48 42.60
C THR A 114 -36.79 49.36 43.80
N LYS A 115 -35.97 50.38 43.57
CA LYS A 115 -35.70 51.44 44.58
C LYS A 115 -37.03 51.85 45.19
N CYS A 116 -37.08 52.02 46.51
CA CYS A 116 -38.22 52.70 47.21
C CYS A 116 -38.30 54.14 46.69
N PRO A 117 -39.48 54.79 46.72
CA PRO A 117 -39.59 56.18 46.27
C PRO A 117 -38.66 57.11 47.05
N ASP A 118 -38.46 56.80 48.34
CA ASP A 118 -37.65 57.63 49.28
C ASP A 118 -36.17 57.28 49.18
N PHE A 119 -35.83 56.27 48.36
CA PHE A 119 -34.50 55.59 48.32
C PHE A 119 -33.34 56.54 48.65
N THR A 120 -33.29 57.67 47.97
CA THR A 120 -32.18 58.66 48.02
C THR A 120 -31.78 58.96 49.49
N VAL A 121 -32.69 58.76 50.45
CA VAL A 121 -32.44 59.01 51.90
C VAL A 121 -32.44 57.68 52.68
N THR A 122 -33.37 56.78 52.37
CA THR A 122 -33.61 55.52 53.15
C THR A 122 -32.66 54.42 52.66
N GLY A 123 -32.42 54.36 51.35
CA GLY A 123 -31.56 53.34 50.71
C GLY A 123 -32.23 51.98 50.65
N GLN A 124 -33.57 51.96 50.57
CA GLN A 124 -34.39 50.73 50.69
C GLN A 124 -34.86 50.24 49.31
N TRP A 125 -35.50 49.07 49.27
CA TRP A 125 -35.90 48.35 48.04
C TRP A 125 -37.26 47.66 48.21
N GLU A 126 -38.10 47.75 47.18
CA GLU A 126 -39.38 46.99 47.04
C GLU A 126 -39.09 45.69 46.28
N VAL A 127 -39.23 44.56 46.96
CA VAL A 127 -38.95 43.20 46.38
C VAL A 127 -40.30 42.50 46.18
N VAL A 128 -40.73 42.38 44.92
CA VAL A 128 -42.03 41.73 44.54
C VAL A 128 -41.72 40.26 44.24
N THR A 129 -42.38 39.34 44.95
CA THR A 129 -42.07 37.90 44.95
C THR A 129 -43.33 37.06 44.73
N GLN A 130 -43.36 36.28 43.64
CA GLN A 130 -44.46 35.33 43.32
C GLN A 130 -44.21 34.00 44.04
N HIS A 131 -45.25 33.46 44.70
CA HIS A 131 -45.25 32.16 45.43
C HIS A 131 -46.65 31.54 45.34
N GLU A 132 -46.76 30.32 44.80
CA GLU A 132 -48.07 29.67 44.50
C GLU A 132 -48.95 30.64 43.71
N GLY A 133 -48.37 31.36 42.74
CA GLY A 133 -49.04 32.31 41.82
C GLY A 133 -49.63 33.51 42.55
N LYS A 134 -49.05 33.91 43.68
CA LYS A 134 -49.54 35.04 44.54
C LYS A 134 -48.39 36.05 44.73
N GLN A 135 -48.43 37.17 44.00
CA GLN A 135 -47.45 38.30 44.14
C GLN A 135 -47.52 38.84 45.57
N GLU A 136 -46.40 39.31 46.12
CA GLU A 136 -46.35 39.89 47.49
C GLU A 136 -45.16 40.86 47.57
N SER A 137 -45.46 42.16 47.65
CA SER A 137 -44.42 43.21 47.85
C SER A 137 -43.93 43.15 49.30
N ALA A 138 -42.75 43.72 49.55
CA ALA A 138 -42.09 43.79 50.86
C ALA A 138 -40.87 44.70 50.76
N ILE A 139 -40.63 45.53 51.78
CA ILE A 139 -39.54 46.54 51.79
C ILE A 139 -38.32 45.93 52.49
N PHE A 140 -37.13 46.17 51.94
CA PHE A 140 -35.84 45.68 52.50
C PHE A 140 -34.83 46.83 52.53
N ASP A 141 -33.92 46.80 53.50
CA ASP A 141 -32.89 47.84 53.73
C ASP A 141 -31.77 47.70 52.67
N ALA A 142 -31.57 46.49 52.15
CA ALA A 142 -30.54 46.19 51.11
C ALA A 142 -30.81 44.83 50.47
N VAL A 143 -30.35 44.65 49.23
CA VAL A 143 -30.62 43.43 48.40
C VAL A 143 -29.30 42.88 47.86
N MET A 144 -29.05 41.59 48.11
CA MET A 144 -27.91 40.82 47.54
C MET A 144 -28.45 39.86 46.46
N VAL A 145 -28.03 40.05 45.20
CA VAL A 145 -28.50 39.21 44.06
C VAL A 145 -27.46 38.12 43.79
N CYS A 146 -27.91 36.87 43.82
CA CYS A 146 -27.08 35.64 43.68
C CYS A 146 -27.71 34.71 42.64
N THR A 147 -28.10 35.28 41.50
CA THR A 147 -28.70 34.55 40.33
C THR A 147 -27.57 33.84 39.59
N GLY A 148 -26.35 34.37 39.74
CA GLY A 148 -25.19 33.97 38.93
C GLY A 148 -25.48 34.13 37.45
N PHE A 149 -24.97 33.21 36.64
CA PHE A 149 -25.17 33.16 35.15
C PHE A 149 -25.26 31.68 34.76
N LEU A 150 -25.04 31.32 33.49
CA LEU A 150 -24.99 29.90 33.07
C LEU A 150 -26.39 29.24 33.14
N THR A 151 -27.45 30.04 33.15
CA THR A 151 -28.85 29.54 33.07
C THR A 151 -29.41 29.84 31.67
N ASP A 152 -29.27 31.09 31.22
CA ASP A 152 -29.68 31.58 29.88
C ASP A 152 -28.76 30.97 28.82
N PRO A 153 -29.22 29.99 27.99
CA PRO A 153 -28.38 29.41 26.94
C PRO A 153 -28.03 30.43 25.85
N TYR A 154 -26.89 30.23 25.17
CA TYR A 154 -26.45 31.03 24.01
C TYR A 154 -26.27 30.11 22.80
N LEU A 155 -26.98 30.42 21.70
CA LEU A 155 -27.16 29.50 20.55
C LEU A 155 -27.33 30.32 19.27
N PRO A 156 -26.25 30.95 18.74
CA PRO A 156 -26.34 31.84 17.59
C PRO A 156 -26.46 31.08 16.26
N LEU A 157 -27.72 30.78 15.89
CA LEU A 157 -28.08 29.88 14.75
C LEU A 157 -27.69 30.53 13.43
N ASP A 158 -27.73 31.86 13.37
CA ASP A 158 -27.13 32.66 12.26
C ASP A 158 -25.74 32.09 11.92
N SER A 159 -24.91 31.91 12.96
CA SER A 159 -23.47 31.55 12.84
C SER A 159 -23.27 30.14 12.25
N PHE A 160 -24.34 29.34 12.11
CA PHE A 160 -24.30 27.94 11.58
C PHE A 160 -25.25 27.81 10.39
N PRO A 161 -24.80 28.17 9.17
CA PRO A 161 -25.70 28.31 8.02
C PRO A 161 -26.37 26.98 7.65
N GLY A 162 -27.69 27.04 7.47
CA GLY A 162 -28.52 25.92 6.98
C GLY A 162 -28.75 24.87 8.06
N ILE A 163 -28.66 25.27 9.32
CA ILE A 163 -28.95 24.36 10.47
C ILE A 163 -30.46 24.09 10.48
N ASN A 164 -31.25 25.05 10.01
CA ASN A 164 -32.73 24.91 9.83
C ASN A 164 -33.03 23.66 9.00
N THR A 165 -32.21 23.42 7.97
CA THR A 165 -32.43 22.37 6.94
C THR A 165 -32.18 20.99 7.54
N PHE A 166 -31.41 20.92 8.64
CA PHE A 166 -30.97 19.66 9.31
C PHE A 166 -32.21 18.87 9.73
N LYS A 167 -32.23 17.56 9.41
CA LYS A 167 -33.41 16.68 9.63
C LYS A 167 -33.11 15.68 10.76
N GLY A 168 -31.87 15.63 11.25
CA GLY A 168 -31.53 15.00 12.54
C GLY A 168 -32.00 15.87 13.70
N GLN A 169 -31.69 15.50 14.95
CA GLN A 169 -32.03 16.32 16.14
C GLN A 169 -30.78 17.07 16.60
N TYR A 170 -30.98 18.26 17.18
CA TYR A 170 -29.90 19.12 17.74
C TYR A 170 -30.43 19.84 18.98
N PHE A 171 -29.52 20.32 19.82
CA PHE A 171 -29.89 21.05 21.07
C PHE A 171 -28.65 21.72 21.67
N HIS A 172 -28.90 22.59 22.65
CA HIS A 172 -27.87 23.28 23.46
C HIS A 172 -27.40 22.38 24.62
N SER A 173 -26.13 22.48 24.98
CA SER A 173 -25.51 21.71 26.10
C SER A 173 -26.50 21.66 27.27
N ARG A 174 -27.07 22.81 27.64
CA ARG A 174 -28.07 22.98 28.74
C ARG A 174 -29.04 21.79 28.79
N GLN A 175 -29.67 21.50 27.65
CA GLN A 175 -30.74 20.48 27.51
C GLN A 175 -30.18 19.06 27.68
N TYR A 176 -28.85 18.90 27.67
CA TYR A 176 -28.20 17.58 27.83
C TYR A 176 -28.28 17.08 29.27
N LYS A 177 -28.62 15.81 29.44
CA LYS A 177 -28.72 15.13 30.77
C LYS A 177 -27.97 13.80 30.73
N HIS A 178 -28.35 12.92 29.81
CA HIS A 178 -27.87 11.51 29.77
C HIS A 178 -27.33 11.15 28.39
N PRO A 179 -26.27 10.31 28.31
CA PRO A 179 -25.62 9.96 27.05
C PRO A 179 -26.27 8.82 26.25
N ASP A 180 -27.32 8.21 26.80
CA ASP A 180 -28.15 7.16 26.13
C ASP A 180 -28.51 7.63 24.72
N ILE A 181 -28.89 8.90 24.57
CA ILE A 181 -29.60 9.43 23.37
C ILE A 181 -28.72 9.28 22.13
N PHE A 182 -27.40 9.32 22.25
CA PHE A 182 -26.48 8.99 21.12
C PHE A 182 -25.92 7.58 21.31
N LYS A 183 -26.79 6.57 21.27
CA LYS A 183 -26.33 5.16 21.41
C LYS A 183 -25.35 4.88 20.28
N ASP A 184 -25.85 4.74 19.06
CA ASP A 184 -25.01 4.31 17.90
C ASP A 184 -24.97 5.45 16.88
N LYS A 185 -25.27 6.67 17.32
CA LYS A 185 -25.50 7.80 16.39
C LYS A 185 -24.15 8.38 15.96
N ARG A 186 -24.19 9.31 15.02
CA ARG A 186 -23.03 10.09 14.50
C ARG A 186 -23.14 11.50 15.07
N VAL A 187 -22.32 11.82 16.08
CA VAL A 187 -22.50 13.03 16.95
C VAL A 187 -21.49 14.12 16.59
N LEU A 188 -21.99 15.33 16.43
CA LEU A 188 -21.15 16.55 16.33
C LEU A 188 -21.39 17.43 17.56
N VAL A 189 -20.42 17.50 18.47
CA VAL A 189 -20.39 18.51 19.57
C VAL A 189 -19.76 19.79 19.01
N VAL A 190 -20.54 20.87 18.98
CA VAL A 190 -20.09 22.21 18.51
C VAL A 190 -19.59 22.98 19.72
N GLY A 191 -18.38 23.52 19.65
CA GLY A 191 -17.80 24.36 20.72
C GLY A 191 -17.06 23.51 21.73
N MET A 192 -15.76 23.76 21.86
CA MET A 192 -14.87 23.05 22.83
C MET A 192 -14.92 23.75 24.20
N GLY A 193 -16.11 24.16 24.63
CA GLY A 193 -16.41 24.52 26.02
C GLY A 193 -16.12 23.33 26.91
N ASN A 194 -15.75 23.55 28.17
CA ASN A 194 -15.54 22.47 29.18
C ASN A 194 -16.70 21.47 29.08
N SER A 195 -17.94 21.99 28.99
CA SER A 195 -19.20 21.24 28.76
C SER A 195 -19.12 20.45 27.45
N GLY A 196 -18.81 21.14 26.34
CA GLY A 196 -18.63 20.51 25.02
C GLY A 196 -17.71 19.31 25.10
N THR A 197 -16.43 19.54 25.35
CA THR A 197 -15.37 18.48 25.49
C THR A 197 -15.89 17.34 26.37
N ASP A 198 -16.41 17.64 27.56
CA ASP A 198 -16.96 16.62 28.51
C ASP A 198 -18.04 15.78 27.81
N ILE A 199 -18.96 16.40 27.08
CA ILE A 199 -20.10 15.68 26.43
C ILE A 199 -19.54 14.82 25.28
N ALA A 200 -18.81 15.44 24.38
CA ALA A 200 -18.14 14.76 23.24
C ALA A 200 -17.50 13.47 23.75
N VAL A 201 -16.54 13.61 24.67
CA VAL A 201 -15.86 12.47 25.34
C VAL A 201 -16.94 11.48 25.78
N GLU A 202 -17.95 11.94 26.50
CA GLU A 202 -19.00 11.06 27.07
C GLU A 202 -19.69 10.31 25.94
N ALA A 203 -20.09 11.02 24.88
CA ALA A 203 -20.78 10.46 23.69
C ALA A 203 -19.93 9.33 23.11
N SER A 204 -18.62 9.55 23.01
CA SER A 204 -17.64 8.60 22.43
C SER A 204 -17.80 7.22 23.06
N HIS A 205 -18.15 7.16 24.35
CA HIS A 205 -18.34 5.89 25.09
C HIS A 205 -19.27 4.97 24.29
N LEU A 206 -20.29 5.54 23.65
CA LEU A 206 -21.38 4.76 23.00
C LEU A 206 -21.44 5.05 21.49
N ALA A 207 -21.48 6.32 21.11
CA ALA A 207 -21.80 6.79 19.74
C ALA A 207 -20.87 6.13 18.72
N LYS A 208 -21.38 5.86 17.52
CA LYS A 208 -20.64 5.21 16.39
C LYS A 208 -19.44 6.09 16.00
N LYS A 209 -19.67 7.41 15.93
CA LYS A 209 -18.66 8.44 15.59
C LYS A 209 -18.96 9.72 16.38
N VAL A 210 -17.92 10.42 16.81
CA VAL A 210 -18.06 11.73 17.52
C VAL A 210 -17.05 12.72 16.94
N PHE A 211 -17.53 13.90 16.58
CA PHE A 211 -16.72 15.04 16.12
C PHE A 211 -16.89 16.20 17.08
N LEU A 212 -15.80 16.80 17.51
CA LEU A 212 -15.79 17.99 18.39
C LEU A 212 -15.34 19.19 17.56
N SER A 213 -16.28 20.01 17.09
CA SER A 213 -15.96 21.17 16.21
C SER A 213 -15.58 22.36 17.08
N THR A 214 -14.29 22.71 17.09
CA THR A 214 -13.76 23.95 17.73
C THR A 214 -13.93 25.12 16.75
N THR A 215 -13.40 26.29 17.08
CA THR A 215 -13.40 27.51 16.23
C THR A 215 -12.03 28.17 16.34
N GLY A 216 -11.60 28.48 17.55
CA GLY A 216 -10.24 28.99 17.84
C GLY A 216 -9.30 27.84 18.18
N GLY A 217 -9.84 26.71 18.61
CA GLY A 217 -9.08 25.68 19.34
C GLY A 217 -8.89 26.09 20.79
N ALA A 218 -8.22 25.27 21.59
CA ALA A 218 -8.05 25.49 23.05
C ALA A 218 -6.85 24.69 23.58
N TRP A 219 -6.26 25.17 24.68
CA TRP A 219 -5.30 24.39 25.49
C TRP A 219 -6.10 23.44 26.39
N VAL A 220 -5.57 22.25 26.64
CA VAL A 220 -6.27 21.15 27.38
C VAL A 220 -5.31 20.58 28.42
N MET A 221 -5.76 20.49 29.67
CA MET A 221 -4.95 19.94 30.79
C MET A 221 -5.82 19.00 31.62
N SER A 222 -5.16 18.07 32.32
CA SER A 222 -5.79 17.05 33.20
C SER A 222 -5.95 17.60 34.62
N ARG A 223 -6.95 17.10 35.35
CA ARG A 223 -7.08 17.24 36.81
C ARG A 223 -5.84 16.63 37.46
N VAL A 224 -5.38 15.50 36.90
CA VAL A 224 -4.23 14.70 37.40
C VAL A 224 -3.00 15.61 37.55
N PHE A 225 -2.64 16.33 36.48
CA PHE A 225 -1.52 17.33 36.44
C PHE A 225 -0.27 16.75 37.11
N ASP A 226 0.54 17.59 37.77
CA ASP A 226 1.92 17.25 38.18
C ASP A 226 1.90 16.27 39.35
N SER A 227 2.33 15.03 39.10
CA SER A 227 2.61 14.00 40.14
C SER A 227 1.31 13.53 40.81
N GLY A 228 0.18 13.65 40.11
CA GLY A 228 -1.17 13.31 40.63
C GLY A 228 -1.64 14.31 41.66
N TYR A 229 -1.19 15.55 41.53
CA TYR A 229 -1.64 16.68 42.37
C TYR A 229 -2.72 17.43 41.61
N PRO A 230 -3.87 17.73 42.25
CA PRO A 230 -4.87 18.60 41.65
C PRO A 230 -4.15 19.82 41.07
N TRP A 231 -4.39 20.08 39.78
CA TRP A 231 -3.68 21.15 39.02
C TRP A 231 -3.69 22.46 39.82
N ASP A 232 -4.85 22.84 40.36
CA ASP A 232 -5.06 24.14 41.04
C ASP A 232 -4.17 24.24 42.29
N MET A 233 -3.99 23.13 43.01
CA MET A 233 -3.15 23.07 44.24
C MET A 233 -1.67 23.26 43.87
N VAL A 234 -1.35 23.23 42.59
CA VAL A 234 0.03 23.46 42.06
C VAL A 234 0.09 24.85 41.41
N PHE A 235 -0.91 25.13 40.57
CA PHE A 235 -0.97 26.32 39.68
C PHE A 235 -1.38 27.55 40.49
N THR A 236 -2.54 27.49 41.15
CA THR A 236 -3.13 28.64 41.91
C THR A 236 -2.53 28.66 43.32
N THR A 237 -1.25 29.05 43.41
CA THR A 237 -0.47 29.26 44.66
C THR A 237 0.15 30.66 44.62
N ARG A 238 0.20 31.34 45.77
CA ARG A 238 0.67 32.76 45.87
C ARG A 238 1.98 32.95 45.09
N PHE A 239 2.98 32.10 45.33
CA PHE A 239 4.36 32.20 44.76
C PHE A 239 4.28 32.23 43.22
N GLN A 240 3.67 31.19 42.64
CA GLN A 240 3.49 31.09 41.17
C GLN A 240 2.78 32.36 40.68
N ASN A 241 1.63 32.68 41.29
CA ASN A 241 0.76 33.83 40.89
C ASN A 241 1.60 35.11 40.92
N MET A 242 2.55 35.19 41.84
CA MET A 242 3.56 36.29 41.91
C MET A 242 4.37 36.25 40.61
N LEU A 243 5.02 35.11 40.31
CA LEU A 243 5.91 34.94 39.14
C LEU A 243 5.18 35.40 37.88
N ARG A 244 4.07 34.73 37.54
CA ARG A 244 3.29 34.98 36.30
C ARG A 244 3.03 36.48 36.13
N ASN A 245 2.54 37.13 37.20
CA ASN A 245 1.98 38.51 37.16
C ASN A 245 3.13 39.52 37.07
N SER A 246 4.31 39.16 37.57
CA SER A 246 5.54 39.98 37.49
C SER A 246 6.46 39.37 36.42
N LEU A 247 6.00 39.34 35.16
CA LEU A 247 6.68 38.63 34.04
C LEU A 247 5.93 38.89 32.74
N PRO A 248 6.62 39.35 31.67
CA PRO A 248 5.95 39.86 30.46
C PRO A 248 5.05 38.83 29.75
N THR A 249 3.86 39.28 29.32
CA THR A 249 2.79 38.45 28.70
C THR A 249 3.41 37.53 27.65
N PRO A 250 4.10 38.05 26.62
CA PRO A 250 4.70 37.21 25.59
C PRO A 250 5.44 35.99 26.14
N ILE A 251 6.18 36.13 27.24
CA ILE A 251 6.92 34.97 27.84
C ILE A 251 5.87 34.01 28.43
N VAL A 252 5.22 34.40 29.52
CA VAL A 252 4.33 33.50 30.31
C VAL A 252 3.43 32.69 29.37
N THR A 253 2.87 33.34 28.34
CA THR A 253 1.96 32.68 27.35
C THR A 253 2.73 31.58 26.62
N TRP A 254 3.90 31.91 26.09
CA TRP A 254 4.84 30.92 25.47
C TRP A 254 5.20 29.87 26.51
N LEU A 255 5.45 30.31 27.74
CA LEU A 255 5.89 29.44 28.87
C LEU A 255 4.79 28.42 29.20
N MET A 256 3.53 28.81 29.02
CA MET A 256 2.34 27.96 29.30
C MET A 256 2.22 26.88 28.23
N ALA A 257 2.29 27.29 26.95
CA ALA A 257 2.26 26.39 25.77
C ALA A 257 3.20 25.21 26.01
N ARG A 258 4.45 25.47 26.44
CA ARG A 258 5.42 24.43 26.85
C ARG A 258 4.74 23.46 27.83
N LYS A 259 4.24 23.99 28.95
CA LYS A 259 3.71 23.19 30.09
C LYS A 259 2.38 22.53 29.70
N MET A 260 1.72 23.00 28.63
CA MET A 260 0.43 22.42 28.14
C MET A 260 0.73 21.29 27.14
N ASN A 261 1.75 21.49 26.29
CA ASN A 261 2.18 20.57 25.21
C ASN A 261 2.93 19.38 25.81
N SER A 262 3.61 19.59 26.93
CA SER A 262 4.40 18.57 27.66
C SER A 262 3.54 17.32 27.93
N TRP A 263 2.21 17.45 27.93
CA TRP A 263 1.26 16.30 28.03
C TRP A 263 1.14 15.61 26.67
N PHE A 264 0.79 16.39 25.65
CA PHE A 264 0.66 15.92 24.23
C PHE A 264 0.76 17.12 23.29
N ASN A 265 1.50 16.94 22.18
CA ASN A 265 1.65 17.97 21.12
C ASN A 265 0.26 18.38 20.60
N HIS A 266 -0.24 19.51 21.10
CA HIS A 266 -1.58 20.07 20.75
C HIS A 266 -1.69 20.27 19.23
N ALA A 267 -0.58 20.59 18.56
CA ALA A 267 -0.51 20.83 17.10
C ALA A 267 -0.92 19.56 16.34
N ASN A 268 -0.31 18.43 16.69
CA ASN A 268 -0.53 17.09 16.08
C ASN A 268 -2.00 16.65 16.26
N TYR A 269 -2.63 17.01 17.39
CA TYR A 269 -4.01 16.59 17.75
C TYR A 269 -5.04 17.54 17.14
N GLY A 270 -4.56 18.72 16.69
CA GLY A 270 -5.35 19.75 16.00
C GLY A 270 -6.14 20.59 16.98
N LEU A 271 -5.60 20.79 18.19
CA LEU A 271 -6.21 21.59 19.26
C LEU A 271 -5.62 23.00 19.25
N VAL A 272 -4.31 23.10 19.00
CA VAL A 272 -3.55 24.39 18.98
C VAL A 272 -4.49 25.53 18.63
N PRO A 273 -4.69 26.50 19.56
CA PRO A 273 -5.30 27.78 19.20
C PRO A 273 -4.49 28.51 18.12
N GLU A 274 -5.18 28.97 17.05
CA GLU A 274 -4.60 29.80 15.96
C GLU A 274 -3.96 31.07 16.55
N ASP A 275 -4.73 31.82 17.33
CA ASP A 275 -4.30 33.07 18.01
C ASP A 275 -3.73 32.70 19.38
N ARG A 276 -2.39 32.71 19.51
CA ARG A 276 -1.70 32.63 20.82
C ARG A 276 -1.93 33.95 21.56
N THR A 277 -1.05 34.34 22.49
CA THR A 277 -0.97 35.69 23.13
C THR A 277 -2.34 36.22 23.62
N GLN A 278 -3.42 35.42 23.49
CA GLN A 278 -4.81 35.76 23.91
C GLN A 278 -5.42 34.48 24.50
N LEU A 279 -4.81 33.96 25.55
CA LEU A 279 -5.12 32.64 26.17
C LEU A 279 -6.54 32.66 26.74
N ARG A 280 -7.47 31.99 26.05
CA ARG A 280 -8.86 31.75 26.52
C ARG A 280 -8.82 30.67 27.61
N GLU A 281 -9.88 30.57 28.43
CA GLU A 281 -9.93 29.61 29.57
C GLU A 281 -9.48 28.24 29.07
N PRO A 282 -8.45 27.62 29.70
CA PRO A 282 -8.02 26.28 29.30
C PRO A 282 -9.04 25.21 29.69
N VAL A 283 -9.28 24.27 28.76
CA VAL A 283 -10.23 23.13 28.94
C VAL A 283 -9.68 22.16 29.99
N LEU A 284 -10.56 21.59 30.81
CA LEU A 284 -10.19 20.61 31.87
C LEU A 284 -10.92 19.29 31.63
N ASN A 285 -10.21 18.38 30.97
CA ASN A 285 -10.68 17.02 30.62
C ASN A 285 -9.49 16.07 30.66
N ASP A 286 -9.65 14.93 31.33
CA ASP A 286 -8.56 13.93 31.52
C ASP A 286 -8.61 12.88 30.42
N GLU A 287 -9.73 12.78 29.71
CA GLU A 287 -10.00 11.66 28.76
C GLU A 287 -9.59 12.08 27.34
N LEU A 288 -9.97 13.28 26.92
CA LEU A 288 -9.96 13.74 25.50
C LEU A 288 -8.83 13.07 24.72
N PRO A 289 -7.53 13.32 25.05
CA PRO A 289 -6.43 12.82 24.22
C PRO A 289 -6.54 11.33 23.95
N GLY A 290 -6.76 10.55 25.02
CA GLY A 290 -7.09 9.11 24.93
C GLY A 290 -8.14 8.81 23.87
N CYS A 291 -9.14 9.68 23.73
CA CYS A 291 -10.19 9.57 22.69
C CYS A 291 -9.64 9.92 21.30
N ILE A 292 -8.83 10.96 21.20
CA ILE A 292 -8.32 11.49 19.90
C ILE A 292 -7.38 10.44 19.30
N ILE A 293 -6.49 9.88 20.12
CA ILE A 293 -5.44 8.92 19.66
C ILE A 293 -6.09 7.59 19.28
N THR A 294 -7.22 7.25 19.90
CA THR A 294 -8.03 6.04 19.60
C THR A 294 -9.18 6.34 18.64
N GLY A 295 -9.31 7.61 18.21
CA GLY A 295 -10.23 8.04 17.14
C GLY A 295 -11.69 7.89 17.51
N LYS A 296 -12.02 7.83 18.81
CA LYS A 296 -13.42 7.79 19.32
C LYS A 296 -14.01 9.21 19.31
N VAL A 297 -13.15 10.21 19.53
CA VAL A 297 -13.44 11.66 19.30
C VAL A 297 -12.40 12.18 18.32
N LEU A 298 -12.81 13.01 17.35
CA LEU A 298 -11.90 13.66 16.38
C LEU A 298 -12.24 15.15 16.28
N ILE A 299 -11.24 16.00 16.48
CA ILE A 299 -11.44 17.49 16.46
C ILE A 299 -11.64 17.92 15.00
N LYS A 300 -12.63 18.78 14.76
CA LYS A 300 -12.94 19.35 13.43
C LYS A 300 -12.90 20.87 13.51
N PRO A 301 -12.43 21.55 12.44
CA PRO A 301 -12.01 22.95 12.52
C PRO A 301 -13.11 23.96 12.83
N SER A 302 -14.31 23.76 12.27
CA SER A 302 -15.41 24.75 12.36
C SER A 302 -16.52 24.33 11.42
N ILE A 303 -17.79 24.65 11.73
CA ILE A 303 -18.91 24.36 10.78
C ILE A 303 -18.87 25.39 9.65
N LYS A 304 -18.79 24.91 8.40
CA LYS A 304 -18.86 25.75 7.17
C LYS A 304 -20.32 25.89 6.76
N GLU A 305 -21.01 24.76 6.63
CA GLU A 305 -22.50 24.70 6.56
C GLU A 305 -22.97 23.32 7.00
N VAL A 306 -24.26 23.21 7.32
CA VAL A 306 -24.92 21.93 7.74
C VAL A 306 -26.03 21.61 6.73
N LYS A 307 -26.03 20.36 6.24
CA LYS A 307 -26.90 19.84 5.16
C LYS A 307 -28.11 19.14 5.77
N GLU A 308 -28.97 18.56 4.94
CA GLU A 308 -30.19 17.81 5.37
C GLU A 308 -29.83 16.83 6.48
N ASN A 309 -28.80 16.01 6.29
CA ASN A 309 -28.40 14.92 7.23
C ASN A 309 -26.88 14.84 7.34
N SER A 310 -26.20 15.98 7.25
CA SER A 310 -24.71 16.03 7.15
C SER A 310 -24.19 17.44 7.45
N VAL A 311 -22.90 17.53 7.74
CA VAL A 311 -22.21 18.81 8.08
C VAL A 311 -20.96 18.91 7.23
N ILE A 312 -20.59 20.13 6.85
CA ILE A 312 -19.30 20.39 6.14
C ILE A 312 -18.50 21.40 6.97
N PHE A 313 -17.24 21.06 7.26
CA PHE A 313 -16.31 21.89 8.08
C PHE A 313 -15.38 22.67 7.15
N ASN A 314 -14.97 23.87 7.56
CA ASN A 314 -14.02 24.75 6.83
C ASN A 314 -12.69 23.99 6.66
N ASN A 315 -11.95 24.26 5.57
CA ASN A 315 -10.62 23.63 5.32
C ASN A 315 -10.71 22.11 5.45
N THR A 316 -11.92 21.55 5.26
CA THR A 316 -12.22 20.12 5.47
C THR A 316 -12.99 19.61 4.26
N PRO A 317 -12.31 18.88 3.34
CA PRO A 317 -12.95 18.42 2.11
C PRO A 317 -14.09 17.41 2.39
N LYS A 318 -13.87 16.50 3.35
CA LYS A 318 -14.85 15.41 3.67
C LYS A 318 -16.10 16.01 4.33
N GLU A 319 -17.23 15.86 3.64
CA GLU A 319 -18.61 16.00 4.17
C GLU A 319 -18.88 14.82 5.11
N GLU A 320 -19.35 15.09 6.33
CA GLU A 320 -19.49 14.07 7.40
C GLU A 320 -20.96 13.84 7.71
N PRO A 321 -21.46 12.60 7.61
CA PRO A 321 -22.85 12.30 7.95
C PRO A 321 -23.01 12.43 9.47
N ILE A 322 -24.03 13.17 9.90
CA ILE A 322 -24.28 13.48 11.34
C ILE A 322 -25.76 13.22 11.66
N ASP A 323 -26.03 12.65 12.84
CA ASP A 323 -27.40 12.36 13.34
C ASP A 323 -27.80 13.34 14.44
N ILE A 324 -26.86 13.70 15.32
CA ILE A 324 -27.09 14.59 16.50
C ILE A 324 -26.04 15.70 16.50
N ILE A 325 -26.49 16.94 16.64
CA ILE A 325 -25.59 18.12 16.84
C ILE A 325 -25.86 18.69 18.22
N VAL A 326 -24.83 18.75 19.07
CA VAL A 326 -24.88 19.34 20.44
C VAL A 326 -24.12 20.66 20.42
N PHE A 327 -24.81 21.76 20.72
CA PHE A 327 -24.21 23.12 20.75
C PHE A 327 -23.76 23.48 22.18
N ALA A 328 -22.49 23.21 22.50
CA ALA A 328 -21.83 23.59 23.77
C ALA A 328 -21.29 25.01 23.60
N THR A 329 -22.17 25.93 23.19
CA THR A 329 -21.85 27.29 22.69
C THR A 329 -21.93 28.32 23.83
N GLY A 330 -22.03 27.85 25.08
CA GLY A 330 -21.96 28.70 26.28
C GLY A 330 -23.31 29.32 26.64
N TYR A 331 -23.32 30.21 27.64
CA TYR A 331 -24.55 30.86 28.15
C TYR A 331 -24.39 32.38 28.16
N THR A 332 -25.52 33.09 28.04
CA THR A 332 -25.63 34.55 28.27
C THR A 332 -25.94 34.77 29.74
N PHE A 333 -26.37 35.98 30.12
CA PHE A 333 -26.92 36.29 31.48
C PHE A 333 -27.71 37.60 31.42
N ALA A 334 -28.69 37.72 32.33
CA ALA A 334 -29.60 38.87 32.44
C ALA A 334 -30.08 39.02 33.88
N PHE A 335 -30.73 40.15 34.17
CA PHE A 335 -31.40 40.42 35.47
C PHE A 335 -32.78 41.00 35.19
N PRO A 336 -33.81 40.13 34.99
CA PRO A 336 -35.17 40.58 34.71
C PRO A 336 -35.81 41.40 35.84
N PHE A 337 -35.37 41.19 37.08
CA PHE A 337 -35.95 41.81 38.30
C PHE A 337 -35.27 43.15 38.59
N LEU A 338 -34.06 43.36 38.09
CA LEU A 338 -33.39 44.69 38.12
C LEU A 338 -33.86 45.50 36.91
N ASP A 339 -33.86 46.83 37.04
CA ASP A 339 -34.11 47.79 35.93
C ASP A 339 -32.76 48.23 35.34
N GLU A 340 -32.73 48.68 34.08
CA GLU A 340 -31.49 49.13 33.39
C GLU A 340 -30.84 50.29 34.16
N SER A 341 -31.66 51.12 34.82
CA SER A 341 -31.21 52.25 35.67
C SER A 341 -30.19 51.79 36.72
N VAL A 342 -30.30 50.53 37.16
CA VAL A 342 -29.49 49.93 38.27
C VAL A 342 -28.31 49.15 37.68
N VAL A 343 -28.59 48.12 36.86
CA VAL A 343 -27.58 47.17 36.30
C VAL A 343 -27.75 47.11 34.77
N LYS A 344 -26.62 47.13 34.06
CA LYS A 344 -26.54 47.48 32.60
C LYS A 344 -26.73 46.21 31.73
N VAL A 345 -25.88 45.21 31.93
CA VAL A 345 -25.77 43.91 31.18
C VAL A 345 -25.32 44.15 29.73
N GLU A 346 -24.28 44.95 29.52
CA GLU A 346 -23.70 45.29 28.18
C GLU A 346 -22.39 44.53 27.95
N ASN A 347 -22.33 43.74 26.87
CA ASN A 347 -21.12 43.02 26.40
C ASN A 347 -20.65 42.07 27.51
N GLY A 348 -21.53 41.14 27.91
CA GLY A 348 -21.26 40.09 28.92
C GLY A 348 -20.66 40.66 30.19
N GLN A 349 -21.19 41.79 30.65
CA GLN A 349 -20.57 42.62 31.70
C GLN A 349 -21.62 43.61 32.20
N ALA A 350 -21.69 43.84 33.52
CA ALA A 350 -22.77 44.62 34.19
C ALA A 350 -22.28 46.01 34.61
N SER A 351 -20.98 46.25 34.51
CA SER A 351 -20.30 47.56 34.72
C SER A 351 -20.24 47.91 36.21
N LEU A 352 -20.14 46.89 37.07
CA LEU A 352 -20.15 47.03 38.54
C LEU A 352 -18.72 47.24 39.07
N TYR A 353 -18.56 48.12 40.06
CA TYR A 353 -17.31 48.28 40.87
C TYR A 353 -17.04 46.96 41.62
N LYS A 354 -15.86 46.37 41.38
CA LYS A 354 -15.45 45.06 41.95
C LYS A 354 -16.48 43.97 41.58
N TYR A 355 -17.14 44.11 40.43
CA TYR A 355 -18.14 43.16 39.86
C TYR A 355 -19.27 42.90 40.87
N ILE A 356 -19.57 43.89 41.74
CA ILE A 356 -20.60 43.77 42.81
C ILE A 356 -21.54 44.99 42.80
N PHE A 357 -21.03 46.17 43.17
CA PHE A 357 -21.84 47.40 43.45
C PHE A 357 -22.01 48.21 42.17
N PRO A 358 -23.23 48.72 41.89
CA PRO A 358 -23.52 49.42 40.64
C PRO A 358 -22.98 50.85 40.54
N ALA A 359 -22.33 51.36 41.59
CA ALA A 359 -21.28 52.41 41.50
C ALA A 359 -21.82 53.74 40.94
N HIS A 360 -23.10 54.03 41.20
CA HIS A 360 -23.71 55.37 40.93
C HIS A 360 -24.87 55.62 41.89
N LEU A 361 -25.62 54.55 42.23
CA LEU A 361 -26.58 54.53 43.37
C LEU A 361 -26.07 55.44 44.50
N PRO A 362 -26.88 56.43 44.93
CA PRO A 362 -26.54 57.25 46.09
C PRO A 362 -26.10 56.39 47.29
N LYS A 363 -26.95 55.44 47.67
CA LYS A 363 -26.73 54.51 48.81
C LYS A 363 -26.21 53.17 48.29
N PRO A 364 -25.09 52.64 48.83
CA PRO A 364 -24.57 51.35 48.41
C PRO A 364 -25.29 50.18 49.12
N THR A 365 -26.51 49.89 48.68
CA THR A 365 -27.38 48.87 49.35
C THR A 365 -27.85 47.81 48.36
N LEU A 366 -27.26 47.74 47.17
CA LEU A 366 -27.47 46.56 46.30
C LEU A 366 -26.13 45.96 45.90
N ALA A 367 -25.97 44.66 46.15
CA ALA A 367 -24.73 43.89 45.89
C ALA A 367 -25.05 42.76 44.91
N VAL A 368 -24.21 42.59 43.90
CA VAL A 368 -24.30 41.45 42.95
C VAL A 368 -23.18 40.46 43.29
N ILE A 369 -23.55 39.33 43.90
CA ILE A 369 -22.58 38.26 44.26
C ILE A 369 -22.56 37.21 43.14
N GLY A 370 -21.36 36.83 42.71
CA GLY A 370 -21.13 35.66 41.84
C GLY A 370 -21.31 36.01 40.37
N LEU A 371 -21.07 37.26 40.00
CA LEU A 371 -21.00 37.67 38.57
C LEU A 371 -19.54 38.03 38.25
N ILE A 372 -18.69 37.01 38.27
CA ILE A 372 -17.21 37.11 38.10
C ILE A 372 -16.68 35.80 37.53
N LYS A 373 -15.65 35.89 36.70
CA LYS A 373 -15.00 34.72 36.04
C LYS A 373 -13.54 34.73 36.51
N PRO A 374 -13.29 34.25 37.74
CA PRO A 374 -11.94 34.23 38.30
C PRO A 374 -11.08 33.04 37.84
N LEU A 375 -9.79 33.11 38.15
CA LEU A 375 -8.74 32.10 37.79
C LEU A 375 -8.68 31.06 38.91
N GLY A 376 -9.85 30.60 39.34
CA GLY A 376 -10.03 29.75 40.53
C GLY A 376 -11.50 29.56 40.82
N SER A 377 -11.83 29.03 42.00
CA SER A 377 -13.21 28.56 42.31
C SER A 377 -14.16 29.73 42.60
N ILE A 378 -15.41 29.61 42.14
CA ILE A 378 -16.53 30.56 42.42
C ILE A 378 -16.80 30.54 43.93
N ILE A 379 -16.84 29.34 44.52
CA ILE A 379 -17.24 29.09 45.94
C ILE A 379 -16.59 30.14 46.84
N PRO A 380 -15.24 30.16 46.98
CA PRO A 380 -14.58 31.08 47.90
C PRO A 380 -14.67 32.55 47.44
N THR A 381 -14.60 32.78 46.13
CA THR A 381 -14.72 34.13 45.52
C THR A 381 -16.06 34.75 45.94
N GLY A 382 -17.15 34.07 45.61
CA GLY A 382 -18.52 34.47 46.01
C GLY A 382 -18.63 34.78 47.49
N GLU A 383 -18.09 33.90 48.33
CA GLU A 383 -18.05 34.04 49.81
C GLU A 383 -17.27 35.30 50.18
N THR A 384 -16.01 35.36 49.75
CA THR A 384 -15.08 36.49 50.03
C THR A 384 -15.67 37.77 49.45
N GLN A 385 -16.35 37.67 48.29
CA GLN A 385 -17.21 38.76 47.75
C GLN A 385 -18.19 39.20 48.86
N ALA A 386 -19.01 38.26 49.34
CA ALA A 386 -20.13 38.51 50.28
C ALA A 386 -19.60 39.13 51.60
N ARG A 387 -18.43 38.70 52.06
CA ARG A 387 -17.85 39.24 53.31
C ARG A 387 -17.76 40.76 53.20
N TRP A 388 -17.02 41.24 52.20
CA TRP A 388 -16.78 42.69 51.93
C TRP A 388 -18.10 43.40 51.59
N ALA A 389 -19.06 42.66 51.02
CA ALA A 389 -20.38 43.19 50.64
C ALA A 389 -21.17 43.53 51.92
N VAL A 390 -21.58 42.53 52.69
CA VAL A 390 -22.50 42.73 53.85
C VAL A 390 -21.94 43.85 54.75
N ARG A 391 -20.61 44.01 54.79
CA ARG A 391 -19.96 45.01 55.69
C ARG A 391 -20.02 46.41 55.06
N VAL A 392 -20.31 46.50 53.76
CA VAL A 392 -20.64 47.80 53.09
C VAL A 392 -22.09 48.15 53.44
N LEU A 393 -22.99 47.18 53.26
CA LEU A 393 -24.44 47.28 53.57
C LEU A 393 -24.63 47.65 55.05
N LYS A 394 -23.81 47.07 55.93
CA LYS A 394 -23.79 47.36 57.39
C LYS A 394 -23.14 48.73 57.62
N GLY A 395 -22.31 49.19 56.67
CA GLY A 395 -21.66 50.51 56.72
C GLY A 395 -20.36 50.50 57.51
N ILE A 396 -19.90 49.31 57.89
CA ILE A 396 -18.62 49.10 58.66
C ILE A 396 -17.45 49.34 57.70
N ASN A 397 -17.62 48.97 56.43
CA ASN A 397 -16.70 49.36 55.32
C ASN A 397 -17.49 50.31 54.42
N LYS A 398 -16.79 51.05 53.57
CA LYS A 398 -17.41 52.12 52.74
C LYS A 398 -16.76 52.13 51.35
N LEU A 399 -17.57 52.37 50.31
CA LEU A 399 -17.11 52.49 48.90
C LEU A 399 -16.51 53.88 48.68
N PRO A 400 -15.47 54.04 47.83
CA PRO A 400 -14.98 55.37 47.48
C PRO A 400 -16.03 56.17 46.70
N PRO A 401 -15.77 57.47 46.40
CA PRO A 401 -16.73 58.29 45.69
C PRO A 401 -17.19 57.74 44.34
N GLN A 402 -18.43 58.06 43.93
CA GLN A 402 -19.03 57.63 42.63
C GLN A 402 -18.09 58.01 41.49
N SER A 403 -17.40 59.15 41.62
CA SER A 403 -16.42 59.73 40.67
C SER A 403 -15.25 58.77 40.47
N VAL A 404 -14.82 58.11 41.54
CA VAL A 404 -13.61 57.21 41.56
C VAL A 404 -14.00 55.83 41.02
N MET A 405 -15.17 55.33 41.41
CA MET A 405 -15.67 53.98 41.01
C MET A 405 -15.96 53.98 39.51
N ILE A 406 -16.74 54.95 39.03
CA ILE A 406 -17.23 55.03 37.62
C ILE A 406 -16.02 55.06 36.67
N GLU A 407 -14.96 55.80 37.03
CA GLU A 407 -13.75 55.99 36.16
C GLU A 407 -12.85 54.75 36.24
N GLU A 408 -12.74 54.13 37.42
CA GLU A 408 -11.94 52.89 37.65
C GLU A 408 -12.57 51.72 36.89
N VAL A 409 -13.91 51.65 36.93
CA VAL A 409 -14.71 50.60 36.22
C VAL A 409 -14.47 50.73 34.71
N ASN A 410 -14.41 51.96 34.20
CA ASN A 410 -14.26 52.24 32.74
C ASN A 410 -12.88 51.76 32.25
N ALA A 411 -11.90 51.68 33.14
CA ALA A 411 -10.52 51.18 32.85
C ALA A 411 -10.56 49.67 32.56
N ARG A 412 -11.28 48.92 33.41
CA ARG A 412 -11.44 47.45 33.27
C ARG A 412 -12.41 47.17 32.12
N LYS A 413 -13.33 48.08 31.84
CA LYS A 413 -14.40 47.93 30.82
C LYS A 413 -13.83 48.05 29.40
N GLU A 414 -12.70 48.75 29.24
CA GLU A 414 -12.02 48.91 27.92
C GLU A 414 -11.06 47.73 27.67
N ASN A 415 -10.96 46.80 28.63
CA ASN A 415 -10.26 45.48 28.49
C ASN A 415 -8.81 45.71 28.07
N LYS A 416 -8.16 46.72 28.64
CA LYS A 416 -6.81 47.19 28.21
C LYS A 416 -5.78 46.17 28.71
N PRO A 417 -5.08 45.45 27.80
CA PRO A 417 -4.22 44.33 28.18
C PRO A 417 -3.15 44.61 29.25
N SER A 418 -2.50 45.76 29.17
CA SER A 418 -1.45 46.23 30.13
C SER A 418 -0.30 45.23 30.23
N GLY A 419 -0.20 44.30 29.28
CA GLY A 419 0.89 43.31 29.18
C GLY A 419 1.28 42.71 30.53
N PHE A 420 2.56 42.37 30.68
CA PHE A 420 3.16 41.69 31.87
C PHE A 420 2.31 40.45 32.22
N GLY A 421 1.55 40.50 33.30
CA GLY A 421 0.82 39.34 33.86
C GLY A 421 -0.18 38.78 32.86
N LEU A 422 -0.12 37.46 32.63
CA LEU A 422 -1.13 36.68 31.87
C LEU A 422 -2.38 37.52 31.61
N CYS A 423 -2.39 38.30 30.53
CA CYS A 423 -3.47 39.28 30.19
C CYS A 423 -4.84 38.72 30.60
N TYR A 424 -5.60 39.47 31.41
CA TYR A 424 -6.93 39.02 31.91
C TYR A 424 -7.98 39.41 30.87
N CYS A 425 -8.45 38.36 30.19
CA CYS A 425 -9.23 38.31 28.91
C CYS A 425 -10.04 39.59 28.68
N LYS A 426 -11.36 39.52 28.92
CA LYS A 426 -12.35 40.53 28.46
C LYS A 426 -13.45 40.71 29.50
N ALA A 427 -14.45 39.82 29.51
CA ALA A 427 -15.69 39.97 30.31
C ALA A 427 -15.54 39.21 31.62
N LEU A 428 -15.58 39.94 32.73
CA LEU A 428 -15.55 39.37 34.11
C LEU A 428 -14.25 38.59 34.33
N GLN A 429 -13.30 38.72 33.41
CA GLN A 429 -11.83 38.58 33.64
C GLN A 429 -11.50 38.91 35.10
N SER A 430 -10.70 38.10 35.79
CA SER A 430 -10.04 38.51 37.07
C SER A 430 -9.15 37.41 37.64
N ASP A 431 -7.95 37.82 38.08
CA ASP A 431 -7.00 36.97 38.85
C ASP A 431 -7.66 36.60 40.18
N TYR A 432 -7.53 35.34 40.61
CA TYR A 432 -8.13 34.80 41.85
C TYR A 432 -7.47 35.46 43.06
N ILE A 433 -6.15 35.34 43.17
CA ILE A 433 -5.41 35.80 44.38
C ILE A 433 -5.60 37.32 44.53
N THR A 434 -5.35 38.07 43.46
CA THR A 434 -5.43 39.57 43.43
C THR A 434 -6.77 40.03 44.02
N TYR A 435 -7.85 39.73 43.31
CA TYR A 435 -9.24 40.14 43.65
C TYR A 435 -9.53 39.76 45.10
N ILE A 436 -9.09 38.58 45.54
CA ILE A 436 -9.32 38.11 46.94
C ILE A 436 -8.54 38.99 47.93
N ASP A 437 -7.26 39.25 47.63
CA ASP A 437 -6.35 40.05 48.51
C ASP A 437 -6.84 41.50 48.57
N GLU A 438 -7.34 42.04 47.45
CA GLU A 438 -7.94 43.39 47.36
C GLU A 438 -9.07 43.51 48.40
N LEU A 439 -9.90 42.46 48.49
CA LEU A 439 -11.14 42.42 49.32
C LEU A 439 -10.78 42.09 50.77
N LEU A 440 -9.86 41.15 50.98
CA LEU A 440 -9.34 40.79 52.33
C LEU A 440 -8.70 42.03 52.96
N THR A 441 -8.01 42.84 52.14
CA THR A 441 -7.43 44.15 52.55
C THR A 441 -8.60 45.03 53.05
N TYR A 442 -9.61 45.22 52.20
CA TYR A 442 -10.77 46.12 52.45
C TYR A 442 -11.46 45.79 53.78
N ILE A 443 -11.41 44.53 54.24
CA ILE A 443 -12.09 44.10 55.49
C ILE A 443 -11.06 43.76 56.58
N ASN A 444 -9.78 43.94 56.27
CA ASN A 444 -8.62 43.80 57.21
C ASN A 444 -8.49 42.34 57.67
N ALA A 445 -8.61 41.40 56.72
CA ALA A 445 -8.43 39.94 56.94
C ALA A 445 -7.16 39.47 56.22
N LYS A 446 -6.61 40.29 55.32
CA LYS A 446 -5.38 39.95 54.56
C LYS A 446 -4.23 39.74 55.54
N PRO A 447 -3.70 38.51 55.69
CA PRO A 447 -2.63 38.26 56.66
C PRO A 447 -1.32 38.90 56.21
N ASN A 448 -0.58 39.46 57.17
CA ASN A 448 0.75 40.10 56.94
C ASN A 448 1.80 38.98 56.82
N LEU A 449 2.15 38.62 55.59
CA LEU A 449 3.00 37.43 55.29
C LEU A 449 4.43 37.69 55.78
N LEU A 450 4.91 38.93 55.59
CA LEU A 450 6.27 39.37 56.02
C LEU A 450 6.37 39.14 57.54
N SER A 451 5.47 39.78 58.30
CA SER A 451 5.34 39.61 59.77
C SER A 451 5.24 38.11 60.10
N MET A 452 4.26 37.44 59.51
CA MET A 452 4.02 35.98 59.65
C MET A 452 5.38 35.25 59.75
N LEU A 453 6.28 35.52 58.81
CA LEU A 453 7.58 34.80 58.63
C LEU A 453 8.39 34.83 59.93
N LEU A 454 8.34 35.95 60.65
CA LEU A 454 9.08 36.17 61.93
C LEU A 454 8.35 35.47 63.08
N THR A 455 7.06 35.75 63.25
CA THR A 455 6.18 35.17 64.31
C THR A 455 6.05 33.65 64.10
N ASP A 456 5.43 33.21 62.99
CA ASP A 456 5.20 31.77 62.64
C ASP A 456 5.72 31.49 61.23
N PRO A 457 6.92 30.90 61.09
CA PRO A 457 7.58 30.76 59.79
C PRO A 457 7.05 29.59 58.95
N ARG A 458 6.69 28.49 59.63
CA ARG A 458 6.09 27.28 59.03
C ARG A 458 4.88 27.73 58.20
N LEU A 459 3.84 28.21 58.90
CA LEU A 459 2.54 28.66 58.30
C LEU A 459 2.81 29.68 57.20
N ALA A 460 3.67 30.67 57.48
CA ALA A 460 4.04 31.77 56.57
C ALA A 460 4.38 31.21 55.18
N LEU A 461 5.22 30.18 55.12
CA LEU A 461 5.74 29.62 53.84
C LEU A 461 4.66 28.76 53.17
N THR A 462 3.91 27.99 53.96
CA THR A 462 2.82 27.08 53.50
C THR A 462 1.71 27.91 52.85
N ILE A 463 1.67 29.22 53.17
CA ILE A 463 0.67 30.20 52.65
C ILE A 463 1.19 30.82 51.35
N PHE A 464 2.51 31.03 51.24
CA PHE A 464 3.12 31.70 50.06
C PHE A 464 3.45 30.69 48.96
N PHE A 465 4.12 29.59 49.32
CA PHE A 465 4.63 28.58 48.36
C PHE A 465 3.58 27.47 48.16
N GLY A 466 2.89 27.09 49.25
CA GLY A 466 1.81 26.08 49.25
C GLY A 466 0.53 26.60 48.60
N PRO A 467 -0.44 25.72 48.28
CA PRO A 467 -1.61 26.10 47.51
C PRO A 467 -2.43 27.15 48.27
N CYS A 468 -2.78 28.24 47.58
CA CYS A 468 -3.56 29.38 48.14
C CYS A 468 -4.99 28.91 48.49
N THR A 469 -5.09 28.06 49.51
CA THR A 469 -6.37 27.47 49.99
C THR A 469 -7.20 28.51 50.72
N PRO A 470 -8.54 28.48 50.54
CA PRO A 470 -9.41 29.53 51.07
C PRO A 470 -9.35 29.69 52.60
N TYR A 471 -8.89 28.66 53.32
CA TYR A 471 -8.68 28.67 54.81
C TYR A 471 -7.87 29.90 55.22
N GLN A 472 -6.86 30.25 54.42
CA GLN A 472 -5.88 31.33 54.72
C GLN A 472 -6.50 32.72 54.51
N PHE A 473 -7.81 32.79 54.27
CA PHE A 473 -8.59 34.05 54.24
C PHE A 473 -9.09 34.36 55.66
N ARG A 474 -9.61 33.33 56.35
CA ARG A 474 -10.17 33.42 57.73
C ARG A 474 -9.07 33.11 58.76
N LEU A 475 -7.87 33.64 58.54
CA LEU A 475 -6.70 33.38 59.40
C LEU A 475 -6.55 34.51 60.40
N THR A 476 -6.76 35.75 59.93
CA THR A 476 -6.83 36.99 60.75
C THR A 476 -8.01 37.87 60.27
N GLY A 477 -8.32 38.93 61.01
CA GLY A 477 -9.39 39.90 60.68
C GLY A 477 -10.77 39.44 61.15
N PRO A 478 -11.84 40.19 60.79
CA PRO A 478 -13.20 39.80 61.16
C PRO A 478 -13.59 38.46 60.51
N GLY A 479 -14.27 37.60 61.28
CA GLY A 479 -14.68 36.26 60.84
C GLY A 479 -13.58 35.22 61.05
N LYS A 480 -12.41 35.65 61.51
CA LYS A 480 -11.28 34.77 61.89
C LYS A 480 -11.81 33.40 62.38
N TRP A 481 -11.33 32.31 61.79
CA TRP A 481 -11.66 30.91 62.18
C TRP A 481 -10.44 30.32 62.90
N GLU A 482 -10.68 29.56 63.97
CA GLU A 482 -9.61 28.98 64.82
C GLU A 482 -8.92 27.86 64.03
N GLY A 483 -9.69 26.84 63.62
CA GLY A 483 -9.21 25.62 62.93
C GLY A 483 -8.40 25.92 61.68
N ALA A 484 -8.54 27.13 61.14
CA ALA A 484 -7.88 27.63 59.90
C ALA A 484 -6.42 27.15 59.82
N ARG A 485 -5.59 27.54 60.79
CA ARG A 485 -4.14 27.23 60.82
C ARG A 485 -3.95 25.73 60.63
N ASN A 486 -4.61 24.94 61.50
CA ASN A 486 -4.55 23.46 61.53
C ASN A 486 -4.99 22.90 60.17
N ALA A 487 -6.05 23.47 59.60
CA ALA A 487 -6.60 23.09 58.27
C ALA A 487 -5.56 23.30 57.17
N ILE A 488 -4.90 24.47 57.16
CA ILE A 488 -3.90 24.86 56.12
C ILE A 488 -2.71 23.88 56.14
N LEU A 489 -2.31 23.42 57.33
CA LEU A 489 -1.11 22.57 57.50
C LEU A 489 -1.45 21.11 57.24
N THR A 490 -2.70 20.71 57.46
CA THR A 490 -3.18 19.32 57.16
C THR A 490 -3.63 19.23 55.68
N GLN A 491 -3.64 20.35 54.95
CA GLN A 491 -4.05 20.47 53.52
C GLN A 491 -3.88 19.14 52.76
N TRP A 492 -2.62 18.68 52.65
CA TRP A 492 -2.22 17.58 51.75
C TRP A 492 -2.62 16.23 52.34
N ASP A 493 -2.59 16.11 53.67
CA ASP A 493 -2.95 14.87 54.41
C ASP A 493 -4.33 14.37 53.95
N ARG A 494 -5.30 15.29 53.82
CA ARG A 494 -6.70 15.01 53.36
C ARG A 494 -6.69 14.78 51.85
N THR A 495 -5.86 15.53 51.12
CA THR A 495 -5.75 15.44 49.64
C THR A 495 -5.25 14.05 49.24
N PHE A 496 -4.55 13.33 50.12
CA PHE A 496 -3.91 12.02 49.81
C PHE A 496 -4.65 10.84 50.46
N LYS A 497 -5.38 11.06 51.56
CA LYS A 497 -6.14 9.99 52.26
C LYS A 497 -7.11 9.27 51.29
N VAL A 498 -7.69 10.02 50.35
CA VAL A 498 -8.82 9.55 49.46
C VAL A 498 -8.27 8.85 48.21
N THR A 499 -7.09 9.25 47.74
CA THR A 499 -6.40 8.62 46.57
C THR A 499 -5.63 7.38 47.07
N LYS A 500 -5.04 7.47 48.26
CA LYS A 500 -4.17 6.42 48.87
C LYS A 500 -5.04 5.39 49.58
N THR A 501 -5.96 4.75 48.86
CA THR A 501 -6.86 3.69 49.40
C THR A 501 -6.10 2.37 49.55
N ARG A 502 -4.80 2.39 49.22
CA ARG A 502 -3.90 1.22 49.36
C ARG A 502 -2.52 1.68 49.82
N ILE A 503 -2.16 1.26 51.03
CA ILE A 503 -0.82 1.50 51.68
C ILE A 503 0.24 0.64 50.96
N VAL A 504 1.51 0.84 51.30
CA VAL A 504 2.67 0.08 50.72
C VAL A 504 3.56 -0.40 51.89
N GLN A 505 4.89 -0.34 51.78
CA GLN A 505 5.85 -0.81 52.82
C GLN A 505 6.54 0.41 53.45
N ALA A 512 4.61 18.68 54.35
CA ALA A 512 3.54 18.98 53.38
C ALA A 512 3.95 18.46 51.98
N SER A 513 3.69 19.25 50.94
CA SER A 513 4.28 19.13 49.57
C SER A 513 4.43 20.56 49.02
N LEU A 514 5.10 21.41 49.79
CA LEU A 514 5.08 22.91 49.73
C LEU A 514 4.92 23.38 48.27
N LEU A 515 6.02 23.60 47.54
CA LEU A 515 6.01 24.05 46.12
C LEU A 515 5.98 22.83 45.19
N LYS A 516 6.02 23.02 43.87
CA LYS A 516 6.01 21.88 42.89
C LYS A 516 6.52 22.35 41.51
N LEU A 517 6.33 21.51 40.48
CA LEU A 517 6.99 21.60 39.15
C LEU A 517 6.04 22.23 38.10
N LEU A 518 5.38 23.35 38.42
CA LEU A 518 4.65 24.19 37.43
C LEU A 518 5.70 24.94 36.61
N SER A 519 6.41 25.89 37.24
CA SER A 519 7.62 26.57 36.70
C SER A 519 8.77 25.54 36.65
N LEU A 520 8.65 24.56 35.73
CA LEU A 520 9.55 23.37 35.61
C LEU A 520 10.73 23.70 34.69
N PRO A 521 10.52 24.18 33.44
CA PRO A 521 11.62 24.79 32.67
C PRO A 521 11.74 26.31 32.82
N VAL A 522 11.53 26.84 34.03
CA VAL A 522 11.49 28.30 34.34
C VAL A 522 12.52 28.62 35.43
N LEU A 523 12.36 28.04 36.62
CA LEU A 523 13.24 28.26 37.81
C LEU A 523 14.67 27.82 37.47
N LEU A 524 14.80 26.79 36.64
CA LEU A 524 16.09 26.28 36.11
C LEU A 524 16.64 27.27 35.06
N LEU A 525 15.79 27.67 34.10
CA LEU A 525 16.15 28.52 32.92
C LEU A 525 16.51 29.95 33.37
N ALA A 526 15.79 30.50 34.36
CA ALA A 526 15.93 31.90 34.84
C ALA A 526 16.67 31.94 36.19
N LEU A 527 17.74 31.16 36.35
CA LEU A 527 18.70 31.22 37.49
C LEU A 527 20.03 31.81 36.98
N LEU A 528 20.63 32.69 37.79
CA LEU A 528 21.73 33.66 37.44
C LEU A 528 22.71 33.06 36.41
N LEU A 529 23.21 33.92 35.51
CA LEU A 529 24.42 33.67 34.67
C LEU A 529 25.57 34.51 35.25
N MET A 530 26.07 34.11 36.44
CA MET A 530 27.06 34.84 37.27
C MET A 530 28.33 35.09 36.45
N CYS A 531 28.45 36.31 35.88
CA CYS A 531 29.62 36.79 35.08
C CYS A 531 30.78 37.14 36.03
N ALA B 2 41.45 -36.21 -61.74
CA ALA B 2 41.57 -37.60 -61.20
C ALA B 2 41.90 -37.60 -59.70
N LYS B 3 42.02 -36.42 -59.07
CA LYS B 3 42.50 -36.26 -57.66
C LYS B 3 41.45 -36.77 -56.66
N ARG B 4 41.85 -37.68 -55.77
CA ARG B 4 41.02 -38.25 -54.66
C ARG B 4 41.03 -37.30 -53.46
N VAL B 5 39.86 -36.74 -53.10
CA VAL B 5 39.72 -35.74 -51.99
C VAL B 5 38.94 -36.37 -50.83
N ALA B 6 39.53 -36.32 -49.62
CA ALA B 6 38.88 -36.73 -48.35
C ALA B 6 38.16 -35.53 -47.73
N ILE B 7 36.85 -35.66 -47.51
CA ILE B 7 35.99 -34.61 -46.88
C ILE B 7 35.64 -35.08 -45.45
N VAL B 8 36.03 -34.29 -44.43
CA VAL B 8 35.75 -34.60 -43.00
C VAL B 8 34.47 -33.88 -42.57
N GLY B 9 33.38 -34.63 -42.39
CA GLY B 9 32.07 -34.11 -41.95
C GLY B 9 31.15 -33.83 -43.13
N ALA B 10 29.85 -34.10 -42.94
CA ALA B 10 28.79 -33.91 -43.96
C ALA B 10 27.83 -32.80 -43.50
N GLY B 11 28.38 -31.78 -42.84
CA GLY B 11 27.63 -30.55 -42.51
C GLY B 11 27.38 -29.71 -43.75
N VAL B 12 26.80 -28.53 -43.58
CA VAL B 12 26.65 -27.50 -44.65
C VAL B 12 27.95 -27.44 -45.46
N SER B 13 29.06 -27.21 -44.77
CA SER B 13 30.44 -27.09 -45.33
C SER B 13 30.83 -28.38 -46.07
N GLY B 14 30.60 -29.55 -45.44
CA GLY B 14 30.88 -30.87 -46.03
C GLY B 14 30.22 -31.04 -47.39
N LEU B 15 28.89 -30.89 -47.43
CA LEU B 15 28.04 -31.09 -48.63
C LEU B 15 28.53 -30.20 -49.78
N ALA B 16 28.82 -28.93 -49.48
CA ALA B 16 29.36 -27.94 -50.44
C ALA B 16 30.66 -28.47 -51.07
N SER B 17 31.55 -29.02 -50.24
CA SER B 17 32.86 -29.60 -50.65
C SER B 17 32.62 -30.78 -51.61
N ILE B 18 31.75 -31.73 -51.22
CA ILE B 18 31.38 -32.90 -52.07
C ILE B 18 30.92 -32.37 -53.44
N LYS B 19 29.92 -31.48 -53.43
CA LYS B 19 29.31 -30.87 -54.65
C LYS B 19 30.40 -30.18 -55.50
N CYS B 20 31.16 -29.29 -54.88
CA CYS B 20 32.26 -28.50 -55.53
C CYS B 20 33.31 -29.43 -56.13
N CYS B 21 33.59 -30.57 -55.46
CA CYS B 21 34.50 -31.65 -55.92
C CYS B 21 33.95 -32.29 -57.20
N LEU B 22 32.78 -32.94 -57.11
CA LEU B 22 32.03 -33.49 -58.27
C LEU B 22 32.03 -32.52 -59.45
N GLU B 23 31.72 -31.25 -59.17
CA GLU B 23 31.55 -30.17 -60.17
C GLU B 23 32.86 -29.92 -60.95
N GLU B 24 33.99 -29.84 -60.24
CA GLU B 24 35.35 -29.64 -60.84
C GLU B 24 35.99 -31.02 -61.16
N GLY B 25 35.17 -32.08 -61.18
CA GLY B 25 35.56 -33.44 -61.61
C GLY B 25 36.71 -34.00 -60.80
N LEU B 26 36.60 -33.97 -59.46
CA LEU B 26 37.50 -34.70 -58.52
C LEU B 26 36.71 -35.90 -57.95
N GLU B 27 37.35 -36.69 -57.08
CA GLU B 27 36.73 -37.90 -56.49
C GLU B 27 36.63 -37.71 -54.98
N PRO B 28 35.50 -37.14 -54.48
CA PRO B 28 35.32 -36.91 -53.06
C PRO B 28 34.85 -38.17 -52.31
N THR B 29 35.52 -38.47 -51.20
CA THR B 29 35.09 -39.47 -50.18
C THR B 29 34.90 -38.73 -48.84
N CYS B 30 33.65 -38.62 -48.40
CA CYS B 30 33.22 -37.80 -47.24
C CYS B 30 32.95 -38.70 -46.03
N PHE B 31 33.69 -38.47 -44.94
CA PHE B 31 33.57 -39.20 -43.65
C PHE B 31 32.75 -38.36 -42.66
N GLU B 32 31.51 -38.81 -42.41
CA GLU B 32 30.61 -38.25 -41.37
C GLU B 32 30.67 -39.20 -40.15
N ARG B 33 30.72 -38.64 -38.94
CA ARG B 33 30.87 -39.42 -37.68
C ARG B 33 29.50 -39.83 -37.12
N SER B 34 28.46 -39.05 -37.42
CA SER B 34 27.05 -39.34 -37.05
C SER B 34 26.38 -40.16 -38.17
N ASP B 35 25.08 -40.44 -38.04
CA ASP B 35 24.35 -41.42 -38.89
C ASP B 35 23.55 -40.72 -40.00
N ASP B 36 23.67 -39.39 -40.11
CA ASP B 36 23.02 -38.61 -41.20
C ASP B 36 23.71 -37.24 -41.32
N LEU B 37 23.58 -36.61 -42.50
CA LEU B 37 24.22 -35.32 -42.86
C LEU B 37 23.62 -34.18 -42.01
N GLY B 38 24.02 -32.93 -42.33
CA GLY B 38 23.47 -31.69 -41.74
C GLY B 38 24.31 -31.17 -40.58
N GLY B 39 24.84 -32.10 -39.78
CA GLY B 39 25.48 -31.83 -38.48
C GLY B 39 24.57 -31.02 -37.58
N LEU B 40 24.78 -29.70 -37.53
CA LEU B 40 24.03 -28.77 -36.62
C LEU B 40 22.55 -28.85 -36.93
N TRP B 41 22.19 -28.58 -38.19
CA TRP B 41 20.80 -28.34 -38.65
C TRP B 41 19.93 -29.58 -38.45
N ARG B 42 20.53 -30.76 -38.34
CA ARG B 42 19.78 -31.99 -37.95
C ARG B 42 19.56 -31.94 -36.44
N PHE B 43 18.34 -31.58 -36.03
CA PHE B 43 17.92 -31.65 -34.61
C PHE B 43 17.72 -33.12 -34.22
N THR B 44 18.49 -33.60 -33.24
CA THR B 44 18.22 -34.86 -32.51
C THR B 44 17.74 -34.52 -31.10
N GLU B 45 17.11 -35.49 -30.45
CA GLU B 45 16.68 -35.36 -29.03
C GLU B 45 17.93 -35.39 -28.16
N HIS B 46 18.81 -36.37 -28.40
CA HIS B 46 20.08 -36.60 -27.65
C HIS B 46 21.16 -35.63 -28.14
N VAL B 47 22.07 -35.23 -27.23
CA VAL B 47 23.34 -34.53 -27.56
C VAL B 47 24.32 -35.60 -28.05
N GLU B 48 24.68 -35.56 -29.34
CA GLU B 48 25.78 -36.40 -29.90
C GLU B 48 27.09 -35.66 -29.67
N GLU B 49 28.12 -36.34 -29.16
CA GLU B 49 29.46 -35.73 -28.93
C GLU B 49 30.17 -35.61 -30.29
N GLY B 50 31.02 -34.58 -30.43
CA GLY B 50 31.76 -34.26 -31.67
C GLY B 50 30.91 -33.56 -32.71
N ARG B 51 29.62 -33.34 -32.41
CA ARG B 51 28.60 -32.84 -33.38
C ARG B 51 27.75 -31.76 -32.72
N ALA B 52 27.72 -30.56 -33.31
CA ALA B 52 27.05 -29.36 -32.75
C ALA B 52 25.61 -29.69 -32.37
N SER B 53 25.12 -29.12 -31.26
CA SER B 53 23.79 -29.44 -30.69
C SER B 53 22.85 -28.24 -30.82
N LEU B 54 21.56 -28.53 -30.89
CA LEU B 54 20.49 -27.57 -31.25
C LEU B 54 19.31 -27.75 -30.30
N TYR B 55 18.66 -26.64 -29.91
CA TYR B 55 17.36 -26.64 -29.19
C TYR B 55 16.25 -26.69 -30.25
N LYS B 56 15.10 -27.27 -29.89
CA LYS B 56 13.98 -27.64 -30.80
C LYS B 56 13.44 -26.43 -31.56
N SER B 57 13.48 -25.24 -30.95
CA SER B 57 12.76 -24.03 -31.43
C SER B 57 13.56 -23.24 -32.48
N VAL B 58 14.84 -23.57 -32.67
CA VAL B 58 15.77 -22.73 -33.50
C VAL B 58 15.15 -22.50 -34.88
N VAL B 59 15.22 -21.25 -35.35
CA VAL B 59 14.96 -20.86 -36.77
C VAL B 59 16.12 -20.00 -37.24
N SER B 60 16.41 -20.05 -38.54
CA SER B 60 17.51 -19.29 -39.20
C SER B 60 17.48 -17.84 -38.72
N ASN B 61 18.66 -17.28 -38.44
CA ASN B 61 18.84 -15.85 -38.07
C ASN B 61 19.41 -15.11 -39.29
N SER B 62 19.59 -15.84 -40.39
CA SER B 62 19.85 -15.28 -41.75
C SER B 62 18.72 -15.72 -42.67
N CYS B 63 18.27 -14.84 -43.56
CA CYS B 63 16.97 -15.00 -44.29
C CYS B 63 17.15 -15.99 -45.45
N LYS B 64 16.01 -16.44 -45.98
CA LYS B 64 15.88 -17.51 -47.00
C LYS B 64 16.74 -17.19 -48.22
N GLU B 65 16.36 -16.15 -48.98
CA GLU B 65 17.07 -15.75 -50.22
C GLU B 65 18.27 -14.89 -49.82
N MET B 66 19.33 -15.54 -49.30
CA MET B 66 20.50 -14.85 -48.67
C MET B 66 21.43 -15.86 -47.98
N SER B 67 20.88 -17.01 -47.58
CA SER B 67 21.59 -18.10 -46.87
C SER B 67 21.32 -19.44 -47.56
N CYS B 68 21.24 -19.44 -48.89
CA CYS B 68 21.06 -20.65 -49.74
C CYS B 68 22.31 -20.86 -50.59
N TYR B 69 22.61 -22.11 -50.95
CA TYR B 69 23.69 -22.44 -51.93
C TYR B 69 23.41 -21.65 -53.21
N SER B 70 24.45 -21.01 -53.76
CA SER B 70 24.39 -19.97 -54.84
C SER B 70 23.58 -20.47 -56.06
N ASP B 71 23.58 -21.78 -56.31
CA ASP B 71 22.96 -22.40 -57.51
C ASP B 71 21.72 -23.22 -57.13
N PHE B 72 21.29 -23.12 -55.87
CA PHE B 72 20.17 -23.93 -55.29
C PHE B 72 19.38 -23.07 -54.31
N PRO B 73 18.34 -22.35 -54.79
CA PRO B 73 17.52 -21.53 -53.91
C PRO B 73 16.69 -22.43 -52.98
N PHE B 74 16.19 -21.87 -51.88
CA PHE B 74 15.16 -22.52 -51.03
C PHE B 74 13.89 -22.62 -51.86
N PRO B 75 13.01 -23.61 -51.59
CA PRO B 75 11.68 -23.63 -52.20
C PRO B 75 10.97 -22.26 -52.09
N GLU B 76 9.97 -22.02 -52.94
CA GLU B 76 9.16 -20.77 -52.91
C GLU B 76 8.26 -20.74 -51.66
N ASP B 77 7.85 -21.92 -51.19
CA ASP B 77 6.85 -22.12 -50.09
C ASP B 77 7.55 -22.09 -48.72
N TYR B 78 8.87 -21.98 -48.68
CA TYR B 78 9.66 -21.93 -47.42
C TYR B 78 9.54 -20.55 -46.78
N PRO B 79 9.37 -20.47 -45.44
CA PRO B 79 9.23 -19.18 -44.77
C PRO B 79 10.55 -18.41 -44.82
N ASN B 80 10.47 -17.08 -44.80
CA ASN B 80 11.63 -16.18 -45.05
C ASN B 80 12.77 -16.48 -44.07
N TYR B 81 12.46 -16.95 -42.86
CA TYR B 81 13.46 -17.50 -41.89
C TYR B 81 13.05 -18.92 -41.53
N VAL B 82 13.86 -19.90 -41.93
CA VAL B 82 13.46 -21.34 -41.92
C VAL B 82 13.78 -21.94 -40.55
N PRO B 83 12.84 -22.73 -39.97
CA PRO B 83 13.14 -23.58 -38.82
C PRO B 83 14.17 -24.67 -39.09
N ASN B 84 14.86 -25.13 -38.04
CA ASN B 84 15.88 -26.21 -38.08
C ASN B 84 15.33 -27.43 -38.82
N SER B 85 14.04 -27.74 -38.63
CA SER B 85 13.33 -28.85 -39.32
C SER B 85 13.46 -28.69 -40.84
N GLN B 86 13.10 -27.51 -41.34
CA GLN B 86 12.98 -27.21 -42.80
C GLN B 86 14.38 -26.96 -43.40
N PHE B 87 15.30 -26.38 -42.62
CA PHE B 87 16.71 -26.16 -43.03
C PHE B 87 17.34 -27.51 -43.40
N LEU B 88 17.11 -28.53 -42.57
CA LEU B 88 17.65 -29.90 -42.78
C LEU B 88 17.10 -30.47 -44.10
N GLU B 89 15.78 -30.46 -44.29
CA GLU B 89 15.13 -30.87 -45.56
C GLU B 89 15.85 -30.20 -46.74
N TYR B 90 16.04 -28.88 -46.69
CA TYR B 90 16.71 -28.10 -47.76
C TYR B 90 18.10 -28.68 -48.02
N LEU B 91 18.85 -29.06 -46.98
CA LEU B 91 20.19 -29.68 -47.12
C LEU B 91 20.06 -31.08 -47.73
N LYS B 92 19.11 -31.89 -47.25
CA LYS B 92 18.86 -33.26 -47.79
C LYS B 92 18.41 -33.16 -49.27
N MET B 93 17.86 -32.00 -49.68
CA MET B 93 17.46 -31.72 -51.09
C MET B 93 18.70 -31.40 -51.93
N TYR B 94 19.57 -30.52 -51.44
CA TYR B 94 20.90 -30.19 -52.04
C TYR B 94 21.70 -31.47 -52.28
N ALA B 95 21.73 -32.34 -51.27
CA ALA B 95 22.46 -33.64 -51.27
C ALA B 95 21.88 -34.57 -52.35
N ASN B 96 20.56 -34.74 -52.36
CA ASN B 96 19.82 -35.54 -53.36
C ASN B 96 20.07 -34.97 -54.76
N ARG B 97 19.78 -33.67 -54.96
CA ARG B 97 19.84 -32.98 -56.28
C ARG B 97 21.15 -33.32 -56.99
N PHE B 98 22.27 -32.93 -56.37
CA PHE B 98 23.63 -32.97 -56.96
C PHE B 98 24.32 -34.32 -56.63
N ASN B 99 23.54 -35.31 -56.17
CA ASN B 99 23.93 -36.74 -56.18
C ASN B 99 25.07 -36.97 -55.20
N LEU B 100 25.05 -36.27 -54.07
CA LEU B 100 26.18 -36.19 -53.09
C LEU B 100 26.11 -37.37 -52.10
N LEU B 101 24.91 -37.93 -51.90
CA LEU B 101 24.64 -39.00 -50.91
C LEU B 101 25.60 -40.18 -51.13
N LYS B 102 25.79 -40.55 -52.40
CA LYS B 102 26.76 -41.59 -52.87
C LYS B 102 28.04 -41.57 -52.03
N HIS B 103 28.69 -40.40 -51.95
CA HIS B 103 30.12 -40.23 -51.59
C HIS B 103 30.34 -40.13 -50.08
N ILE B 104 29.28 -40.23 -49.28
CA ILE B 104 29.34 -40.06 -47.79
C ILE B 104 29.37 -41.44 -47.14
N GLN B 105 30.32 -41.66 -46.23
CA GLN B 105 30.35 -42.83 -45.30
C GLN B 105 29.96 -42.35 -43.90
N PHE B 106 28.78 -42.77 -43.43
CA PHE B 106 28.21 -42.39 -42.11
C PHE B 106 28.79 -43.28 -41.02
N LYS B 107 28.72 -42.80 -39.76
CA LYS B 107 29.23 -43.51 -38.56
C LYS B 107 30.73 -43.76 -38.70
N THR B 108 31.45 -42.76 -39.21
CA THR B 108 32.87 -42.86 -39.61
C THR B 108 33.65 -41.68 -39.04
N LYS B 109 34.10 -41.79 -37.78
CA LYS B 109 34.99 -40.78 -37.13
C LYS B 109 36.31 -40.71 -37.90
N VAL B 110 36.76 -39.51 -38.26
CA VAL B 110 38.14 -39.28 -38.76
C VAL B 110 39.05 -39.17 -37.54
N CYS B 111 39.68 -40.28 -37.15
CA CYS B 111 40.51 -40.40 -35.91
C CYS B 111 41.82 -39.62 -36.06
N SER B 112 42.38 -39.56 -37.28
CA SER B 112 43.65 -38.84 -37.58
C SER B 112 43.84 -38.60 -39.08
N VAL B 113 44.30 -37.40 -39.43
CA VAL B 113 44.82 -37.01 -40.79
C VAL B 113 46.29 -36.61 -40.61
N THR B 114 47.20 -37.38 -41.22
CA THR B 114 48.67 -37.19 -41.14
C THR B 114 49.26 -37.12 -42.56
N LYS B 115 50.18 -36.18 -42.80
CA LYS B 115 51.01 -36.14 -44.03
C LYS B 115 51.55 -37.55 -44.31
N CYS B 116 51.49 -37.99 -45.57
CA CYS B 116 52.22 -39.20 -46.03
C CYS B 116 53.72 -38.97 -45.80
N PRO B 117 54.53 -40.03 -45.61
CA PRO B 117 55.98 -39.85 -45.44
C PRO B 117 56.62 -39.12 -46.63
N ASP B 118 56.09 -39.34 -47.83
CA ASP B 118 56.61 -38.80 -49.11
C ASP B 118 56.03 -37.40 -49.39
N PHE B 119 55.13 -36.93 -48.51
CA PHE B 119 54.26 -35.73 -48.71
C PHE B 119 54.95 -34.66 -49.56
N THR B 120 56.16 -34.26 -49.14
CA THR B 120 56.93 -33.13 -49.70
C THR B 120 56.93 -33.17 -51.25
N VAL B 121 56.76 -34.35 -51.85
CA VAL B 121 56.73 -34.56 -53.34
C VAL B 121 55.30 -34.94 -53.80
N THR B 122 54.62 -35.82 -53.07
CA THR B 122 53.31 -36.42 -53.47
C THR B 122 52.15 -35.49 -53.08
N GLY B 123 52.25 -34.84 -51.92
CA GLY B 123 51.21 -33.93 -51.37
C GLY B 123 50.00 -34.70 -50.87
N GLN B 124 50.21 -35.93 -50.36
CA GLN B 124 49.13 -36.88 -50.00
C GLN B 124 48.97 -36.97 -48.47
N TRP B 125 47.92 -37.67 -48.03
CA TRP B 125 47.49 -37.73 -46.60
C TRP B 125 47.04 -39.14 -46.23
N GLU B 126 47.41 -39.59 -45.02
CA GLU B 126 46.90 -40.84 -44.38
C GLU B 126 45.70 -40.48 -43.49
N VAL B 127 44.50 -40.93 -43.87
CA VAL B 127 43.22 -40.64 -43.15
C VAL B 127 42.79 -41.91 -42.42
N VAL B 128 42.96 -41.95 -41.10
CA VAL B 128 42.59 -43.10 -40.23
C VAL B 128 41.15 -42.87 -39.74
N THR B 129 40.25 -43.82 -40.03
CA THR B 129 38.77 -43.68 -39.84
C THR B 129 38.21 -44.90 -39.10
N GLN B 130 37.61 -44.67 -37.92
CA GLN B 130 36.92 -45.72 -37.12
C GLN B 130 35.47 -45.85 -37.59
N HIS B 131 35.02 -47.08 -37.83
CA HIS B 131 33.64 -47.45 -38.24
C HIS B 131 33.28 -48.81 -37.63
N GLU B 132 32.20 -48.88 -36.83
CA GLU B 132 31.81 -50.07 -36.02
C GLU B 132 33.02 -50.56 -35.21
N GLY B 133 33.78 -49.61 -34.64
CA GLY B 133 34.97 -49.88 -33.77
C GLY B 133 36.12 -50.56 -34.51
N LYS B 134 36.25 -50.30 -35.82
CA LYS B 134 37.28 -50.89 -36.72
C LYS B 134 38.04 -49.76 -37.42
N GLN B 135 39.26 -49.46 -36.96
CA GLN B 135 40.18 -48.47 -37.61
C GLN B 135 40.50 -48.95 -39.03
N GLU B 136 40.68 -48.01 -39.96
CA GLU B 136 41.02 -48.31 -41.38
C GLU B 136 41.75 -47.11 -41.98
N SER B 137 43.06 -47.25 -42.22
CA SER B 137 43.89 -46.24 -42.92
C SER B 137 43.53 -46.24 -44.41
N ALA B 138 43.85 -45.15 -45.10
CA ALA B 138 43.60 -44.94 -46.55
C ALA B 138 44.32 -43.66 -46.98
N ILE B 139 44.92 -43.68 -48.17
CA ILE B 139 45.74 -42.54 -48.70
C ILE B 139 44.84 -41.68 -49.60
N PHE B 140 44.95 -40.36 -49.47
CA PHE B 140 44.17 -39.36 -50.27
C PHE B 140 45.11 -38.27 -50.79
N ASP B 141 44.80 -37.75 -51.98
CA ASP B 141 45.62 -36.73 -52.69
C ASP B 141 45.48 -35.37 -51.99
N ALA B 142 44.34 -35.13 -51.34
CA ALA B 142 44.02 -33.87 -50.61
C ALA B 142 42.86 -34.08 -49.63
N VAL B 143 42.80 -33.27 -48.58
CA VAL B 143 41.78 -33.38 -47.48
C VAL B 143 41.12 -32.02 -47.26
N MET B 144 39.78 -31.99 -47.31
CA MET B 144 38.93 -30.82 -46.96
C MET B 144 38.24 -31.09 -45.61
N VAL B 145 38.57 -30.30 -44.58
CA VAL B 145 38.00 -30.49 -43.21
C VAL B 145 36.81 -29.52 -43.04
N CYS B 146 35.66 -30.09 -42.68
CA CYS B 146 34.35 -29.39 -42.56
C CYS B 146 33.71 -29.77 -41.21
N THR B 147 34.50 -29.72 -40.15
CA THR B 147 34.09 -30.00 -38.75
C THR B 147 33.35 -28.75 -38.22
N GLY B 148 33.64 -27.59 -38.82
CA GLY B 148 33.17 -26.27 -38.35
C GLY B 148 33.62 -26.04 -36.92
N PHE B 149 32.75 -25.43 -36.11
CA PHE B 149 32.95 -25.17 -34.66
C PHE B 149 31.58 -25.32 -33.98
N LEU B 150 31.39 -24.72 -32.80
CA LEU B 150 30.06 -24.68 -32.10
C LEU B 150 29.65 -26.08 -31.63
N THR B 151 30.60 -27.00 -31.47
CA THR B 151 30.37 -28.36 -30.91
C THR B 151 30.96 -28.41 -29.49
N ASP B 152 32.23 -28.00 -29.36
CA ASP B 152 32.98 -27.93 -28.07
C ASP B 152 32.39 -26.79 -27.22
N PRO B 153 31.68 -27.07 -26.10
CA PRO B 153 31.13 -26.00 -25.26
C PRO B 153 32.24 -25.22 -24.53
N TYR B 154 31.96 -23.97 -24.22
CA TYR B 154 32.86 -23.08 -23.42
C TYR B 154 32.11 -22.64 -22.15
N LEU B 155 32.69 -22.94 -20.99
CA LEU B 155 32.01 -22.83 -19.66
C LEU B 155 33.04 -22.50 -18.58
N PRO B 156 33.56 -21.24 -18.54
CA PRO B 156 34.61 -20.86 -17.60
C PRO B 156 34.09 -20.65 -16.18
N LEU B 157 34.04 -21.74 -15.41
CA LEU B 157 33.41 -21.81 -14.06
C LEU B 157 34.19 -20.95 -13.06
N ASP B 158 35.51 -20.82 -13.26
CA ASP B 158 36.36 -19.82 -12.56
C ASP B 158 35.65 -18.47 -12.54
N SER B 159 35.16 -18.02 -13.70
CA SER B 159 34.59 -16.67 -13.94
C SER B 159 33.29 -16.44 -13.17
N PHE B 160 32.71 -17.50 -12.57
CA PHE B 160 31.43 -17.45 -11.80
C PHE B 160 31.66 -17.98 -10.39
N PRO B 161 32.11 -17.12 -9.45
CA PRO B 161 32.56 -17.60 -8.14
C PRO B 161 31.44 -18.25 -7.30
N GLY B 162 31.74 -19.43 -6.77
CA GLY B 162 30.85 -20.19 -5.85
C GLY B 162 29.70 -20.85 -6.58
N ILE B 163 29.87 -21.12 -7.88
CA ILE B 163 28.86 -21.85 -8.70
C ILE B 163 28.82 -23.32 -8.23
N ASN B 164 29.97 -23.82 -7.74
CA ASN B 164 30.11 -25.16 -7.12
C ASN B 164 29.07 -25.32 -5.98
N THR B 165 28.86 -24.26 -5.20
CA THR B 165 28.04 -24.24 -3.96
C THR B 165 26.54 -24.33 -4.33
N PHE B 166 26.18 -23.96 -5.56
CA PHE B 166 24.78 -23.90 -6.07
C PHE B 166 24.14 -25.29 -5.97
N LYS B 167 22.93 -25.34 -5.39
CA LYS B 167 22.20 -26.61 -5.08
C LYS B 167 20.99 -26.80 -6.02
N GLY B 168 20.69 -25.79 -6.84
CA GLY B 168 19.83 -25.96 -8.02
C GLY B 168 20.57 -26.67 -9.14
N GLN B 169 19.97 -26.82 -10.31
CA GLN B 169 20.64 -27.43 -11.50
C GLN B 169 21.08 -26.33 -12.45
N TYR B 170 22.20 -26.56 -13.16
CA TYR B 170 22.76 -25.63 -14.18
C TYR B 170 23.36 -26.47 -15.33
N PHE B 171 23.54 -25.82 -16.48
CA PHE B 171 24.12 -26.48 -17.69
C PHE B 171 24.49 -25.43 -18.74
N HIS B 172 25.21 -25.89 -19.77
CA HIS B 172 25.61 -25.07 -20.96
C HIS B 172 24.48 -25.11 -22.00
N SER B 173 24.30 -24.01 -22.73
CA SER B 173 23.28 -23.85 -23.81
C SER B 173 23.21 -25.15 -24.63
N ARG B 174 24.37 -25.68 -25.04
CA ARG B 174 24.52 -26.96 -25.81
C ARG B 174 23.51 -27.99 -25.32
N GLN B 175 23.51 -28.27 -24.01
CA GLN B 175 22.71 -29.36 -23.36
C GLN B 175 21.21 -29.04 -23.41
N TYR B 176 20.84 -27.81 -23.75
CA TYR B 176 19.41 -27.37 -23.80
C TYR B 176 18.73 -27.99 -25.04
N LYS B 177 17.50 -28.47 -24.83
CA LYS B 177 16.65 -29.04 -25.90
C LYS B 177 15.24 -28.44 -25.80
N HIS B 178 14.57 -28.66 -24.66
CA HIS B 178 13.13 -28.33 -24.50
C HIS B 178 12.90 -27.42 -23.30
N PRO B 179 11.93 -26.48 -23.39
CA PRO B 179 11.68 -25.51 -22.33
C PRO B 179 10.80 -26.00 -21.16
N ASP B 180 10.29 -27.24 -21.25
CA ASP B 180 9.51 -27.90 -20.18
C ASP B 180 10.25 -27.74 -18.84
N ILE B 181 11.57 -27.92 -18.84
CA ILE B 181 12.40 -28.15 -17.62
C ILE B 181 12.30 -26.95 -16.67
N PHE B 182 12.10 -25.73 -17.19
CA PHE B 182 11.80 -24.53 -16.34
C PHE B 182 10.31 -24.21 -16.43
N LYS B 183 9.46 -25.11 -15.91
CA LYS B 183 8.00 -24.90 -15.90
C LYS B 183 7.72 -23.64 -15.08
N ASP B 184 7.87 -23.72 -13.74
CA ASP B 184 7.51 -22.62 -12.81
C ASP B 184 8.77 -22.13 -12.10
N LYS B 185 9.94 -22.45 -12.65
CA LYS B 185 11.23 -22.24 -11.96
C LYS B 185 11.65 -20.78 -12.06
N ARG B 186 12.72 -20.42 -11.35
CA ARG B 186 13.37 -19.09 -11.35
C ARG B 186 14.68 -19.21 -12.15
N VAL B 187 14.69 -18.71 -13.39
CA VAL B 187 15.74 -19.04 -14.40
C VAL B 187 16.69 -17.85 -14.58
N LEU B 188 17.99 -18.14 -14.52
CA LEU B 188 19.07 -17.19 -14.91
C LEU B 188 19.77 -17.72 -16.18
N VAL B 189 19.54 -17.06 -17.30
CA VAL B 189 20.34 -17.28 -18.54
C VAL B 189 21.57 -16.39 -18.47
N VAL B 190 22.75 -16.99 -18.42
CA VAL B 190 24.07 -16.29 -18.38
C VAL B 190 24.57 -16.13 -19.82
N GLY B 191 24.91 -14.90 -20.20
CA GLY B 191 25.46 -14.59 -21.52
C GLY B 191 24.35 -14.30 -22.53
N MET B 192 24.38 -13.09 -23.10
CA MET B 192 23.39 -12.62 -24.11
C MET B 192 23.85 -13.04 -25.52
N GLY B 193 24.38 -14.26 -25.63
CA GLY B 193 24.56 -14.92 -26.94
C GLY B 193 23.21 -15.09 -27.61
N ASN B 194 23.16 -15.10 -28.95
CA ASN B 194 21.92 -15.35 -29.73
C ASN B 194 21.17 -16.53 -29.10
N SER B 195 21.90 -17.59 -28.75
CA SER B 195 21.39 -18.80 -28.04
C SER B 195 20.80 -18.38 -26.68
N GLY B 196 21.58 -17.66 -25.88
CA GLY B 196 21.15 -17.15 -24.56
C GLY B 196 19.81 -16.44 -24.64
N THR B 197 19.78 -15.29 -25.32
CA THR B 197 18.57 -14.45 -25.57
C THR B 197 17.38 -15.32 -26.00
N ASP B 198 17.57 -16.16 -27.03
CA ASP B 198 16.51 -17.08 -27.55
C ASP B 198 15.97 -17.97 -26.43
N ILE B 199 16.84 -18.54 -25.59
CA ILE B 199 16.46 -19.48 -24.49
C ILE B 199 15.74 -18.68 -23.40
N ALA B 200 16.36 -17.63 -22.88
CA ALA B 200 15.78 -16.72 -21.87
C ALA B 200 14.33 -16.39 -22.28
N VAL B 201 14.16 -15.80 -23.46
CA VAL B 201 12.83 -15.49 -24.06
C VAL B 201 11.95 -16.74 -23.98
N GLU B 202 12.45 -17.88 -24.46
CA GLU B 202 11.67 -19.14 -24.50
C GLU B 202 11.22 -19.50 -23.07
N ALA B 203 12.16 -19.52 -22.13
CA ALA B 203 11.91 -19.83 -20.70
C ALA B 203 10.76 -18.96 -20.17
N SER B 204 10.78 -17.67 -20.51
CA SER B 204 9.80 -16.66 -20.06
C SER B 204 8.36 -17.12 -20.33
N HIS B 205 8.17 -17.88 -21.41
CA HIS B 205 6.84 -18.46 -21.80
C HIS B 205 6.22 -19.18 -20.60
N LEU B 206 7.04 -19.88 -19.81
CA LEU B 206 6.57 -20.79 -18.73
C LEU B 206 7.09 -20.34 -17.36
N ALA B 207 8.41 -20.13 -17.24
CA ALA B 207 9.13 -19.93 -15.96
C ALA B 207 8.49 -18.80 -15.14
N LYS B 208 8.49 -18.94 -13.81
CA LYS B 208 7.93 -17.95 -12.85
C LYS B 208 8.66 -16.60 -12.99
N LYS B 209 9.98 -16.66 -13.12
CA LYS B 209 10.87 -15.47 -13.31
C LYS B 209 12.02 -15.86 -14.23
N VAL B 210 12.46 -14.94 -15.09
CA VAL B 210 13.65 -15.15 -15.97
C VAL B 210 14.54 -13.91 -15.90
N PHE B 211 15.85 -14.13 -15.66
CA PHE B 211 16.91 -13.10 -15.69
C PHE B 211 17.93 -13.48 -16.77
N LEU B 212 18.27 -12.50 -17.61
CA LEU B 212 19.29 -12.64 -18.68
C LEU B 212 20.50 -11.81 -18.28
N SER B 213 21.54 -12.45 -17.73
CA SER B 213 22.76 -11.78 -17.22
C SER B 213 23.76 -11.57 -18.36
N THR B 214 23.86 -10.33 -18.83
CA THR B 214 24.87 -9.91 -19.84
C THR B 214 26.19 -9.64 -19.09
N THR B 215 27.20 -9.10 -19.80
CA THR B 215 28.52 -8.71 -19.23
C THR B 215 28.96 -7.38 -19.86
N GLY B 216 28.98 -7.32 -21.20
CA GLY B 216 29.22 -6.08 -21.97
C GLY B 216 27.91 -5.42 -22.39
N GLY B 217 26.81 -6.18 -22.38
CA GLY B 217 25.57 -5.81 -23.07
C GLY B 217 25.72 -6.04 -24.56
N ALA B 218 24.67 -5.74 -25.34
CA ALA B 218 24.62 -6.02 -26.79
C ALA B 218 23.57 -5.14 -27.48
N TRP B 219 23.76 -4.89 -28.78
CA TRP B 219 22.72 -4.34 -29.68
C TRP B 219 21.80 -5.48 -30.12
N VAL B 220 20.50 -5.20 -30.23
CA VAL B 220 19.43 -6.19 -30.51
C VAL B 220 18.58 -5.67 -31.65
N MET B 221 18.34 -6.50 -32.67
CA MET B 221 17.50 -6.15 -33.85
C MET B 221 16.60 -7.32 -34.22
N SER B 222 15.46 -7.01 -34.84
CA SER B 222 14.42 -7.98 -35.27
C SER B 222 14.77 -8.52 -36.65
N ARG B 223 14.34 -9.76 -36.94
CA ARG B 223 14.26 -10.31 -38.32
C ARG B 223 13.35 -9.42 -39.16
N VAL B 224 12.28 -8.94 -38.54
CA VAL B 224 11.21 -8.09 -39.19
C VAL B 224 11.89 -6.88 -39.85
N PHE B 225 12.69 -6.13 -39.10
CA PHE B 225 13.48 -4.96 -39.59
C PHE B 225 12.61 -4.03 -40.45
N ASP B 226 13.19 -3.39 -41.47
CA ASP B 226 12.58 -2.24 -42.20
C ASP B 226 11.45 -2.75 -43.11
N SER B 227 10.21 -2.40 -42.76
CA SER B 227 8.99 -2.57 -43.60
C SER B 227 8.67 -4.07 -43.78
N GLY B 228 9.05 -4.90 -42.80
CA GLY B 228 8.84 -6.36 -42.83
C GLY B 228 9.71 -7.03 -43.89
N TYR B 229 10.89 -6.45 -44.13
CA TYR B 229 11.95 -7.01 -44.99
C TYR B 229 12.97 -7.70 -44.12
N PRO B 230 13.35 -8.97 -44.43
CA PRO B 230 14.44 -9.63 -43.73
C PRO B 230 15.62 -8.65 -43.63
N TRP B 231 16.12 -8.42 -42.42
CA TRP B 231 17.16 -7.40 -42.11
C TRP B 231 18.33 -7.52 -43.11
N ASP B 232 18.79 -8.75 -43.37
CA ASP B 232 19.99 -9.02 -44.22
C ASP B 232 19.73 -8.59 -45.67
N MET B 233 18.49 -8.72 -46.16
CA MET B 233 18.11 -8.32 -47.55
C MET B 233 18.07 -6.78 -47.68
N VAL B 234 18.24 -6.09 -46.56
CA VAL B 234 18.32 -4.59 -46.52
C VAL B 234 19.76 -4.18 -46.18
N PHE B 235 20.34 -4.83 -45.17
CA PHE B 235 21.64 -4.49 -44.55
C PHE B 235 22.80 -4.99 -45.42
N THR B 236 22.85 -6.30 -45.69
CA THR B 236 23.94 -6.97 -46.47
C THR B 236 23.62 -6.86 -47.96
N THR B 237 23.77 -5.64 -48.50
CA THR B 237 23.66 -5.28 -49.95
C THR B 237 24.93 -4.54 -50.37
N ARG B 238 25.41 -4.77 -51.60
CA ARG B 238 26.69 -4.21 -52.12
C ARG B 238 26.80 -2.72 -51.83
N PHE B 239 25.76 -1.93 -52.17
CA PHE B 239 25.73 -0.45 -52.05
C PHE B 239 25.99 -0.03 -50.60
N GLN B 240 25.18 -0.54 -49.66
CA GLN B 240 25.33 -0.27 -48.21
C GLN B 240 26.75 -0.66 -47.77
N ASN B 241 27.16 -1.89 -48.07
CA ASN B 241 28.49 -2.46 -47.68
C ASN B 241 29.61 -1.53 -48.20
N MET B 242 29.39 -0.93 -49.38
CA MET B 242 30.28 0.13 -49.94
C MET B 242 30.32 1.31 -48.97
N LEU B 243 29.16 1.89 -48.66
CA LEU B 243 29.01 3.09 -47.77
C LEU B 243 29.77 2.86 -46.46
N ARG B 244 29.36 1.83 -45.69
CA ARG B 244 29.92 1.49 -44.36
C ARG B 244 31.45 1.45 -44.43
N ASN B 245 32.00 0.73 -45.41
CA ASN B 245 33.44 0.38 -45.48
C ASN B 245 34.26 1.58 -45.94
N SER B 246 33.66 2.49 -46.70
CA SER B 246 34.25 3.79 -47.13
C SER B 246 33.66 4.92 -46.28
N LEU B 247 33.90 4.88 -44.96
CA LEU B 247 33.27 5.81 -43.97
C LEU B 247 33.86 5.55 -42.58
N PRO B 248 34.35 6.59 -41.86
CA PRO B 248 35.13 6.39 -40.63
C PRO B 248 34.41 5.63 -39.50
N THR B 249 35.11 4.70 -38.85
CA THR B 249 34.58 3.79 -37.79
C THR B 249 33.75 4.60 -36.78
N PRO B 250 34.31 5.65 -36.13
CA PRO B 250 33.54 6.45 -35.18
C PRO B 250 32.13 6.87 -35.66
N ILE B 251 31.97 7.22 -36.94
CA ILE B 251 30.63 7.60 -37.49
C ILE B 251 29.75 6.35 -37.57
N VAL B 252 30.09 5.41 -38.47
CA VAL B 252 29.24 4.21 -38.79
C VAL B 252 28.76 3.55 -37.48
N THR B 253 29.63 3.43 -36.47
CA THR B 253 29.30 2.82 -35.15
C THR B 253 28.22 3.67 -34.45
N TRP B 254 28.42 4.98 -34.35
CA TRP B 254 27.41 5.96 -33.85
C TRP B 254 26.14 5.88 -34.72
N LEU B 255 26.34 5.76 -36.04
CA LEU B 255 25.25 5.72 -37.06
C LEU B 255 24.39 4.47 -36.85
N MET B 256 25.00 3.37 -36.39
CA MET B 256 24.34 2.06 -36.14
C MET B 256 23.46 2.17 -34.88
N ALA B 257 24.06 2.68 -33.79
CA ALA B 257 23.37 2.95 -32.50
C ALA B 257 22.03 3.65 -32.74
N ARG B 258 22.02 4.69 -33.57
CA ARG B 258 20.78 5.38 -34.05
C ARG B 258 19.80 4.34 -34.59
N LYS B 259 20.23 3.56 -35.59
CA LYS B 259 19.36 2.60 -36.34
C LYS B 259 18.99 1.40 -35.46
N MET B 260 19.71 1.16 -34.36
CA MET B 260 19.44 0.05 -33.39
C MET B 260 18.46 0.52 -32.32
N ASN B 261 18.61 1.77 -31.86
CA ASN B 261 17.81 2.41 -30.79
C ASN B 261 16.44 2.83 -31.33
N SER B 262 16.34 3.12 -32.63
CA SER B 262 15.09 3.53 -33.33
C SER B 262 13.97 2.52 -33.09
N TRP B 263 14.31 1.26 -32.76
CA TRP B 263 13.34 0.22 -32.34
C TRP B 263 12.91 0.48 -30.90
N PHE B 264 13.89 0.52 -29.99
CA PHE B 264 13.70 0.79 -28.54
C PHE B 264 15.00 1.29 -27.89
N ASN B 265 14.89 2.33 -27.05
CA ASN B 265 16.02 2.94 -26.30
C ASN B 265 16.71 1.83 -25.51
N HIS B 266 17.83 1.32 -26.04
CA HIS B 266 18.64 0.24 -25.44
C HIS B 266 19.08 0.63 -24.02
N ALA B 267 19.31 1.92 -23.78
CA ALA B 267 19.77 2.49 -22.48
C ALA B 267 18.72 2.19 -21.40
N ASN B 268 17.45 2.55 -21.68
CA ASN B 268 16.30 2.37 -20.77
C ASN B 268 16.08 0.88 -20.44
N TYR B 269 16.36 -0.02 -21.40
CA TYR B 269 16.12 -1.48 -21.27
C TYR B 269 17.32 -2.16 -20.61
N GLY B 270 18.44 -1.42 -20.52
CA GLY B 270 19.68 -1.87 -19.84
C GLY B 270 20.47 -2.82 -20.70
N LEU B 271 20.38 -2.67 -22.02
CA LEU B 271 21.10 -3.51 -23.01
C LEU B 271 22.37 -2.79 -23.47
N VAL B 272 22.30 -1.47 -23.62
CA VAL B 272 23.43 -0.59 -24.07
C VAL B 272 24.77 -1.24 -23.71
N PRO B 273 25.60 -1.62 -24.71
CA PRO B 273 27.00 -1.96 -24.45
C PRO B 273 27.76 -0.78 -23.82
N GLU B 274 28.45 -1.04 -22.70
CA GLU B 274 29.34 -0.06 -22.00
C GLU B 274 30.38 0.50 -22.99
N ASP B 275 31.12 -0.39 -23.64
CA ASP B 275 32.17 -0.08 -24.65
C ASP B 275 31.49 -0.01 -26.02
N ARG B 276 31.28 1.21 -26.55
CA ARG B 276 30.87 1.45 -27.96
C ARG B 276 32.09 1.15 -28.84
N THR B 277 32.18 1.71 -30.05
CA THR B 277 33.38 1.73 -30.94
C THR B 277 34.03 0.33 -31.10
N GLN B 278 33.45 -0.73 -30.52
CA GLN B 278 33.95 -2.14 -30.58
C GLN B 278 32.72 -3.05 -30.71
N LEU B 279 31.94 -2.86 -31.77
CA LEU B 279 30.61 -3.48 -31.99
C LEU B 279 30.76 -5.01 -32.11
N ARG B 280 30.38 -5.73 -31.06
CA ARG B 280 30.29 -7.22 -31.04
C ARG B 280 29.06 -7.64 -31.88
N GLU B 281 29.01 -8.90 -32.32
CA GLU B 281 27.92 -9.42 -33.19
C GLU B 281 26.57 -8.99 -32.59
N PRO B 282 25.69 -8.29 -33.34
CA PRO B 282 24.39 -7.88 -32.82
C PRO B 282 23.44 -9.08 -32.68
N VAL B 283 22.72 -9.13 -31.55
CA VAL B 283 21.74 -10.21 -31.20
C VAL B 283 20.55 -10.12 -32.15
N LEU B 284 20.01 -11.27 -32.56
CA LEU B 284 18.82 -11.35 -33.45
C LEU B 284 17.69 -12.09 -32.73
N ASN B 285 16.78 -11.32 -32.15
CA ASN B 285 15.57 -11.82 -31.43
C ASN B 285 14.45 -10.80 -31.65
N ASP B 286 13.24 -11.28 -31.97
CA ASP B 286 12.07 -10.40 -32.28
C ASP B 286 11.20 -10.21 -31.03
N GLU B 287 11.40 -11.04 -30.01
CA GLU B 287 10.53 -11.12 -28.81
C GLU B 287 11.12 -10.24 -27.68
N LEU B 288 12.43 -10.33 -27.45
CA LEU B 288 13.09 -9.83 -26.20
C LEU B 288 12.37 -8.60 -25.67
N PRO B 289 12.35 -7.45 -26.39
CA PRO B 289 11.82 -6.22 -25.82
C PRO B 289 10.41 -6.38 -25.25
N GLY B 290 9.52 -7.02 -26.02
CA GLY B 290 8.18 -7.45 -25.55
C GLY B 290 8.23 -8.13 -24.19
N CYS B 291 9.25 -8.96 -23.94
CA CYS B 291 9.49 -9.64 -22.64
C CYS B 291 9.94 -8.64 -21.58
N ILE B 292 10.85 -7.73 -21.94
CA ILE B 292 11.48 -6.77 -20.98
C ILE B 292 10.40 -5.80 -20.48
N ILE B 293 9.61 -5.26 -21.41
CA ILE B 293 8.58 -4.23 -21.08
C ILE B 293 7.46 -4.88 -20.27
N THR B 294 7.22 -6.19 -20.44
CA THR B 294 6.20 -6.98 -19.69
C THR B 294 6.84 -7.70 -18.50
N GLY B 295 8.16 -7.58 -18.34
CA GLY B 295 8.91 -8.07 -17.16
C GLY B 295 8.94 -9.58 -17.05
N LYS B 296 8.72 -10.30 -18.16
CA LYS B 296 8.80 -11.79 -18.21
C LYS B 296 10.28 -12.19 -18.29
N VAL B 297 11.09 -11.36 -18.97
CA VAL B 297 12.59 -11.39 -18.98
C VAL B 297 13.11 -10.05 -18.47
N LEU B 298 14.12 -10.05 -17.60
CA LEU B 298 14.75 -8.81 -17.07
C LEU B 298 16.27 -8.94 -17.16
N ILE B 299 16.92 -7.98 -17.82
CA ILE B 299 18.40 -7.99 -18.05
C ILE B 299 19.09 -7.68 -16.74
N LYS B 300 20.11 -8.46 -16.36
CA LYS B 300 20.92 -8.26 -15.13
C LYS B 300 22.38 -8.07 -15.52
N PRO B 301 23.13 -7.22 -14.79
CA PRO B 301 24.42 -6.71 -15.27
C PRO B 301 25.52 -7.75 -15.47
N SER B 302 25.63 -8.71 -14.54
CA SER B 302 26.76 -9.67 -14.49
C SER B 302 26.66 -10.46 -13.19
N ILE B 303 27.13 -11.71 -13.18
CA ILE B 303 27.18 -12.50 -11.92
C ILE B 303 28.36 -11.98 -11.08
N LYS B 304 28.08 -11.56 -9.84
CA LYS B 304 29.09 -11.15 -8.84
C LYS B 304 29.54 -12.40 -8.07
N GLU B 305 28.57 -13.13 -7.51
CA GLU B 305 28.76 -14.51 -6.97
C GLU B 305 27.41 -15.23 -6.96
N VAL B 306 27.46 -16.56 -6.89
CA VAL B 306 26.26 -17.45 -6.84
C VAL B 306 26.28 -18.20 -5.51
N LYS B 307 25.13 -18.18 -4.80
CA LYS B 307 24.95 -18.73 -3.42
C LYS B 307 24.36 -20.15 -3.51
N GLU B 308 24.08 -20.76 -2.36
CA GLU B 308 23.48 -22.12 -2.25
C GLU B 308 22.28 -22.25 -3.20
N ASN B 309 21.34 -21.29 -3.13
CA ASN B 309 20.06 -21.31 -3.90
C ASN B 309 19.72 -19.90 -4.38
N SER B 310 20.73 -19.14 -4.79
CA SER B 310 20.56 -17.70 -5.14
C SER B 310 21.79 -17.16 -5.88
N VAL B 311 21.64 -16.03 -6.56
CA VAL B 311 22.71 -15.34 -7.33
C VAL B 311 22.72 -13.86 -6.95
N ILE B 312 23.91 -13.27 -6.89
CA ILE B 312 24.07 -11.81 -6.68
C ILE B 312 24.78 -11.23 -7.91
N PHE B 313 24.22 -10.15 -8.44
CA PHE B 313 24.76 -9.46 -9.64
C PHE B 313 25.53 -8.22 -9.19
N ASN B 314 26.55 -7.83 -9.96
CA ASN B 314 27.37 -6.61 -9.74
C ASN B 314 26.46 -5.38 -9.82
N ASN B 315 26.76 -4.31 -9.07
CA ASN B 315 25.98 -3.04 -9.06
C ASN B 315 24.49 -3.33 -8.84
N THR B 316 24.18 -4.46 -8.22
CA THR B 316 22.78 -4.96 -8.04
C THR B 316 22.60 -5.36 -6.59
N PRO B 317 21.92 -4.51 -5.79
CA PRO B 317 21.77 -4.78 -4.36
C PRO B 317 20.92 -6.02 -4.10
N LYS B 318 19.85 -6.24 -4.88
CA LYS B 318 18.91 -7.37 -4.67
C LYS B 318 19.57 -8.70 -5.05
N GLU B 319 19.74 -9.56 -4.04
CA GLU B 319 20.02 -11.01 -4.16
C GLU B 319 18.76 -11.67 -4.75
N GLU B 320 18.90 -12.50 -5.78
CA GLU B 320 17.76 -13.08 -6.56
C GLU B 320 17.72 -14.59 -6.38
N PRO B 321 16.60 -15.16 -5.89
CA PRO B 321 16.48 -16.60 -5.74
C PRO B 321 16.42 -17.22 -7.14
N ILE B 322 17.24 -18.24 -7.40
CA ILE B 322 17.36 -18.90 -8.74
C ILE B 322 17.28 -20.41 -8.55
N ASP B 323 16.60 -21.11 -9.46
CA ASP B 323 16.46 -22.60 -9.46
C ASP B 323 17.32 -23.22 -10.56
N ILE B 324 17.37 -22.55 -11.72
CA ILE B 324 18.09 -23.04 -12.94
C ILE B 324 18.98 -21.92 -13.48
N ILE B 325 20.25 -22.24 -13.72
CA ILE B 325 21.23 -21.34 -14.41
C ILE B 325 21.59 -21.99 -15.75
N VAL B 326 21.35 -21.27 -16.84
CA VAL B 326 21.71 -21.70 -18.22
C VAL B 326 22.89 -20.83 -18.69
N PHE B 327 24.02 -21.46 -19.00
CA PHE B 327 25.26 -20.78 -19.46
C PHE B 327 25.30 -20.77 -20.99
N ALA B 328 24.80 -19.69 -21.60
CA ALA B 328 24.88 -19.43 -23.05
C ALA B 328 26.19 -18.71 -23.36
N THR B 329 27.29 -19.33 -22.92
CA THR B 329 28.65 -18.71 -22.80
C THR B 329 29.47 -19.03 -24.05
N GLY B 330 28.85 -19.59 -25.09
CA GLY B 330 29.45 -19.82 -26.41
C GLY B 330 30.20 -21.13 -26.47
N TYR B 331 30.95 -21.37 -27.54
CA TYR B 331 31.69 -22.63 -27.81
C TYR B 331 33.15 -22.30 -28.15
N THR B 332 34.04 -23.27 -27.87
CA THR B 332 35.45 -23.28 -28.35
C THR B 332 35.47 -24.00 -29.70
N PHE B 333 36.67 -24.41 -30.16
CA PHE B 333 36.84 -25.32 -31.31
C PHE B 333 38.25 -25.93 -31.26
N ALA B 334 38.40 -27.11 -31.86
CA ALA B 334 39.67 -27.87 -31.94
C ALA B 334 39.65 -28.79 -33.17
N PHE B 335 40.80 -29.36 -33.50
CA PHE B 335 40.98 -30.38 -34.57
C PHE B 335 41.81 -31.54 -34.02
N PRO B 336 41.17 -32.52 -33.35
CA PRO B 336 41.88 -33.67 -32.79
C PRO B 336 42.61 -34.55 -33.83
N PHE B 337 42.14 -34.55 -35.07
CA PHE B 337 42.64 -35.41 -36.17
C PHE B 337 43.80 -34.73 -36.90
N LEU B 338 43.87 -33.39 -36.84
CA LEU B 338 45.06 -32.63 -37.32
C LEU B 338 46.12 -32.61 -36.21
N ASP B 339 47.39 -32.49 -36.59
CA ASP B 339 48.54 -32.29 -35.67
C ASP B 339 48.86 -30.78 -35.62
N GLU B 340 49.46 -30.31 -34.52
CA GLU B 340 49.82 -28.86 -34.32
C GLU B 340 50.72 -28.37 -35.47
N SER B 341 51.55 -29.26 -36.01
CA SER B 341 52.45 -29.00 -37.17
C SER B 341 51.65 -28.42 -38.35
N VAL B 342 50.38 -28.78 -38.47
CA VAL B 342 49.47 -28.44 -39.62
C VAL B 342 48.62 -27.22 -39.24
N VAL B 345 45.30 -23.36 -33.85
CA VAL B 345 44.14 -23.30 -32.89
C VAL B 345 44.55 -22.42 -31.70
N GLU B 346 45.17 -21.26 -31.98
CA GLU B 346 45.62 -20.26 -30.95
C GLU B 346 44.69 -19.03 -30.95
N ASN B 347 44.09 -18.72 -29.80
CA ASN B 347 43.25 -17.50 -29.57
C ASN B 347 42.07 -17.49 -30.55
N GLY B 348 41.25 -18.56 -30.50
CA GLY B 348 40.03 -18.73 -31.31
C GLY B 348 40.29 -18.52 -32.80
N GLN B 349 41.41 -19.06 -33.29
CA GLN B 349 41.96 -18.73 -34.63
C GLN B 349 43.02 -19.79 -34.99
N ALA B 350 43.03 -20.24 -36.24
CA ALA B 350 43.86 -21.39 -36.73
C ALA B 350 45.09 -20.91 -37.52
N SER B 351 45.12 -19.62 -37.87
CA SER B 351 46.26 -18.89 -38.51
C SER B 351 46.35 -19.24 -40.01
N LEU B 352 45.20 -19.53 -40.62
CA LEU B 352 45.09 -20.01 -42.03
C LEU B 352 44.99 -18.82 -42.98
N TYR B 353 45.67 -18.88 -44.14
CA TYR B 353 45.49 -17.93 -45.28
C TYR B 353 44.06 -18.06 -45.79
N LYS B 354 43.33 -16.94 -45.81
CA LYS B 354 41.89 -16.87 -46.20
C LYS B 354 41.06 -17.84 -45.34
N TYR B 355 41.49 -18.08 -44.10
CA TYR B 355 40.83 -18.95 -43.09
C TYR B 355 40.61 -20.37 -43.65
N ILE B 356 41.48 -20.81 -44.56
CA ILE B 356 41.36 -22.14 -45.25
C ILE B 356 42.71 -22.87 -45.21
N PHE B 357 43.71 -22.38 -45.95
CA PHE B 357 45.00 -23.09 -46.20
C PHE B 357 46.01 -22.79 -45.11
N PRO B 358 46.73 -23.80 -44.58
CA PRO B 358 47.65 -23.60 -43.46
C PRO B 358 48.97 -22.89 -43.80
N ALA B 359 49.19 -22.54 -45.08
CA ALA B 359 50.08 -21.44 -45.53
C ALA B 359 51.54 -21.63 -45.11
N HIS B 360 52.01 -22.88 -45.05
CA HIS B 360 53.45 -23.23 -44.88
C HIS B 360 53.73 -24.60 -45.51
N LEU B 361 52.76 -25.53 -45.40
CA LEU B 361 52.72 -26.80 -46.17
C LEU B 361 53.35 -26.60 -47.55
N PRO B 362 54.38 -27.39 -47.93
CA PRO B 362 54.94 -27.35 -49.28
C PRO B 362 53.84 -27.40 -50.35
N LYS B 363 52.99 -28.42 -50.29
CA LYS B 363 51.86 -28.66 -51.24
C LYS B 363 50.56 -28.14 -50.63
N PRO B 364 49.78 -27.31 -51.36
CA PRO B 364 48.48 -26.83 -50.86
C PRO B 364 47.36 -27.85 -51.09
N THR B 365 47.32 -28.92 -50.28
CA THR B 365 46.39 -30.06 -50.41
C THR B 365 45.62 -30.27 -49.09
N VAL B 368 40.56 -25.99 -45.05
CA VAL B 368 39.67 -25.91 -43.86
C VAL B 368 38.45 -25.08 -44.28
N ILE B 369 37.32 -25.73 -44.53
CA ILE B 369 36.06 -25.06 -44.96
C ILE B 369 35.21 -24.79 -43.70
N GLY B 370 34.70 -23.56 -43.57
CA GLY B 370 33.68 -23.19 -42.58
C GLY B 370 34.26 -22.86 -41.22
N LEU B 371 35.51 -22.39 -41.18
CA LEU B 371 36.14 -21.81 -39.96
C LEU B 371 36.28 -20.30 -40.17
N ILE B 372 35.15 -19.62 -40.23
CA ILE B 372 35.04 -18.16 -40.51
C ILE B 372 33.78 -17.62 -39.83
N LYS B 373 33.83 -16.37 -39.37
CA LYS B 373 32.67 -15.67 -38.72
C LYS B 373 32.33 -14.45 -39.58
N PRO B 374 31.64 -14.65 -40.72
CA PRO B 374 31.33 -13.55 -41.64
C PRO B 374 30.14 -12.70 -41.19
N LEU B 375 29.92 -11.58 -41.89
CA LEU B 375 28.82 -10.60 -41.64
C LEU B 375 27.60 -11.01 -42.49
N GLY B 376 27.29 -12.31 -42.48
CA GLY B 376 26.30 -12.94 -43.39
C GLY B 376 26.31 -14.44 -43.18
N SER B 377 25.67 -15.19 -44.08
CA SER B 377 25.39 -16.64 -43.89
C SER B 377 26.65 -17.48 -44.12
N ILE B 378 26.82 -18.54 -43.30
CA ILE B 378 27.88 -19.59 -43.45
C ILE B 378 27.67 -20.33 -44.77
N ILE B 379 26.41 -20.68 -45.07
CA ILE B 379 26.01 -21.52 -46.24
C ILE B 379 26.78 -21.07 -47.49
N PRO B 380 26.57 -19.84 -48.00
CA PRO B 380 27.22 -19.40 -49.25
C PRO B 380 28.73 -19.19 -49.09
N THR B 381 29.15 -18.68 -47.92
CA THR B 381 30.57 -18.46 -47.57
C THR B 381 31.32 -19.80 -47.68
N GLY B 382 30.89 -20.82 -46.93
CA GLY B 382 31.44 -22.19 -46.99
C GLY B 382 31.51 -22.73 -48.40
N GLU B 383 30.43 -22.56 -49.17
CA GLU B 383 30.33 -22.98 -50.61
C GLU B 383 31.36 -22.22 -51.44
N THR B 384 31.30 -20.90 -51.41
CA THR B 384 32.22 -19.98 -52.15
C THR B 384 33.67 -20.23 -51.70
N GLN B 385 33.87 -20.52 -50.41
CA GLN B 385 35.16 -21.03 -49.86
C GLN B 385 35.59 -22.27 -50.66
N ALA B 386 34.72 -23.30 -50.71
CA ALA B 386 34.98 -24.62 -51.32
C ALA B 386 35.29 -24.49 -52.83
N ARG B 387 34.64 -23.56 -53.53
CA ARG B 387 34.85 -23.33 -54.99
C ARG B 387 36.32 -23.01 -55.25
N TRP B 388 36.84 -21.96 -54.60
CA TRP B 388 38.25 -21.51 -54.67
C TRP B 388 39.20 -22.57 -54.11
N ALA B 389 38.73 -23.39 -53.15
CA ALA B 389 39.51 -24.46 -52.50
C ALA B 389 39.80 -25.59 -53.51
N VAL B 390 38.75 -26.32 -53.94
CA VAL B 390 38.91 -27.53 -54.82
C VAL B 390 39.77 -27.18 -56.04
N ARG B 391 39.70 -25.92 -56.52
CA ARG B 391 40.43 -25.47 -57.74
C ARG B 391 41.90 -25.16 -57.41
N VAL B 392 42.26 -25.03 -56.12
CA VAL B 392 43.68 -24.99 -55.66
C VAL B 392 44.21 -26.43 -55.62
N LEU B 393 43.43 -27.33 -55.02
CA LEU B 393 43.71 -28.80 -54.90
C LEU B 393 43.88 -29.41 -56.30
N LYS B 394 43.04 -28.98 -57.25
CA LYS B 394 43.09 -29.39 -58.68
C LYS B 394 44.27 -28.70 -59.37
N GLY B 395 44.74 -27.57 -58.82
CA GLY B 395 45.92 -26.83 -59.30
C GLY B 395 45.57 -25.84 -60.40
N ILE B 396 44.27 -25.65 -60.68
CA ILE B 396 43.74 -24.72 -61.73
C ILE B 396 43.93 -23.28 -61.24
N ASN B 397 43.79 -23.07 -59.92
CA ASN B 397 44.21 -21.82 -59.22
C ASN B 397 45.41 -22.17 -58.32
N LYS B 398 46.14 -21.16 -57.87
CA LYS B 398 47.41 -21.37 -57.12
C LYS B 398 47.53 -20.32 -56.02
N LEU B 399 48.06 -20.72 -54.87
CA LEU B 399 48.33 -19.83 -53.69
C LEU B 399 49.62 -19.06 -53.96
N PRO B 400 49.74 -17.79 -53.49
CA PRO B 400 51.02 -17.07 -53.56
C PRO B 400 52.09 -17.73 -52.70
N PRO B 401 53.35 -17.25 -52.75
CA PRO B 401 54.44 -17.85 -51.96
C PRO B 401 54.19 -17.91 -50.45
N GLN B 402 54.76 -18.92 -49.78
CA GLN B 402 54.64 -19.13 -48.30
C GLN B 402 55.05 -17.85 -47.58
N SER B 403 56.02 -17.11 -48.14
CA SER B 403 56.55 -15.82 -47.65
C SER B 403 55.47 -14.74 -47.61
N VAL B 404 54.57 -14.75 -48.62
CA VAL B 404 53.50 -13.73 -48.80
C VAL B 404 52.29 -14.06 -47.92
N MET B 405 51.94 -15.35 -47.82
CA MET B 405 50.78 -15.84 -47.04
C MET B 405 51.05 -15.65 -45.54
N ILE B 406 52.21 -16.12 -45.06
CA ILE B 406 52.59 -16.12 -43.62
C ILE B 406 52.59 -14.68 -43.08
N GLU B 407 53.06 -13.71 -43.86
CA GLU B 407 53.19 -12.28 -43.45
C GLU B 407 51.83 -11.57 -43.56
N GLU B 408 51.01 -11.92 -44.56
CA GLU B 408 49.64 -11.35 -44.76
C GLU B 408 48.72 -11.84 -43.64
N VAL B 409 48.84 -13.12 -43.26
CA VAL B 409 48.08 -13.77 -42.16
C VAL B 409 48.40 -13.06 -40.83
N ASN B 410 49.67 -12.70 -40.60
CA ASN B 410 50.14 -12.07 -39.34
C ASN B 410 49.55 -10.66 -39.18
N ALA B 411 49.16 -10.02 -40.29
CA ALA B 411 48.50 -8.69 -40.33
C ALA B 411 47.08 -8.79 -39.75
N ARG B 412 46.32 -9.80 -40.18
CA ARG B 412 44.93 -10.08 -39.72
C ARG B 412 44.98 -10.64 -38.29
N LYS B 413 46.07 -11.35 -37.95
CA LYS B 413 46.26 -12.06 -36.65
C LYS B 413 46.53 -11.06 -35.51
N GLU B 414 47.04 -9.87 -35.84
CA GLU B 414 47.31 -8.80 -34.82
C GLU B 414 46.04 -7.94 -34.65
N ASN B 415 44.97 -8.26 -35.38
CA ASN B 415 43.60 -7.68 -35.18
C ASN B 415 43.66 -6.15 -35.24
N LYS B 416 44.44 -5.61 -36.19
CA LYS B 416 44.73 -4.15 -36.27
C LYS B 416 43.51 -3.44 -36.84
N PRO B 417 42.82 -2.58 -36.05
CA PRO B 417 41.54 -2.00 -36.44
C PRO B 417 41.48 -1.34 -37.82
N SER B 418 42.50 -0.54 -38.16
CA SER B 418 42.63 0.18 -39.46
C SER B 418 41.46 1.14 -39.69
N GLY B 419 40.69 1.45 -38.64
CA GLY B 419 39.55 2.41 -38.66
C GLY B 419 38.70 2.27 -39.92
N PHE B 420 38.12 3.39 -40.36
CA PHE B 420 37.18 3.49 -41.51
C PHE B 420 36.05 2.46 -41.36
N GLY B 421 36.06 1.39 -42.17
CA GLY B 421 34.96 0.42 -42.24
C GLY B 421 34.72 -0.28 -40.91
N LEU B 422 33.46 -0.29 -40.46
CA LEU B 422 32.99 -1.08 -39.28
C LEU B 422 34.05 -2.10 -38.86
N CYS B 423 34.98 -1.69 -37.97
CA CYS B 423 36.16 -2.49 -37.52
C CYS B 423 35.77 -3.97 -37.39
N TYR B 424 36.49 -4.86 -38.07
CA TYR B 424 36.18 -6.31 -38.07
C TYR B 424 36.89 -6.95 -36.87
N CYS B 425 36.06 -7.27 -35.89
CA CYS B 425 36.34 -7.60 -34.46
C CYS B 425 37.75 -8.17 -34.26
N LYS B 426 37.87 -9.50 -34.08
CA LYS B 426 39.09 -10.18 -33.56
C LYS B 426 39.27 -11.53 -34.26
N ALA B 427 38.57 -12.56 -33.79
CA ALA B 427 38.80 -13.97 -34.20
C ALA B 427 37.85 -14.33 -35.33
N LEU B 428 38.38 -14.64 -36.52
CA LEU B 428 37.60 -15.11 -37.70
C LEU B 428 36.61 -14.03 -38.13
N GLN B 429 36.75 -12.81 -37.58
CA GLN B 429 36.33 -11.52 -38.20
C GLN B 429 36.37 -11.63 -39.73
N SER B 430 35.34 -11.18 -40.44
CA SER B 430 35.43 -10.93 -41.91
C SER B 430 34.12 -10.34 -42.47
N ASP B 431 34.26 -9.33 -43.33
CA ASP B 431 33.15 -8.80 -44.16
C ASP B 431 32.69 -9.89 -45.13
N TYR B 432 31.38 -10.05 -45.30
CA TYR B 432 30.75 -11.06 -46.19
C TYR B 432 31.12 -10.75 -47.65
N ILE B 433 30.76 -9.55 -48.12
CA ILE B 433 30.87 -9.15 -49.56
C ILE B 433 32.35 -9.21 -49.98
N THR B 434 33.22 -8.57 -49.19
CA THR B 434 34.69 -8.48 -49.41
C THR B 434 35.26 -9.89 -49.65
N TYR B 435 35.23 -10.72 -48.61
CA TYR B 435 35.82 -12.09 -48.59
C TYR B 435 35.28 -12.89 -49.79
N ILE B 436 33.99 -12.74 -50.11
CA ILE B 436 33.35 -13.43 -51.27
C ILE B 436 33.94 -12.90 -52.59
N ASP B 437 34.02 -11.57 -52.74
CA ASP B 437 34.52 -10.90 -53.97
C ASP B 437 36.01 -11.21 -54.19
N GLU B 438 36.78 -11.27 -53.10
CA GLU B 438 38.21 -11.68 -53.10
C GLU B 438 38.35 -13.07 -53.75
N LEU B 439 37.44 -13.99 -53.40
CA LEU B 439 37.46 -15.42 -53.81
C LEU B 439 36.84 -15.58 -55.21
N LEU B 440 35.76 -14.87 -55.49
CA LEU B 440 35.12 -14.83 -56.85
C LEU B 440 36.11 -14.29 -57.88
N THR B 441 36.91 -13.28 -57.49
CA THR B 441 38.04 -12.74 -58.29
C THR B 441 39.02 -13.89 -58.59
N TYR B 442 39.50 -14.57 -57.55
CA TYR B 442 40.53 -15.65 -57.60
C TYR B 442 40.11 -16.79 -58.56
N ILE B 443 38.82 -17.01 -58.76
CA ILE B 443 38.30 -18.10 -59.66
C ILE B 443 37.63 -17.47 -60.90
N ASN B 444 37.66 -16.14 -61.01
CA ASN B 444 37.19 -15.37 -62.21
C ASN B 444 35.67 -15.57 -62.39
N ALA B 445 34.92 -15.48 -61.30
CA ALA B 445 33.43 -15.53 -61.27
C ALA B 445 32.86 -14.15 -60.87
N LYS B 446 33.71 -13.27 -60.34
CA LYS B 446 33.32 -11.91 -59.91
C LYS B 446 32.78 -11.16 -61.12
N PRO B 447 31.46 -10.82 -61.17
CA PRO B 447 30.89 -10.16 -62.34
C PRO B 447 31.36 -8.70 -62.43
N ASN B 448 31.66 -8.26 -63.66
CA ASN B 448 32.09 -6.86 -63.95
C ASN B 448 30.85 -5.97 -63.91
N LEU B 449 30.63 -5.26 -62.80
CA LEU B 449 29.38 -4.49 -62.52
C LEU B 449 29.33 -3.25 -63.42
N LEU B 450 30.48 -2.62 -63.65
CA LEU B 450 30.62 -1.44 -64.54
C LEU B 450 30.16 -1.85 -65.95
N SER B 451 30.79 -2.88 -66.53
CA SER B 451 30.41 -3.50 -67.84
C SER B 451 28.93 -3.86 -67.84
N MET B 452 28.52 -4.67 -66.85
CA MET B 452 27.10 -5.09 -66.63
C MET B 452 26.16 -3.91 -66.96
N LEU B 453 26.41 -2.74 -66.38
CA LEU B 453 25.54 -1.54 -66.45
C LEU B 453 25.24 -1.19 -67.92
N LEU B 454 26.23 -1.34 -68.80
CA LEU B 454 26.15 -1.01 -70.25
C LEU B 454 25.39 -2.14 -70.97
N THR B 455 25.85 -3.37 -70.80
CA THR B 455 25.27 -4.60 -71.43
C THR B 455 23.83 -4.80 -70.90
N ASP B 456 23.69 -5.09 -69.60
CA ASP B 456 22.38 -5.34 -68.93
C ASP B 456 22.25 -4.42 -67.72
N PRO B 457 21.47 -3.31 -67.82
CA PRO B 457 21.43 -2.30 -66.75
C PRO B 457 20.48 -2.64 -65.59
N ARG B 458 19.37 -3.32 -65.90
CA ARG B 458 18.39 -3.85 -64.92
C ARG B 458 19.17 -4.68 -63.88
N LEU B 459 19.69 -5.83 -64.31
CA LEU B 459 20.43 -6.83 -63.47
C LEU B 459 21.56 -6.12 -62.70
N ALA B 460 22.33 -5.28 -63.42
CA ALA B 460 23.49 -4.51 -62.90
C ALA B 460 23.12 -3.80 -61.60
N LEU B 461 21.98 -3.12 -61.57
CA LEU B 461 21.54 -2.28 -60.43
C LEU B 461 20.99 -3.17 -59.31
N THR B 462 20.22 -4.21 -59.68
CA THR B 462 19.61 -5.21 -58.74
C THR B 462 20.70 -5.99 -58.00
N ILE B 463 21.92 -5.97 -58.54
CA ILE B 463 23.13 -6.64 -57.95
C ILE B 463 23.83 -5.68 -56.99
N PHE B 464 23.87 -4.38 -57.32
CA PHE B 464 24.60 -3.37 -56.52
C PHE B 464 23.73 -2.82 -55.39
N PHE B 465 22.51 -2.39 -55.72
CA PHE B 465 21.57 -1.71 -54.77
C PHE B 465 20.67 -2.75 -54.07
N GLY B 466 20.26 -3.79 -54.80
CA GLY B 466 19.45 -4.91 -54.29
C GLY B 466 20.27 -5.84 -53.40
N PRO B 467 19.61 -6.76 -52.65
CA PRO B 467 20.31 -7.59 -51.67
C PRO B 467 21.35 -8.50 -52.34
N CYS B 468 22.56 -8.51 -51.80
CA CYS B 468 23.72 -9.30 -52.32
C CYS B 468 23.45 -10.79 -52.14
N THR B 469 22.47 -11.30 -52.89
CA THR B 469 22.02 -12.72 -52.87
C THR B 469 23.07 -13.63 -53.49
N PRO B 470 23.28 -14.86 -52.96
CA PRO B 470 24.35 -15.73 -53.42
C PRO B 470 24.26 -16.16 -54.88
N TYR B 471 23.08 -16.05 -55.50
CA TYR B 471 22.83 -16.32 -56.95
C TYR B 471 23.83 -15.54 -57.82
N GLN B 472 24.13 -14.30 -57.44
CA GLN B 472 24.98 -13.34 -58.22
C GLN B 472 26.47 -13.72 -58.12
N PHE B 473 26.79 -14.87 -57.51
CA PHE B 473 28.14 -15.45 -57.51
C PHE B 473 28.30 -16.35 -58.75
N ARG B 474 27.27 -17.17 -59.02
CA ARG B 474 27.22 -18.11 -60.18
C ARG B 474 26.57 -17.44 -61.39
N LEU B 475 26.94 -16.18 -61.65
CA LEU B 475 26.37 -15.37 -62.76
C LEU B 475 27.31 -15.42 -63.96
N THR B 476 28.61 -15.36 -63.70
CA THR B 476 29.70 -15.55 -64.71
C THR B 476 30.82 -16.40 -64.09
N GLY B 477 31.77 -16.84 -64.91
CA GLY B 477 32.95 -17.62 -64.49
C GLY B 477 32.68 -19.12 -64.44
N PRO B 478 33.62 -19.93 -63.90
CA PRO B 478 33.41 -21.37 -63.78
C PRO B 478 32.28 -21.69 -62.78
N GLY B 479 31.43 -22.65 -63.13
CA GLY B 479 30.25 -23.05 -62.34
C GLY B 479 29.04 -22.20 -62.66
N LYS B 480 29.19 -21.20 -63.54
CA LYS B 480 28.08 -20.33 -64.01
C LYS B 480 26.77 -21.12 -64.06
N TRP B 481 25.71 -20.60 -63.43
CA TRP B 481 24.33 -21.18 -63.42
C TRP B 481 23.43 -20.34 -64.32
N GLU B 482 22.58 -21.00 -65.12
CA GLU B 482 21.70 -20.33 -66.11
C GLU B 482 20.60 -19.55 -65.37
N GLY B 483 19.82 -20.25 -64.55
CA GLY B 483 18.67 -19.70 -63.79
C GLY B 483 19.03 -18.51 -62.91
N ALA B 484 20.32 -18.34 -62.60
CA ALA B 484 20.90 -17.28 -61.74
C ALA B 484 20.22 -15.92 -62.00
N ARG B 485 20.30 -15.41 -63.23
CA ARG B 485 19.74 -14.08 -63.62
C ARG B 485 18.27 -14.01 -63.22
N ASN B 486 17.48 -14.97 -63.69
CA ASN B 486 16.01 -15.08 -63.42
C ASN B 486 15.76 -15.12 -61.91
N ALA B 487 16.58 -15.86 -61.16
CA ALA B 487 16.51 -16.01 -59.68
C ALA B 487 16.71 -14.66 -58.99
N ILE B 488 17.74 -13.92 -59.39
CA ILE B 488 18.13 -12.60 -58.79
C ILE B 488 16.98 -11.60 -58.96
N LEU B 489 16.29 -11.64 -60.09
CA LEU B 489 15.23 -10.65 -60.46
C LEU B 489 13.90 -11.04 -59.81
N THR B 490 13.67 -12.33 -59.56
CA THR B 490 12.45 -12.86 -58.87
C THR B 490 12.68 -12.87 -57.36
N GLN B 491 13.89 -12.48 -56.90
CA GLN B 491 14.29 -12.38 -55.46
C GLN B 491 13.09 -12.12 -54.54
N TRP B 492 12.46 -10.96 -54.71
CA TRP B 492 11.44 -10.40 -53.77
C TRP B 492 10.09 -11.12 -53.94
N ASP B 493 9.76 -11.53 -55.17
CA ASP B 493 8.49 -12.23 -55.49
C ASP B 493 8.32 -13.44 -54.56
N ARG B 494 9.39 -14.22 -54.35
CA ARG B 494 9.41 -15.42 -53.46
C ARG B 494 9.42 -14.98 -51.98
N THR B 495 10.12 -13.88 -51.70
CA THR B 495 10.26 -13.29 -50.33
C THR B 495 8.89 -12.84 -49.80
N PHE B 496 7.94 -12.53 -50.70
CA PHE B 496 6.60 -11.97 -50.34
C PHE B 496 5.48 -13.01 -50.51
N LYS B 497 5.65 -14.04 -51.35
CA LYS B 497 4.62 -15.09 -51.56
C LYS B 497 4.24 -15.77 -50.23
N VAL B 498 5.21 -15.95 -49.33
CA VAL B 498 5.06 -16.77 -48.08
C VAL B 498 4.49 -15.94 -46.92
N THR B 499 4.75 -14.63 -46.90
CA THR B 499 4.20 -13.67 -45.90
C THR B 499 2.80 -13.24 -46.34
N LYS B 500 2.61 -13.02 -47.65
CA LYS B 500 1.35 -12.52 -48.28
C LYS B 500 0.37 -13.69 -48.48
N THR B 501 -0.02 -14.37 -47.39
CA THR B 501 -0.98 -15.51 -47.41
C THR B 501 -2.42 -14.97 -47.49
N ARG B 502 -2.57 -13.63 -47.58
CA ARG B 502 -3.89 -12.96 -47.74
C ARG B 502 -3.74 -11.75 -48.67
N ILE B 503 -4.36 -11.86 -49.85
CA ILE B 503 -4.45 -10.79 -50.89
C ILE B 503 -5.35 -9.66 -50.37
N VAL B 504 -5.41 -8.54 -51.09
CA VAL B 504 -6.25 -7.35 -50.73
C VAL B 504 -7.04 -6.92 -51.99
N GLN B 505 -7.16 -5.62 -52.29
CA GLN B 505 -7.95 -5.11 -53.45
C GLN B 505 -6.99 -4.60 -54.54
N GLU B 506 -6.13 -3.63 -54.22
CA GLU B 506 -5.21 -2.99 -55.21
C GLU B 506 -5.48 -3.57 -56.61
N SER B 507 4.52 -2.51 -50.86
CA SER B 507 5.99 -2.67 -51.05
C SER B 507 6.36 -2.22 -52.47
N PRO B 508 7.58 -2.53 -52.92
CA PRO B 508 8.08 -2.28 -54.29
C PRO B 508 9.08 -3.37 -54.69
N SER B 509 10.23 -3.39 -54.00
CA SER B 509 11.41 -4.26 -54.27
C SER B 509 12.63 -3.61 -53.60
N PRO B 510 12.85 -2.32 -53.90
CA PRO B 510 13.92 -1.47 -53.31
C PRO B 510 13.94 -1.67 -51.79
N PHE B 511 15.10 -2.03 -51.24
CA PHE B 511 15.37 -2.15 -49.78
C PHE B 511 15.97 -0.82 -49.28
N ALA B 512 15.29 0.30 -49.60
CA ALA B 512 15.75 1.69 -49.38
C ALA B 512 14.93 2.34 -48.25
N SER B 513 15.15 1.88 -47.01
CA SER B 513 14.58 2.44 -45.76
C SER B 513 15.71 2.90 -44.82
N LEU B 514 16.75 2.07 -44.64
CA LEU B 514 17.97 2.36 -43.84
C LEU B 514 19.06 3.02 -44.71
N LEU B 515 18.86 3.09 -46.02
CA LEU B 515 19.75 3.77 -47.01
C LEU B 515 19.44 5.27 -47.01
N LYS B 516 18.15 5.63 -46.98
CA LYS B 516 17.62 7.00 -46.82
C LYS B 516 17.84 7.48 -45.37
N LEU B 517 18.21 6.56 -44.47
CA LEU B 517 18.73 6.83 -43.11
C LEU B 517 20.22 7.20 -43.17
N LEU B 518 20.69 7.67 -44.34
CA LEU B 518 21.98 8.36 -44.56
C LEU B 518 21.79 9.51 -45.56
N SER B 519 20.55 10.03 -45.67
CA SER B 519 20.13 11.06 -46.67
C SER B 519 20.45 12.45 -46.13
N LEU B 520 21.68 12.92 -46.38
CA LEU B 520 22.16 14.30 -46.11
C LEU B 520 23.50 14.55 -46.85
N PRO B 521 23.65 13.98 -48.04
CA PRO B 521 24.92 13.92 -48.82
C PRO B 521 25.07 15.16 -49.70
N VAL B 522 25.81 16.17 -49.22
CA VAL B 522 26.28 17.33 -50.00
C VAL B 522 27.45 16.88 -50.89
N LEU B 523 28.60 16.55 -50.30
CA LEU B 523 29.84 16.10 -51.00
C LEU B 523 30.99 15.85 -49.99
N LEU B 524 32.16 15.44 -50.50
CA LEU B 524 33.47 15.24 -49.80
C LEU B 524 34.12 13.96 -50.35
N LEU B 525 34.84 13.21 -49.51
CA LEU B 525 35.35 11.84 -49.80
C LEU B 525 36.01 11.25 -48.54
N ALA C 2 -26.86 10.80 3.50
CA ALA C 2 -27.16 9.51 4.22
C ALA C 2 -27.47 8.38 3.23
N LYS C 3 -27.20 8.57 1.93
CA LYS C 3 -27.79 7.74 0.83
C LYS C 3 -27.15 6.34 0.78
N ARG C 4 -27.98 5.29 0.83
CA ARG C 4 -27.60 3.85 0.69
C ARG C 4 -27.51 3.44 -0.78
N VAL C 5 -26.31 3.09 -1.25
CA VAL C 5 -26.04 2.77 -2.69
C VAL C 5 -25.72 1.27 -2.83
N ALA C 6 -26.46 0.59 -3.71
CA ALA C 6 -26.23 -0.82 -4.08
C ALA C 6 -25.27 -0.88 -5.27
N ILE C 7 -24.14 -1.57 -5.10
CA ILE C 7 -23.11 -1.77 -6.17
C ILE C 7 -23.18 -3.23 -6.64
N VAL C 8 -23.45 -3.44 -7.93
CA VAL C 8 -23.54 -4.79 -8.55
C VAL C 8 -22.18 -5.17 -9.17
N GLY C 9 -21.47 -6.10 -8.54
CA GLY C 9 -20.16 -6.60 -9.01
C GLY C 9 -18.99 -5.87 -8.37
N ALA C 10 -17.92 -6.61 -8.07
CA ALA C 10 -16.70 -6.10 -7.40
C ALA C 10 -15.51 -6.16 -8.37
N GLY C 11 -15.79 -5.87 -9.64
CA GLY C 11 -14.74 -5.71 -10.67
C GLY C 11 -14.04 -4.38 -10.48
N VAL C 12 -13.11 -4.08 -11.38
CA VAL C 12 -12.43 -2.74 -11.47
C VAL C 12 -13.48 -1.64 -11.23
N SER C 13 -14.56 -1.68 -12.02
CA SER C 13 -15.69 -0.71 -11.97
C SER C 13 -16.34 -0.72 -10.59
N GLY C 14 -16.64 -1.92 -10.07
CA GLY C 14 -17.24 -2.11 -8.73
C GLY C 14 -16.43 -1.39 -7.65
N LEU C 15 -15.16 -1.76 -7.51
CA LEU C 15 -14.25 -1.23 -6.47
C LEU C 15 -14.23 0.31 -6.52
N ALA C 16 -14.11 0.87 -7.71
CA ALA C 16 -14.10 2.33 -7.96
C ALA C 16 -15.36 2.95 -7.35
N SER C 17 -16.52 2.35 -7.60
CA SER C 17 -17.83 2.80 -7.09
C SER C 17 -17.82 2.79 -5.56
N ILE C 18 -17.44 1.66 -4.95
CA ILE C 18 -17.35 1.53 -3.47
C ILE C 18 -16.51 2.70 -2.96
N LYS C 19 -15.28 2.84 -3.48
CA LYS C 19 -14.29 3.89 -3.09
C LYS C 19 -14.91 5.27 -3.26
N CYS C 20 -15.45 5.57 -4.44
CA CYS C 20 -16.07 6.87 -4.79
C CYS C 20 -17.24 7.18 -3.86
N CYS C 21 -18.01 6.14 -3.48
CA CYS C 21 -19.14 6.22 -2.50
C CYS C 21 -18.62 6.65 -1.13
N LEU C 22 -17.78 5.82 -0.50
CA LEU C 22 -17.07 6.12 0.78
C LEU C 22 -16.55 7.57 0.76
N GLU C 23 -15.89 7.96 -0.32
CA GLU C 23 -15.17 9.25 -0.49
C GLU C 23 -16.15 10.42 -0.41
N GLU C 24 -17.30 10.31 -1.09
CA GLU C 24 -18.39 11.35 -1.06
C GLU C 24 -19.39 11.05 0.07
N GLY C 25 -18.99 10.19 1.02
CA GLY C 25 -19.75 9.89 2.26
C GLY C 25 -21.14 9.36 1.99
N LEU C 26 -21.27 8.34 1.15
CA LEU C 26 -22.52 7.55 0.98
C LEU C 26 -22.30 6.19 1.67
N GLU C 27 -23.29 5.31 1.61
CA GLU C 27 -23.23 3.97 2.26
C GLU C 27 -23.31 2.88 1.19
N PRO C 28 -22.17 2.43 0.63
CA PRO C 28 -22.17 1.41 -0.42
C PRO C 28 -22.29 -0.02 0.13
N THR C 29 -23.22 -0.78 -0.43
CA THR C 29 -23.34 -2.26 -0.25
C THR C 29 -23.15 -2.92 -1.62
N CYS C 30 -22.03 -3.63 -1.78
CA CYS C 30 -21.56 -4.21 -3.06
C CYS C 30 -21.82 -5.71 -3.07
N PHE C 31 -22.61 -6.16 -4.04
CA PHE C 31 -22.95 -7.59 -4.28
C PHE C 31 -22.06 -8.14 -5.41
N GLU C 32 -21.13 -9.01 -5.05
CA GLU C 32 -20.30 -9.81 -5.99
C GLU C 32 -20.87 -11.24 -6.04
N ARG C 33 -20.95 -11.83 -7.23
CA ARG C 33 -21.58 -13.16 -7.46
C ARG C 33 -20.55 -14.28 -7.27
N SER C 34 -19.27 -13.98 -7.51
CA SER C 34 -18.13 -14.92 -7.30
C SER C 34 -17.59 -14.75 -5.88
N ASP C 35 -16.52 -15.45 -5.54
CA ASP C 35 -16.04 -15.59 -4.12
C ASP C 35 -14.88 -14.62 -3.84
N ASP C 36 -14.51 -13.77 -4.80
CA ASP C 36 -13.45 -12.74 -4.61
C ASP C 36 -13.58 -11.66 -5.68
N LEU C 37 -13.04 -10.48 -5.39
CA LEU C 37 -13.13 -9.28 -6.26
C LEU C 37 -12.34 -9.50 -7.57
N GLY C 38 -12.24 -8.45 -8.40
CA GLY C 38 -11.42 -8.39 -9.62
C GLY C 38 -12.22 -8.69 -10.89
N GLY C 39 -13.17 -9.62 -10.75
CA GLY C 39 -13.89 -10.24 -11.88
C GLY C 39 -12.92 -10.79 -12.91
N LEU C 40 -12.68 -10.01 -13.98
CA LEU C 40 -11.85 -10.44 -15.13
C LEU C 40 -10.45 -10.77 -14.66
N TRP C 41 -9.81 -9.80 -14.02
CA TRP C 41 -8.36 -9.81 -13.69
C TRP C 41 -8.02 -10.95 -12.74
N ARG C 42 -9.00 -11.48 -12.02
CA ARG C 42 -8.78 -12.68 -11.20
C ARG C 42 -8.81 -13.88 -12.13
N PHE C 43 -7.64 -14.41 -12.46
CA PHE C 43 -7.53 -15.66 -13.25
C PHE C 43 -7.94 -16.82 -12.32
N THR C 44 -8.96 -17.57 -12.72
CA THR C 44 -9.27 -18.92 -12.16
C THR C 44 -8.93 -19.97 -13.22
N GLU C 45 -8.81 -21.23 -12.80
CA GLU C 45 -8.62 -22.39 -13.71
C GLU C 45 -9.94 -22.63 -14.43
N HIS C 46 -11.03 -22.68 -13.67
CA HIS C 46 -12.41 -22.93 -14.18
C HIS C 46 -12.97 -21.66 -14.81
N VAL C 47 -13.85 -21.81 -15.80
CA VAL C 47 -14.74 -20.72 -16.32
C VAL C 47 -15.93 -20.59 -15.37
N GLU C 48 -16.03 -19.47 -14.65
CA GLU C 48 -17.22 -19.16 -13.82
C GLU C 48 -18.23 -18.49 -14.76
N GLU C 49 -19.50 -18.89 -14.70
CA GLU C 49 -20.57 -18.25 -15.52
C GLU C 49 -20.95 -16.90 -14.88
N GLY C 50 -21.37 -15.94 -15.70
CA GLY C 50 -21.74 -14.57 -15.29
C GLY C 50 -20.52 -13.68 -15.05
N ARG C 51 -19.32 -14.23 -15.20
CA ARG C 51 -18.04 -13.58 -14.81
C ARG C 51 -17.01 -13.78 -15.94
N ALA C 52 -16.48 -12.68 -16.48
CA ALA C 52 -15.56 -12.67 -17.63
C ALA C 52 -14.40 -13.64 -17.37
N SER C 53 -13.92 -14.32 -18.42
CA SER C 53 -12.89 -15.38 -18.32
C SER C 53 -11.59 -14.97 -19.02
N LEU C 54 -10.48 -15.54 -18.55
CA LEU C 54 -9.11 -15.09 -18.88
C LEU C 54 -8.24 -16.33 -19.14
N TYR C 55 -7.35 -16.24 -20.13
CA TYR C 55 -6.26 -17.23 -20.36
C TYR C 55 -5.06 -16.83 -19.49
N LYS C 56 -4.27 -17.84 -19.09
CA LYS C 56 -3.21 -17.72 -18.05
C LYS C 56 -2.16 -16.65 -18.43
N SER C 57 -1.91 -16.44 -19.71
CA SER C 57 -0.73 -15.66 -20.21
C SER C 57 -1.03 -14.16 -20.28
N VAL C 58 -2.29 -13.74 -20.12
CA VAL C 58 -2.72 -12.33 -20.37
C VAL C 58 -1.82 -11.37 -19.58
N VAL C 59 -1.39 -10.29 -20.25
CA VAL C 59 -0.76 -9.09 -19.62
C VAL C 59 -1.48 -7.85 -20.17
N SER C 60 -1.53 -6.79 -19.36
CA SER C 60 -2.18 -5.50 -19.70
C SER C 60 -1.76 -5.07 -21.10
N ASN C 61 -2.70 -4.55 -21.89
CA ASN C 61 -2.42 -3.99 -23.25
C ASN C 61 -2.49 -2.47 -23.12
N SER C 62 -2.71 -1.98 -21.91
CA SER C 62 -2.53 -0.56 -21.53
C SER C 62 -1.47 -0.51 -20.43
N CYS C 63 -0.61 0.51 -20.47
CA CYS C 63 0.66 0.54 -19.69
C CYS C 63 0.39 0.95 -18.24
N LYS C 64 1.36 0.67 -17.38
CA LYS C 64 1.30 0.84 -15.90
C LYS C 64 0.82 2.25 -15.55
N GLU C 65 1.66 3.25 -15.77
CA GLU C 65 1.35 4.66 -15.39
C GLU C 65 0.45 5.22 -16.48
N MET C 66 -0.83 4.83 -16.49
CA MET C 66 -1.79 5.14 -17.60
C MET C 66 -3.11 4.39 -17.40
N SER C 67 -3.07 3.27 -16.69
CA SER C 67 -4.24 2.39 -16.43
C SER C 67 -4.34 2.09 -14.93
N CYS C 68 -3.99 3.06 -14.10
CA CYS C 68 -4.07 2.95 -12.62
C CYS C 68 -5.14 3.91 -12.11
N TYR C 69 -5.78 3.60 -10.98
CA TYR C 69 -6.71 4.54 -10.31
C TYR C 69 -5.95 5.86 -10.10
N SER C 70 -6.62 6.97 -10.37
CA SER C 70 -6.03 8.35 -10.46
C SER C 70 -5.25 8.73 -9.19
N ASP C 71 -5.63 8.18 -8.03
CA ASP C 71 -5.05 8.54 -6.71
C ASP C 71 -4.25 7.37 -6.13
N PHE C 72 -4.03 6.33 -6.94
CA PHE C 72 -3.38 5.06 -6.49
C PHE C 72 -2.52 4.50 -7.61
N PRO C 73 -1.24 4.91 -7.71
CA PRO C 73 -0.36 4.41 -8.77
C PRO C 73 -0.04 2.93 -8.52
N PHE C 74 0.40 2.24 -9.57
CA PHE C 74 0.97 0.87 -9.43
C PHE C 74 2.26 1.01 -8.62
N PRO C 75 2.71 -0.06 -7.92
CA PRO C 75 4.04 -0.08 -7.32
C PRO C 75 5.13 0.31 -8.32
N GLU C 76 6.28 0.78 -7.81
CA GLU C 76 7.46 1.17 -8.63
C GLU C 76 8.06 -0.08 -9.28
N ASP C 77 7.94 -1.22 -8.60
CA ASP C 77 8.63 -2.49 -8.99
C ASP C 77 7.75 -3.28 -9.98
N TYR C 78 6.57 -2.76 -10.32
CA TYR C 78 5.61 -3.41 -11.27
C TYR C 78 6.07 -3.18 -12.69
N PRO C 79 6.05 -4.21 -13.56
CA PRO C 79 6.49 -4.05 -14.94
C PRO C 79 5.56 -3.11 -15.70
N ASN C 80 6.06 -2.45 -16.74
CA ASN C 80 5.32 -1.36 -17.45
C ASN C 80 3.99 -1.86 -18.00
N TYR C 81 3.92 -3.14 -18.39
CA TYR C 81 2.66 -3.87 -18.74
C TYR C 81 2.52 -5.08 -17.82
N VAL C 82 1.48 -5.06 -16.97
CA VAL C 82 1.34 -5.98 -15.79
C VAL C 82 0.59 -7.23 -16.21
N PRO C 83 1.11 -8.44 -15.85
CA PRO C 83 0.36 -9.68 -15.98
C PRO C 83 -0.92 -9.72 -15.12
N ASN C 84 -1.90 -10.53 -15.55
CA ASN C 84 -3.21 -10.76 -14.86
C ASN C 84 -2.99 -11.08 -13.38
N SER C 85 -1.92 -11.81 -13.05
CA SER C 85 -1.52 -12.14 -11.66
C SER C 85 -1.32 -10.84 -10.87
N GLN C 86 -0.49 -9.94 -11.38
CA GLN C 86 -0.03 -8.71 -10.68
C GLN C 86 -1.17 -7.67 -10.71
N PHE C 87 -1.94 -7.61 -11.79
CA PHE C 87 -3.07 -6.66 -11.92
C PHE C 87 -4.03 -6.90 -10.77
N LEU C 88 -4.32 -8.18 -10.48
CA LEU C 88 -5.24 -8.59 -9.39
C LEU C 88 -4.72 -8.10 -8.04
N GLU C 89 -3.45 -8.42 -7.72
CA GLU C 89 -2.76 -7.90 -6.51
C GLU C 89 -3.02 -6.39 -6.42
N TYR C 90 -2.73 -5.63 -7.49
CA TYR C 90 -2.92 -4.16 -7.52
C TYR C 90 -4.35 -3.79 -7.12
N LEU C 91 -5.34 -4.55 -7.59
CA LEU C 91 -6.77 -4.30 -7.24
C LEU C 91 -6.99 -4.65 -5.77
N LYS C 92 -6.49 -5.80 -5.31
CA LYS C 92 -6.65 -6.24 -3.89
C LYS C 92 -5.97 -5.21 -2.97
N MET C 93 -5.00 -4.45 -3.48
CA MET C 93 -4.27 -3.36 -2.75
C MET C 93 -5.16 -2.11 -2.66
N TYR C 94 -5.74 -1.71 -3.78
CA TYR C 94 -6.73 -0.60 -3.87
C TYR C 94 -7.84 -0.85 -2.86
N ALA C 95 -8.35 -2.09 -2.84
CA ALA C 95 -9.46 -2.57 -1.98
C ALA C 95 -9.08 -2.47 -0.50
N ASN C 96 -7.90 -3.01 -0.17
CA ASN C 96 -7.32 -2.96 1.20
C ASN C 96 -7.10 -1.49 1.60
N ARG C 97 -6.39 -0.72 0.76
CA ARG C 97 -5.98 0.68 1.06
C ARG C 97 -7.18 1.49 1.54
N PHE C 98 -8.18 1.62 0.68
CA PHE C 98 -9.35 2.52 0.89
C PHE C 98 -10.50 1.78 1.58
N ASN C 99 -10.21 0.62 2.18
CA ASN C 99 -11.05 -0.02 3.23
C ASN C 99 -12.37 -0.52 2.60
N LEU C 100 -12.29 -1.01 1.36
CA LEU C 100 -13.47 -1.34 0.51
C LEU C 100 -13.97 -2.75 0.81
N LEU C 101 -13.06 -3.63 1.26
CA LEU C 101 -13.36 -5.07 1.50
C LEU C 101 -14.61 -5.20 2.36
N LYS C 102 -14.69 -4.40 3.43
CA LYS C 102 -15.86 -4.28 4.36
C LYS C 102 -17.19 -4.45 3.62
N HIS C 103 -17.40 -3.66 2.57
CA HIS C 103 -18.74 -3.32 2.01
C HIS C 103 -19.19 -4.36 0.98
N ILE C 104 -18.36 -5.38 0.71
CA ILE C 104 -18.63 -6.38 -0.36
C ILE C 104 -19.22 -7.65 0.27
N GLN C 105 -20.34 -8.11 -0.28
CA GLN C 105 -20.92 -9.45 0.00
C GLN C 105 -20.64 -10.38 -1.19
N PHE C 106 -19.79 -11.38 -0.97
CA PHE C 106 -19.36 -12.37 -2.00
C PHE C 106 -20.41 -13.48 -2.10
N LYS C 107 -20.39 -14.20 -3.21
CA LYS C 107 -21.31 -15.33 -3.50
C LYS C 107 -22.75 -14.81 -3.44
N THR C 108 -22.99 -13.65 -4.04
CA THR C 108 -24.28 -12.92 -3.93
C THR C 108 -24.72 -12.43 -5.32
N LYS C 109 -25.39 -13.30 -6.09
CA LYS C 109 -25.97 -12.91 -7.41
C LYS C 109 -27.02 -11.83 -7.19
N VAL C 110 -26.98 -10.75 -7.95
CA VAL C 110 -28.10 -9.76 -8.02
C VAL C 110 -29.12 -10.30 -9.02
N CYS C 111 -30.13 -11.00 -8.53
CA CYS C 111 -31.15 -11.72 -9.35
C CYS C 111 -32.07 -10.73 -10.05
N SER C 112 -32.33 -9.57 -9.42
CA SER C 112 -33.20 -8.50 -9.99
C SER C 112 -33.03 -7.17 -9.26
N VAL C 113 -33.02 -6.08 -10.04
CA VAL C 113 -33.14 -4.67 -9.55
C VAL C 113 -34.38 -4.06 -10.21
N THR C 114 -35.37 -3.71 -9.38
CA THR C 114 -36.68 -3.16 -9.83
C THR C 114 -36.95 -1.85 -9.08
N LYS C 115 -37.45 -0.83 -9.80
CA LYS C 115 -38.00 0.42 -9.19
C LYS C 115 -38.91 0.03 -8.03
N CYS C 116 -38.80 0.73 -6.89
CA CYS C 116 -39.80 0.66 -5.79
C CYS C 116 -41.14 1.14 -6.34
N PRO C 117 -42.29 0.69 -5.78
CA PRO C 117 -43.61 1.15 -6.27
C PRO C 117 -43.74 2.67 -6.17
N ASP C 118 -43.12 3.28 -5.16
CA ASP C 118 -43.18 4.74 -4.86
C ASP C 118 -42.13 5.51 -5.67
N PHE C 119 -41.29 4.80 -6.43
CA PHE C 119 -40.04 5.31 -7.07
C PHE C 119 -40.18 6.79 -7.46
N THR C 120 -41.23 7.10 -8.22
CA THR C 120 -41.44 8.43 -8.86
C THR C 120 -41.20 9.58 -7.86
N VAL C 121 -41.33 9.32 -6.55
CA VAL C 121 -41.11 10.32 -5.45
C VAL C 121 -39.84 9.99 -4.65
N THR C 122 -39.64 8.71 -4.32
CA THR C 122 -38.57 8.22 -3.40
C THR C 122 -37.24 8.04 -4.16
N GLY C 123 -37.32 7.55 -5.41
CA GLY C 123 -36.17 7.27 -6.28
C GLY C 123 -35.38 6.04 -5.82
N GLN C 124 -36.08 5.06 -5.24
CA GLN C 124 -35.47 3.88 -4.55
C GLN C 124 -35.61 2.63 -5.43
N TRP C 125 -34.95 1.54 -5.00
CA TRP C 125 -34.83 0.27 -5.79
C TRP C 125 -34.95 -0.94 -4.87
N GLU C 126 -35.66 -1.98 -5.36
CA GLU C 126 -35.72 -3.33 -4.72
C GLU C 126 -34.66 -4.22 -5.37
N VAL C 127 -33.64 -4.60 -4.59
CA VAL C 127 -32.48 -5.42 -5.05
C VAL C 127 -32.63 -6.83 -4.49
N VAL C 128 -33.03 -7.79 -5.32
CA VAL C 128 -33.21 -9.23 -4.92
C VAL C 128 -31.90 -9.96 -5.17
N THR C 129 -31.34 -10.58 -4.13
CA THR C 129 -29.97 -11.15 -4.12
C THR C 129 -29.98 -12.59 -3.56
N GLN C 130 -29.57 -13.56 -4.37
CA GLN C 130 -29.43 -14.99 -3.97
C GLN C 130 -28.04 -15.20 -3.33
N HIS C 131 -28.01 -15.86 -2.18
CA HIS C 131 -26.78 -16.24 -1.42
C HIS C 131 -27.00 -17.58 -0.73
N GLU C 132 -26.17 -18.58 -1.02
CA GLU C 132 -26.34 -19.99 -0.54
C GLU C 132 -27.77 -20.45 -0.87
N GLY C 133 -28.26 -20.10 -2.07
CA GLY C 133 -29.59 -20.49 -2.60
C GLY C 133 -30.74 -19.91 -1.79
N LYS C 134 -30.55 -18.73 -1.19
CA LYS C 134 -31.55 -18.02 -0.34
C LYS C 134 -31.75 -16.60 -0.88
N GLN C 135 -32.86 -16.35 -1.60
CA GLN C 135 -33.27 -15.01 -2.10
C GLN C 135 -33.47 -14.09 -0.89
N GLU C 136 -33.16 -12.79 -1.05
CA GLU C 136 -33.32 -11.78 0.01
C GLU C 136 -33.49 -10.39 -0.62
N SER C 137 -34.71 -9.84 -0.58
CA SER C 137 -35.01 -8.45 -1.04
C SER C 137 -34.41 -7.47 -0.04
N ALA C 138 -34.23 -6.22 -0.48
CA ALA C 138 -33.68 -5.10 0.31
C ALA C 138 -33.82 -3.81 -0.51
N ILE C 139 -34.19 -2.70 0.14
CA ILE C 139 -34.47 -1.40 -0.53
C ILE C 139 -33.20 -0.54 -0.50
N PHE C 140 -32.87 0.12 -1.60
CA PHE C 140 -31.68 1.00 -1.72
C PHE C 140 -32.09 2.32 -2.38
N ASP C 141 -31.41 3.41 -1.98
CA ASP C 141 -31.70 4.80 -2.43
C ASP C 141 -31.22 4.98 -3.87
N ALA C 142 -30.20 4.22 -4.28
CA ALA C 142 -29.60 4.25 -5.65
C ALA C 142 -28.77 2.99 -5.91
N VAL C 143 -28.63 2.62 -7.18
CA VAL C 143 -27.92 1.39 -7.63
C VAL C 143 -26.88 1.74 -8.69
N MET C 144 -25.63 1.32 -8.47
CA MET C 144 -24.51 1.42 -9.46
C MET C 144 -24.20 0.01 -9.99
N VAL C 145 -24.41 -0.22 -11.29
CA VAL C 145 -24.18 -1.55 -11.94
C VAL C 145 -22.79 -1.57 -12.59
N CYS C 146 -21.99 -2.56 -12.20
CA CYS C 146 -20.57 -2.74 -12.59
C CYS C 146 -20.34 -4.18 -13.03
N THR C 147 -21.24 -4.68 -13.89
CA THR C 147 -21.19 -6.05 -14.48
C THR C 147 -20.17 -6.02 -15.63
N GLY C 148 -19.94 -4.82 -16.18
CA GLY C 148 -19.15 -4.61 -17.41
C GLY C 148 -19.73 -5.43 -18.55
N PHE C 149 -18.88 -6.00 -19.39
CA PHE C 149 -19.23 -6.87 -20.55
C PHE C 149 -18.14 -7.94 -20.64
N LEU C 150 -17.96 -8.58 -21.79
CA LEU C 150 -16.83 -9.53 -22.03
C LEU C 150 -17.01 -10.80 -21.19
N THR C 151 -18.23 -11.11 -20.76
CA THR C 151 -18.56 -12.38 -20.04
C THR C 151 -19.38 -13.27 -20.99
N ASP C 152 -20.44 -12.71 -21.59
CA ASP C 152 -21.33 -13.37 -22.57
C ASP C 152 -20.56 -13.59 -23.88
N PRO C 153 -20.18 -14.83 -24.25
CA PRO C 153 -19.48 -15.08 -25.51
C PRO C 153 -20.35 -14.83 -26.74
N TYR C 154 -19.72 -14.48 -27.87
CA TYR C 154 -20.38 -14.27 -29.18
C TYR C 154 -19.78 -15.22 -30.22
N LEU C 155 -20.62 -16.08 -30.80
CA LEU C 155 -20.17 -17.26 -31.59
C LEU C 155 -21.18 -17.57 -32.71
N PRO C 156 -21.26 -16.70 -33.75
CA PRO C 156 -22.30 -16.84 -34.79
C PRO C 156 -21.99 -17.99 -35.76
N LEU C 157 -22.45 -19.19 -35.41
CA LEU C 157 -22.12 -20.47 -36.11
C LEU C 157 -22.75 -20.48 -37.52
N ASP C 158 -23.88 -19.81 -37.70
CA ASP C 158 -24.45 -19.49 -39.04
C ASP C 158 -23.33 -19.02 -39.96
N SER C 159 -22.54 -18.06 -39.49
CA SER C 159 -21.50 -17.32 -40.26
C SER C 159 -20.35 -18.24 -40.71
N PHE C 160 -20.28 -19.48 -40.21
CA PHE C 160 -19.21 -20.46 -40.51
C PHE C 160 -19.83 -21.74 -41.04
N PRO C 161 -20.15 -21.82 -42.35
CA PRO C 161 -20.96 -22.92 -42.88
C PRO C 161 -20.29 -24.30 -42.73
N GLY C 162 -21.06 -25.26 -42.21
CA GLY C 162 -20.66 -26.67 -42.08
C GLY C 162 -19.70 -26.88 -40.93
N ILE C 163 -19.70 -25.99 -39.94
CA ILE C 163 -18.86 -26.13 -38.72
C ILE C 163 -19.40 -27.32 -37.91
N ASN C 164 -20.71 -27.56 -37.99
CA ASN C 164 -21.41 -28.74 -37.39
C ASN C 164 -20.70 -30.02 -37.82
N THR C 165 -20.28 -30.10 -39.08
CA THR C 165 -19.72 -31.32 -39.73
C THR C 165 -18.32 -31.61 -39.19
N PHE C 166 -17.65 -30.58 -38.65
CA PHE C 166 -16.25 -30.65 -38.16
C PHE C 166 -16.15 -31.73 -37.08
N LYS C 167 -15.14 -32.61 -37.19
CA LYS C 167 -14.94 -33.80 -36.31
C LYS C 167 -13.73 -33.60 -35.40
N GLY C 168 -12.95 -32.54 -35.59
CA GLY C 168 -12.00 -32.03 -34.58
C GLY C 168 -12.75 -31.33 -33.47
N GLN C 169 -12.04 -30.71 -32.51
CA GLN C 169 -12.64 -29.92 -31.40
C GLN C 169 -12.52 -28.41 -31.68
N TYR C 170 -13.53 -27.65 -31.27
CA TYR C 170 -13.55 -26.17 -31.42
C TYR C 170 -14.19 -25.55 -30.17
N PHE C 171 -13.93 -24.26 -29.94
CA PHE C 171 -14.47 -23.49 -28.78
C PHE C 171 -14.25 -21.99 -28.96
N HIS C 172 -14.90 -21.21 -28.09
CA HIS C 172 -14.80 -19.73 -28.02
C HIS C 172 -13.59 -19.33 -27.18
N SER C 173 -12.92 -18.24 -27.55
CA SER C 173 -11.73 -17.71 -26.82
C SER C 173 -11.95 -17.85 -25.31
N ARG C 174 -13.12 -17.41 -24.83
CA ARG C 174 -13.56 -17.48 -23.39
C ARG C 174 -13.05 -18.77 -22.74
N GLN C 175 -13.40 -19.90 -23.34
CA GLN C 175 -13.15 -21.27 -22.78
C GLN C 175 -11.64 -21.55 -22.75
N TYR C 176 -10.83 -20.75 -23.46
CA TYR C 176 -9.37 -20.96 -23.52
C TYR C 176 -8.72 -20.62 -22.17
N LYS C 177 -7.78 -21.48 -21.74
CA LYS C 177 -7.00 -21.28 -20.49
C LYS C 177 -5.50 -21.51 -20.76
N HIS C 178 -5.17 -22.72 -21.23
CA HIS C 178 -3.74 -23.18 -21.35
C HIS C 178 -3.43 -23.68 -22.76
N PRO C 179 -2.21 -23.41 -23.28
CA PRO C 179 -1.83 -23.76 -24.65
C PRO C 179 -1.42 -25.22 -24.86
N ASP C 180 -1.34 -25.99 -23.78
CA ASP C 180 -1.02 -27.45 -23.82
C ASP C 180 -1.88 -28.12 -24.91
N ILE C 181 -3.15 -27.74 -25.00
CA ILE C 181 -4.20 -28.52 -25.71
C ILE C 181 -3.88 -28.60 -27.21
N PHE C 182 -3.19 -27.61 -27.77
CA PHE C 182 -2.66 -27.70 -29.15
C PHE C 182 -1.16 -27.96 -29.11
N LYS C 183 -0.77 -29.16 -28.63
CA LYS C 183 0.66 -29.56 -28.57
C LYS C 183 1.18 -29.60 -30.00
N ASP C 184 0.79 -30.60 -30.77
CA ASP C 184 1.34 -30.81 -32.14
C ASP C 184 0.22 -30.64 -33.16
N LYS C 185 -0.87 -29.98 -32.77
CA LYS C 185 -2.12 -29.96 -33.57
C LYS C 185 -1.98 -28.93 -34.71
N ARG C 186 -3.00 -28.90 -35.57
CA ARG C 186 -3.15 -27.92 -36.68
C ARG C 186 -4.25 -26.94 -36.30
N VAL C 187 -3.87 -25.73 -35.92
CA VAL C 187 -4.78 -24.79 -35.20
C VAL C 187 -5.24 -23.68 -36.14
N LEU C 188 -6.56 -23.43 -36.14
CA LEU C 188 -7.16 -22.26 -36.80
C LEU C 188 -7.75 -21.34 -35.73
N VAL C 189 -7.11 -20.19 -35.48
CA VAL C 189 -7.71 -19.10 -34.67
C VAL C 189 -8.56 -18.23 -35.60
N VAL C 190 -9.87 -18.18 -35.34
CA VAL C 190 -10.84 -17.37 -36.12
C VAL C 190 -10.97 -16.03 -35.41
N GLY C 191 -10.83 -14.94 -36.15
CA GLY C 191 -11.00 -13.57 -35.63
C GLY C 191 -9.70 -13.04 -35.07
N MET C 192 -9.23 -11.92 -35.62
CA MET C 192 -7.97 -11.24 -35.21
C MET C 192 -8.28 -10.25 -34.07
N GLY C 193 -9.17 -10.64 -33.15
CA GLY C 193 -9.32 -9.97 -31.86
C GLY C 193 -8.01 -10.01 -31.09
N ASN C 194 -7.76 -9.03 -30.23
CA ASN C 194 -6.56 -8.99 -29.34
C ASN C 194 -6.36 -10.37 -28.72
N SER C 195 -7.46 -10.97 -28.24
CA SER C 195 -7.53 -12.35 -27.70
C SER C 195 -7.08 -13.35 -28.76
N GLY C 196 -7.69 -13.30 -29.96
CA GLY C 196 -7.36 -14.16 -31.11
C GLY C 196 -5.88 -14.18 -31.39
N THR C 197 -5.36 -13.03 -31.82
CA THR C 197 -3.91 -12.80 -32.12
C THR C 197 -3.06 -13.39 -31.00
N ASP C 198 -3.32 -13.00 -29.75
CA ASP C 198 -2.58 -13.46 -28.55
C ASP C 198 -2.56 -15.00 -28.49
N ILE C 199 -3.71 -15.63 -28.75
CA ILE C 199 -3.85 -17.13 -28.64
C ILE C 199 -3.07 -17.76 -29.79
N ALA C 200 -3.38 -17.35 -31.03
CA ALA C 200 -2.71 -17.81 -32.26
C ALA C 200 -1.20 -17.83 -32.04
N VAL C 201 -0.64 -16.67 -31.72
CA VAL C 201 0.80 -16.50 -31.36
C VAL C 201 1.17 -17.57 -30.33
N GLU C 202 0.41 -17.66 -29.24
CA GLU C 202 0.71 -18.59 -28.12
C GLU C 202 0.74 -20.02 -28.66
N ALA C 203 -0.29 -20.42 -29.41
CA ALA C 203 -0.43 -21.76 -30.03
C ALA C 203 0.84 -22.10 -30.82
N SER C 204 1.33 -21.13 -31.59
CA SER C 204 2.51 -21.23 -32.49
C SER C 204 3.72 -21.78 -31.73
N HIS C 205 3.84 -21.44 -30.45
CA HIS C 205 4.94 -21.92 -29.58
C HIS C 205 5.06 -23.45 -29.71
N LEU C 206 3.92 -24.14 -29.79
CA LEU C 206 3.86 -25.63 -29.67
C LEU C 206 3.29 -26.24 -30.95
N ALA C 207 2.13 -25.77 -31.40
CA ALA C 207 1.30 -26.39 -32.47
C ALA C 207 2.12 -26.59 -33.74
N LYS C 208 1.83 -27.67 -34.48
CA LYS C 208 2.53 -28.04 -35.74
C LYS C 208 2.34 -26.95 -36.78
N LYS C 209 1.12 -26.41 -36.87
CA LYS C 209 0.73 -25.32 -37.80
C LYS C 209 -0.32 -24.45 -37.13
N VAL C 210 -0.26 -23.13 -37.37
CA VAL C 210 -1.28 -22.18 -36.84
C VAL C 210 -1.70 -21.23 -37.96
N PHE C 211 -3.00 -21.08 -38.14
CA PHE C 211 -3.63 -20.12 -39.08
C PHE C 211 -4.51 -19.15 -38.29
N LEU C 212 -4.37 -17.86 -38.56
CA LEU C 212 -5.16 -16.78 -37.93
C LEU C 212 -6.08 -16.22 -39.01
N SER C 213 -7.35 -16.64 -39.02
CA SER C 213 -8.33 -16.22 -40.05
C SER C 213 -8.96 -14.88 -39.66
N THR C 214 -8.55 -13.80 -40.33
CA THR C 214 -9.17 -12.45 -40.19
C THR C 214 -10.44 -12.41 -41.06
N THR C 215 -11.05 -11.23 -41.18
CA THR C 215 -12.25 -10.98 -42.03
C THR C 215 -12.07 -9.62 -42.71
N GLY C 216 -11.89 -8.56 -41.92
CA GLY C 216 -11.55 -7.23 -42.42
C GLY C 216 -10.04 -7.00 -42.45
N GLY C 217 -9.28 -7.83 -41.73
CA GLY C 217 -7.87 -7.52 -41.38
C GLY C 217 -7.82 -6.46 -40.30
N ALA C 218 -6.63 -6.06 -39.87
CA ALA C 218 -6.43 -5.12 -38.73
C ALA C 218 -5.05 -4.48 -38.79
N TRP C 219 -4.92 -3.28 -38.20
CA TRP C 219 -3.61 -2.65 -37.89
C TRP C 219 -3.07 -3.27 -36.59
N VAL C 220 -1.75 -3.48 -36.53
CA VAL C 220 -1.05 -4.20 -35.44
C VAL C 220 0.13 -3.34 -34.99
N MET C 221 0.24 -3.10 -33.68
CA MET C 221 1.35 -2.30 -33.07
C MET C 221 1.86 -3.01 -31.82
N SER C 222 3.12 -2.75 -31.47
CA SER C 222 3.82 -3.31 -30.29
C SER C 222 3.56 -2.43 -29.06
N ARG C 223 3.61 -3.05 -27.87
CA ARG C 223 3.71 -2.33 -26.57
C ARG C 223 5.00 -1.51 -26.58
N VAL C 224 6.05 -2.08 -27.17
CA VAL C 224 7.43 -1.51 -27.25
C VAL C 224 7.35 -0.09 -27.85
N PHE C 225 6.73 0.04 -29.03
CA PHE C 225 6.47 1.32 -29.74
C PHE C 225 7.75 2.19 -29.79
N ASP C 226 7.60 3.51 -29.71
CA ASP C 226 8.67 4.50 -30.02
C ASP C 226 9.70 4.53 -28.89
N SER C 227 10.90 4.01 -29.16
CA SER C 227 12.11 4.13 -28.30
C SER C 227 11.92 3.32 -27.01
N GLY C 228 11.12 2.26 -27.06
CA GLY C 228 10.82 1.39 -25.90
C GLY C 228 9.98 2.12 -24.88
N TYR C 229 9.14 3.04 -25.35
CA TYR C 229 8.13 3.76 -24.54
C TYR C 229 6.79 3.05 -24.71
N PRO C 230 6.08 2.74 -23.62
CA PRO C 230 4.71 2.23 -23.72
C PRO C 230 3.91 3.11 -24.69
N TRP C 231 3.36 2.48 -25.73
CA TRP C 231 2.69 3.18 -26.86
C TRP C 231 1.76 4.27 -26.31
N ASP C 232 0.95 3.94 -25.29
CA ASP C 232 -0.12 4.84 -24.78
C ASP C 232 0.52 6.09 -24.16
N MET C 233 1.71 5.96 -23.56
CA MET C 233 2.43 7.09 -22.91
C MET C 233 2.96 8.05 -23.98
N VAL C 234 2.91 7.63 -25.25
CA VAL C 234 3.32 8.45 -26.43
C VAL C 234 2.07 8.90 -27.18
N PHE C 235 1.14 7.97 -27.40
CA PHE C 235 -0.06 8.14 -28.26
C PHE C 235 -1.13 8.94 -27.50
N THR C 236 -1.57 8.42 -26.36
CA THR C 236 -2.67 9.02 -25.54
C THR C 236 -2.07 10.11 -24.65
N THR C 237 -1.72 11.26 -25.27
CA THR C 237 -1.24 12.51 -24.62
C THR C 237 -2.09 13.69 -25.12
N ARG C 238 -2.40 14.66 -24.24
CA ARG C 238 -3.30 15.80 -24.53
C ARG C 238 -2.96 16.44 -25.88
N PHE C 239 -1.68 16.79 -26.09
CA PHE C 239 -1.17 17.50 -27.30
C PHE C 239 -1.54 16.71 -28.56
N GLN C 240 -1.11 15.44 -28.65
CA GLN C 240 -1.41 14.54 -29.79
C GLN C 240 -2.92 14.48 -29.98
N ASN C 241 -3.66 14.18 -28.91
CA ASN C 241 -5.15 14.03 -28.95
C ASN C 241 -5.77 15.31 -29.50
N MET C 242 -5.16 16.46 -29.20
CA MET C 242 -5.53 17.78 -29.79
C MET C 242 -5.35 17.70 -31.30
N LEU C 243 -4.13 17.40 -31.76
CA LEU C 243 -3.75 17.35 -33.21
C LEU C 243 -4.75 16.48 -33.97
N ARG C 244 -4.84 15.20 -33.61
CA ARG C 244 -5.72 14.18 -34.28
C ARG C 244 -7.13 14.74 -34.45
N ASN C 245 -7.71 15.28 -33.36
CA ASN C 245 -9.15 15.64 -33.28
C ASN C 245 -9.42 16.94 -34.03
N SER C 246 -8.42 17.80 -34.16
CA SER C 246 -8.47 19.05 -34.97
C SER C 246 -7.68 18.84 -36.28
N LEU C 247 -8.14 17.90 -37.11
CA LEU C 247 -7.44 17.44 -38.35
C LEU C 247 -8.32 16.46 -39.11
N PRO C 248 -8.55 16.64 -40.43
CA PRO C 248 -9.55 15.86 -41.17
C PRO C 248 -9.33 14.34 -41.20
N THR C 249 -10.41 13.58 -41.01
CA THR C 249 -10.41 12.09 -40.88
C THR C 249 -9.54 11.49 -42.00
N PRO C 250 -9.82 11.76 -43.29
CA PRO C 250 -9.00 11.21 -44.38
C PRO C 250 -7.48 11.32 -44.18
N ILE C 251 -6.97 12.43 -43.62
CA ILE C 251 -5.51 12.60 -43.35
C ILE C 251 -5.11 11.65 -42.21
N VAL C 252 -5.57 11.94 -40.99
CA VAL C 252 -5.15 11.23 -39.75
C VAL C 252 -5.13 9.72 -39.99
N THR C 253 -6.16 9.18 -40.66
CA THR C 253 -6.30 7.73 -40.97
C THR C 253 -5.14 7.30 -41.87
N TRP C 254 -4.90 8.02 -42.97
CA TRP C 254 -3.73 7.83 -43.87
C TRP C 254 -2.45 7.99 -43.04
N LEU C 255 -2.43 8.99 -42.17
CA LEU C 255 -1.25 9.37 -41.33
C LEU C 255 -0.91 8.21 -40.38
N MET C 256 -1.93 7.49 -39.92
CA MET C 256 -1.80 6.34 -38.97
C MET C 256 -1.17 5.16 -39.72
N ALA C 257 -1.74 4.81 -40.88
CA ALA C 257 -1.25 3.74 -41.78
C ALA C 257 0.28 3.85 -41.92
N ARG C 258 0.78 5.07 -42.19
CA ARG C 258 2.23 5.36 -42.24
C ARG C 258 2.89 4.84 -40.95
N LYS C 259 2.41 5.33 -39.80
CA LYS C 259 3.02 5.08 -38.47
C LYS C 259 2.79 3.62 -38.03
N MET C 260 1.85 2.91 -38.66
CA MET C 260 1.58 1.48 -38.39
C MET C 260 2.47 0.59 -39.27
N ASN C 261 2.65 0.99 -40.54
CA ASN C 261 3.42 0.24 -41.57
C ASN C 261 4.92 0.39 -41.30
N SER C 262 5.33 1.50 -40.71
CA SER C 262 6.74 1.83 -40.36
C SER C 262 7.38 0.70 -39.55
N TRP C 263 6.58 -0.13 -38.90
CA TRP C 263 7.06 -1.36 -38.21
C TRP C 263 7.29 -2.46 -39.24
N PHE C 264 6.24 -2.78 -40.01
CA PHE C 264 6.28 -3.80 -41.08
C PHE C 264 5.15 -3.53 -42.08
N ASN C 265 5.44 -3.65 -43.38
CA ASN C 265 4.47 -3.49 -44.49
C ASN C 265 3.31 -4.47 -44.26
N HIS C 266 2.20 -3.97 -43.73
CA HIS C 266 0.97 -4.74 -43.42
C HIS C 266 0.44 -5.44 -44.67
N ALA C 267 0.62 -4.83 -45.84
CA ALA C 267 0.17 -5.36 -47.15
C ALA C 267 0.86 -6.71 -47.43
N ASN C 268 2.19 -6.73 -47.31
CA ASN C 268 3.07 -7.92 -47.56
C ASN C 268 2.72 -9.07 -46.61
N TYR C 269 2.31 -8.75 -45.38
CA TYR C 269 2.00 -9.73 -44.30
C TYR C 269 0.55 -10.20 -44.41
N GLY C 270 -0.26 -9.47 -45.18
CA GLY C 270 -1.67 -9.81 -45.47
C GLY C 270 -2.58 -9.42 -44.33
N LEU C 271 -2.22 -8.35 -43.61
CA LEU C 271 -3.01 -7.81 -42.45
C LEU C 271 -3.85 -6.62 -42.91
N VAL C 272 -3.30 -5.80 -43.81
CA VAL C 272 -3.97 -4.58 -44.38
C VAL C 272 -5.49 -4.76 -44.34
N PRO C 273 -6.21 -3.93 -43.56
CA PRO C 273 -7.66 -3.84 -43.69
C PRO C 273 -8.06 -3.41 -45.11
N GLU C 274 -8.99 -4.16 -45.72
CA GLU C 274 -9.61 -3.84 -47.04
C GLU C 274 -10.20 -2.41 -47.00
N ASP C 275 -11.09 -2.16 -46.03
CA ASP C 275 -11.77 -0.85 -45.80
C ASP C 275 -10.89 0.00 -44.88
N ARG C 276 -10.19 0.98 -45.45
CA ARG C 276 -9.47 2.04 -44.67
C ARG C 276 -10.55 2.97 -44.09
N THR C 277 -10.23 4.23 -43.77
CA THR C 277 -11.19 5.34 -43.42
C THR C 277 -12.23 4.91 -42.36
N GLN C 278 -12.15 3.69 -41.83
CA GLN C 278 -13.08 3.12 -40.81
C GLN C 278 -12.22 2.28 -39.83
N LEU C 279 -11.25 2.93 -39.18
CA LEU C 279 -10.19 2.28 -38.37
C LEU C 279 -10.82 1.59 -37.15
N ARG C 280 -10.91 0.25 -37.20
CA ARG C 280 -11.32 -0.61 -36.06
C ARG C 280 -10.19 -0.62 -35.03
N GLU C 281 -10.49 -1.02 -33.78
CA GLU C 281 -9.50 -1.01 -32.66
C GLU C 281 -8.22 -1.70 -33.16
N PRO C 282 -7.04 -1.04 -33.07
CA PRO C 282 -5.79 -1.66 -33.49
C PRO C 282 -5.35 -2.77 -32.52
N VAL C 283 -4.90 -3.90 -33.07
CA VAL C 283 -4.43 -5.09 -32.30
C VAL C 283 -3.14 -4.71 -31.58
N LEU C 284 -2.94 -5.25 -30.38
CA LEU C 284 -1.70 -5.03 -29.58
C LEU C 284 -1.03 -6.37 -29.29
N ASN C 285 -0.04 -6.69 -30.11
CA ASN C 285 0.79 -7.92 -29.99
C ASN C 285 2.21 -7.58 -30.45
N ASP C 286 3.22 -8.03 -29.69
CA ASP C 286 4.66 -7.73 -29.96
C ASP C 286 5.32 -8.89 -30.71
N GLU C 287 4.66 -10.04 -30.76
CA GLU C 287 5.25 -11.29 -31.32
C GLU C 287 4.80 -11.47 -32.78
N LEU C 288 3.52 -11.22 -33.09
CA LEU C 288 2.85 -11.66 -34.35
C LEU C 288 3.85 -11.63 -35.50
N PRO C 289 4.35 -10.45 -35.94
CA PRO C 289 5.16 -10.38 -37.15
C PRO C 289 6.32 -11.39 -37.16
N GLY C 290 7.05 -11.47 -36.05
CA GLY C 290 8.07 -12.52 -35.80
C GLY C 290 7.57 -13.90 -36.18
N CYS C 291 6.30 -14.20 -35.86
CA CYS C 291 5.63 -15.50 -36.18
C CYS C 291 5.33 -15.60 -37.68
N ILE C 292 4.86 -14.50 -38.29
CA ILE C 292 4.45 -14.48 -39.72
C ILE C 292 5.68 -14.68 -40.59
N ILE C 293 6.76 -13.96 -40.29
CA ILE C 293 8.02 -14.00 -41.09
C ILE C 293 8.71 -15.36 -40.93
N THR C 294 8.51 -16.03 -39.80
CA THR C 294 9.04 -17.40 -39.51
C THR C 294 8.00 -18.48 -39.84
N GLY C 295 6.79 -18.07 -40.25
CA GLY C 295 5.73 -18.97 -40.73
C GLY C 295 5.16 -19.87 -39.65
N LYS C 296 5.31 -19.50 -38.37
CA LYS C 296 4.74 -20.26 -37.22
C LYS C 296 3.25 -19.91 -37.09
N VAL C 297 2.91 -18.67 -37.43
CA VAL C 297 1.51 -18.19 -37.64
C VAL C 297 1.41 -17.66 -39.06
N LEU C 298 0.32 -17.96 -39.76
CA LEU C 298 0.06 -17.45 -41.15
C LEU C 298 -1.36 -16.93 -41.23
N ILE C 299 -1.53 -15.68 -41.68
CA ILE C 299 -2.85 -14.99 -41.76
C ILE C 299 -3.63 -15.56 -42.94
N LYS C 300 -4.90 -15.92 -42.73
CA LYS C 300 -5.80 -16.47 -43.78
C LYS C 300 -7.02 -15.56 -43.89
N PRO C 301 -7.57 -15.39 -45.12
CA PRO C 301 -8.48 -14.29 -45.41
C PRO C 301 -9.83 -14.35 -44.69
N SER C 302 -10.39 -15.54 -44.54
CA SER C 302 -11.77 -15.74 -44.01
C SER C 302 -12.15 -17.20 -44.17
N ILE C 303 -13.04 -17.73 -43.33
CA ILE C 303 -13.58 -19.10 -43.54
C ILE C 303 -14.64 -19.03 -44.64
N LYS C 304 -14.46 -19.83 -45.70
CA LYS C 304 -15.45 -20.03 -46.81
C LYS C 304 -16.41 -21.16 -46.41
N GLU C 305 -15.86 -22.31 -46.04
CA GLU C 305 -16.59 -23.41 -45.35
C GLU C 305 -15.59 -24.27 -44.58
N VAL C 306 -16.10 -25.07 -43.65
CA VAL C 306 -15.27 -26.00 -42.82
C VAL C 306 -15.78 -27.42 -43.08
N LYS C 307 -14.85 -28.34 -43.34
CA LYS C 307 -15.11 -29.75 -43.76
C LYS C 307 -15.03 -30.67 -42.53
N GLU C 308 -15.19 -31.98 -42.74
CA GLU C 308 -15.12 -33.02 -41.68
C GLU C 308 -13.87 -32.78 -40.82
N ASN C 309 -12.70 -32.63 -41.45
CA ASN C 309 -11.39 -32.51 -40.76
C ASN C 309 -10.51 -31.47 -41.47
N SER C 310 -11.12 -30.40 -41.94
CA SER C 310 -10.42 -29.39 -42.79
C SER C 310 -11.25 -28.13 -42.94
N VAL C 311 -10.59 -27.04 -43.33
CA VAL C 311 -11.23 -25.70 -43.55
C VAL C 311 -10.82 -25.19 -44.91
N ILE C 312 -11.72 -24.45 -45.56
CA ILE C 312 -11.43 -23.75 -46.86
C ILE C 312 -11.68 -22.27 -46.64
N PHE C 313 -10.70 -21.45 -47.02
CA PHE C 313 -10.74 -19.97 -46.88
C PHE C 313 -11.10 -19.36 -48.25
N ASN C 314 -11.78 -18.21 -48.23
CA ASN C 314 -12.15 -17.43 -49.44
C ASN C 314 -10.88 -17.00 -50.18
N ASN C 315 -10.93 -16.88 -51.50
CA ASN C 315 -9.78 -16.44 -52.34
C ASN C 315 -8.54 -17.28 -52.00
N THR C 316 -8.74 -18.50 -51.51
CA THR C 316 -7.66 -19.39 -51.02
C THR C 316 -7.88 -20.78 -51.62
N PRO C 317 -7.09 -21.15 -52.64
CA PRO C 317 -7.29 -22.43 -53.32
C PRO C 317 -6.96 -23.64 -52.41
N LYS C 318 -5.91 -23.51 -51.58
CA LYS C 318 -5.47 -24.61 -50.69
C LYS C 318 -6.47 -24.82 -49.54
N GLU C 319 -7.09 -26.00 -49.53
CA GLU C 319 -7.83 -26.61 -48.39
C GLU C 319 -6.79 -27.00 -47.33
N GLU C 320 -7.02 -26.62 -46.05
CA GLU C 320 -6.02 -26.75 -44.96
C GLU C 320 -6.52 -27.72 -43.90
N PRO C 321 -5.76 -28.80 -43.61
CA PRO C 321 -6.17 -29.76 -42.61
C PRO C 321 -6.07 -29.07 -41.24
N ILE C 322 -7.12 -29.15 -40.44
CA ILE C 322 -7.22 -28.46 -39.10
C ILE C 322 -7.69 -29.47 -38.05
N ASP C 323 -7.15 -29.39 -36.84
CA ASP C 323 -7.52 -30.25 -35.69
C ASP C 323 -8.35 -29.45 -34.68
N ILE C 324 -7.97 -28.19 -34.46
CA ILE C 324 -8.58 -27.29 -33.42
C ILE C 324 -8.94 -25.95 -34.06
N ILE C 325 -10.18 -25.52 -33.87
CA ILE C 325 -10.66 -24.17 -34.29
C ILE C 325 -10.98 -23.38 -33.02
N VAL C 326 -10.32 -22.24 -32.83
CA VAL C 326 -10.55 -21.31 -31.70
C VAL C 326 -11.26 -20.06 -32.24
N PHE C 327 -12.46 -19.78 -31.76
CA PHE C 327 -13.28 -18.62 -32.20
C PHE C 327 -13.05 -17.45 -31.24
N ALA C 328 -12.13 -16.55 -31.60
CA ALA C 328 -11.85 -15.27 -30.89
C ALA C 328 -12.77 -14.19 -31.43
N THR C 329 -14.07 -14.51 -31.45
CA THR C 329 -15.14 -13.79 -32.19
C THR C 329 -15.79 -12.73 -31.29
N GLY C 330 -15.20 -12.48 -30.12
CA GLY C 330 -15.62 -11.40 -29.22
C GLY C 330 -16.74 -11.83 -28.28
N TYR C 331 -17.34 -10.86 -27.58
CA TYR C 331 -18.41 -11.08 -26.58
C TYR C 331 -19.58 -10.14 -26.85
N THR C 332 -20.78 -10.56 -26.42
CA THR C 332 -22.01 -9.72 -26.33
C THR C 332 -22.04 -9.09 -24.94
N PHE C 333 -23.20 -8.56 -24.54
CA PHE C 333 -23.48 -8.13 -23.14
C PHE C 333 -24.98 -8.00 -22.94
N ALA C 334 -25.42 -8.17 -21.69
CA ALA C 334 -26.84 -8.09 -21.26
C ALA C 334 -26.93 -7.65 -19.79
N PHE C 335 -28.14 -7.33 -19.34
CA PHE C 335 -28.43 -7.02 -17.90
C PHE C 335 -29.69 -7.78 -17.48
N PRO C 336 -29.54 -9.06 -17.05
CA PRO C 336 -30.69 -9.89 -16.66
C PRO C 336 -31.47 -9.35 -15.45
N PHE C 337 -30.81 -8.56 -14.60
CA PHE C 337 -31.37 -8.03 -13.33
C PHE C 337 -32.08 -6.68 -13.57
N LEU C 338 -31.71 -5.98 -14.65
CA LEU C 338 -32.48 -4.78 -15.13
C LEU C 338 -33.64 -5.25 -16.02
N ASP C 339 -34.71 -4.46 -16.06
CA ASP C 339 -35.86 -4.64 -16.98
C ASP C 339 -35.65 -3.72 -18.20
N GLU C 340 -36.23 -4.08 -19.36
CA GLU C 340 -36.11 -3.32 -20.63
C GLU C 340 -36.59 -1.87 -20.43
N SER C 341 -37.57 -1.66 -19.55
CA SER C 341 -38.11 -0.33 -19.17
C SER C 341 -36.98 0.61 -18.76
N VAL C 342 -35.89 0.05 -18.20
CA VAL C 342 -34.76 0.80 -17.58
C VAL C 342 -33.61 0.92 -18.62
N VAL C 343 -33.10 -0.20 -19.12
CA VAL C 343 -31.93 -0.26 -20.05
C VAL C 343 -32.30 -1.11 -21.28
N LYS C 344 -31.85 -0.69 -22.46
CA LYS C 344 -32.38 -1.13 -23.78
C LYS C 344 -31.64 -2.39 -24.24
N VAL C 345 -30.29 -2.32 -24.30
CA VAL C 345 -29.29 -3.31 -24.83
C VAL C 345 -29.53 -3.57 -26.33
N GLU C 346 -29.68 -2.51 -27.13
CA GLU C 346 -29.93 -2.60 -28.61
C GLU C 346 -28.66 -2.23 -29.40
N ASN C 347 -28.19 -3.15 -30.26
CA ASN C 347 -27.06 -2.94 -31.20
C ASN C 347 -25.79 -2.61 -30.41
N GLY C 348 -25.39 -3.51 -29.50
CA GLY C 348 -24.18 -3.41 -28.67
C GLY C 348 -24.09 -2.07 -27.94
N GLN C 349 -25.22 -1.60 -27.40
CA GLN C 349 -25.39 -0.21 -26.90
C GLN C 349 -26.67 -0.16 -26.04
N ALA C 350 -26.61 0.55 -24.90
CA ALA C 350 -27.69 0.57 -23.87
C ALA C 350 -28.50 1.86 -23.92
N SER C 351 -28.03 2.85 -24.70
CA SER C 351 -28.73 4.12 -25.03
C SER C 351 -28.66 5.09 -23.84
N LEU C 352 -27.58 5.01 -23.05
CA LEU C 352 -27.42 5.78 -21.79
C LEU C 352 -26.76 7.12 -22.09
N TYR C 353 -27.21 8.19 -21.42
CA TYR C 353 -26.53 9.52 -21.38
C TYR C 353 -25.16 9.35 -20.74
N LYS C 354 -24.10 9.73 -21.46
CA LYS C 354 -22.68 9.57 -21.05
C LYS C 354 -22.38 8.09 -20.72
N TYR C 355 -23.08 7.16 -21.38
CA TYR C 355 -22.94 5.68 -21.25
C TYR C 355 -23.11 5.25 -19.79
N ILE C 356 -23.91 6.00 -19.00
CA ILE C 356 -24.13 5.74 -17.53
C ILE C 356 -25.62 5.77 -17.21
N PHE C 357 -26.27 6.93 -17.29
CA PHE C 357 -27.65 7.19 -16.79
C PHE C 357 -28.68 6.90 -17.88
N PRO C 358 -29.77 6.17 -17.56
CA PRO C 358 -30.75 5.75 -18.56
C PRO C 358 -31.68 6.87 -19.09
N ALA C 359 -31.53 8.10 -18.59
CA ALA C 359 -31.89 9.36 -19.29
C ALA C 359 -33.39 9.45 -19.63
N HIS C 360 -34.26 8.87 -18.79
CA HIS C 360 -35.74 9.04 -18.86
C HIS C 360 -36.34 8.86 -17.47
N LEU C 361 -35.80 7.92 -16.69
CA LEU C 361 -36.06 7.79 -15.23
C LEU C 361 -36.33 9.17 -14.63
N PRO C 362 -37.48 9.37 -13.94
CA PRO C 362 -37.75 10.61 -13.21
C PRO C 362 -36.55 11.02 -12.34
N LYS C 363 -36.12 10.11 -11.47
CA LYS C 363 -35.00 10.30 -10.50
C LYS C 363 -33.72 9.68 -11.07
N PRO C 364 -32.59 10.43 -11.11
CA PRO C 364 -31.32 9.88 -11.58
C PRO C 364 -30.58 9.10 -10.48
N THR C 365 -31.07 7.89 -10.18
CA THR C 365 -30.57 7.03 -9.07
C THR C 365 -30.15 5.65 -9.56
N LEU C 366 -30.05 5.44 -10.89
CA LEU C 366 -29.31 4.26 -11.44
C LEU C 366 -28.23 4.75 -12.41
N ALA C 367 -27.02 4.23 -12.17
CA ALA C 367 -25.77 4.55 -12.89
C ALA C 367 -25.13 3.24 -13.35
N VAL C 368 -24.79 3.16 -14.64
CA VAL C 368 -24.08 2.01 -15.28
C VAL C 368 -22.61 2.38 -15.47
N ILE C 369 -21.74 1.82 -14.63
CA ILE C 369 -20.26 2.07 -14.68
C ILE C 369 -19.62 0.97 -15.53
N GLY C 370 -18.76 1.39 -16.46
CA GLY C 370 -17.85 0.47 -17.20
C GLY C 370 -18.54 -0.18 -18.39
N LEU C 371 -19.52 0.50 -18.98
CA LEU C 371 -20.10 0.11 -20.29
C LEU C 371 -19.70 1.17 -21.31
N ILE C 372 -18.41 1.18 -21.63
CA ILE C 372 -17.78 2.17 -22.56
C ILE C 372 -16.56 1.51 -23.18
N LYS C 373 -16.23 1.88 -24.43
CA LYS C 373 -15.05 1.37 -25.17
C LYS C 373 -14.16 2.55 -25.53
N PRO C 374 -13.39 3.07 -24.55
CA PRO C 374 -12.58 4.27 -24.76
C PRO C 374 -11.27 3.99 -25.49
N LEU C 375 -10.57 5.07 -25.87
CA LEU C 375 -9.27 5.05 -26.58
C LEU C 375 -8.13 5.05 -25.55
N GLY C 376 -8.27 4.22 -24.53
CA GLY C 376 -7.43 4.22 -23.31
C GLY C 376 -7.98 3.24 -22.30
N SER C 377 -7.49 3.29 -21.06
CA SER C 377 -7.73 2.23 -20.05
C SER C 377 -9.15 2.37 -19.45
N ILE C 378 -9.80 1.23 -19.18
CA ILE C 378 -11.10 1.13 -18.46
C ILE C 378 -10.93 1.67 -17.03
N ILE C 379 -9.85 1.25 -16.37
CA ILE C 379 -9.56 1.54 -14.93
C ILE C 379 -9.90 3.00 -14.64
N PRO C 380 -9.20 4.00 -15.21
CA PRO C 380 -9.43 5.40 -14.85
C PRO C 380 -10.80 5.89 -15.34
N THR C 381 -11.20 5.43 -16.54
CA THR C 381 -12.51 5.79 -17.15
C THR C 381 -13.64 5.41 -16.19
N GLY C 382 -13.72 4.13 -15.83
CA GLY C 382 -14.67 3.60 -14.84
C GLY C 382 -14.66 4.43 -13.57
N GLU C 383 -13.47 4.73 -13.04
CA GLU C 383 -13.28 5.53 -11.79
C GLU C 383 -13.83 6.94 -12.00
N THR C 384 -13.33 7.63 -13.02
CA THR C 384 -13.75 9.02 -13.39
C THR C 384 -15.25 9.02 -13.69
N GLN C 385 -15.75 7.95 -14.33
CA GLN C 385 -17.22 7.71 -14.49
C GLN C 385 -17.87 7.79 -13.10
N ALA C 386 -17.40 6.96 -12.15
CA ALA C 386 -18.00 6.79 -10.81
C ALA C 386 -17.97 8.11 -10.03
N ARG C 387 -16.94 8.94 -10.21
CA ARG C 387 -16.82 10.23 -9.49
C ARG C 387 -18.04 11.11 -9.80
N TRP C 388 -18.26 11.37 -11.09
CA TRP C 388 -19.41 12.17 -11.60
C TRP C 388 -20.75 11.47 -11.29
N ALA C 389 -20.75 10.14 -11.21
CA ALA C 389 -21.95 9.33 -10.92
C ALA C 389 -22.40 9.57 -9.48
N VAL C 390 -21.62 9.12 -8.49
CA VAL C 390 -22.02 9.17 -7.05
C VAL C 390 -22.49 10.60 -6.72
N ARG C 391 -21.91 11.62 -7.35
CA ARG C 391 -22.21 13.05 -7.05
C ARG C 391 -23.52 13.49 -7.73
N VAL C 392 -24.03 12.70 -8.68
CA VAL C 392 -25.42 12.87 -9.21
C VAL C 392 -26.39 12.24 -8.20
N LEU C 393 -26.08 11.01 -7.77
CA LEU C 393 -26.87 10.22 -6.78
C LEU C 393 -26.99 10.99 -5.46
N LYS C 394 -25.90 11.65 -5.06
CA LYS C 394 -25.84 12.52 -3.85
C LYS C 394 -26.60 13.82 -4.15
N GLY C 395 -26.74 14.20 -5.43
CA GLY C 395 -27.48 15.39 -5.88
C GLY C 395 -26.63 16.65 -5.88
N ILE C 396 -25.32 16.51 -5.64
CA ILE C 396 -24.33 17.64 -5.61
C ILE C 396 -24.10 18.12 -7.05
N ASN C 397 -24.14 17.20 -8.01
CA ASN C 397 -24.21 17.50 -9.48
C ASN C 397 -25.57 17.01 -9.97
N LYS C 398 -26.01 17.51 -11.13
CA LYS C 398 -27.38 17.26 -11.64
C LYS C 398 -27.32 17.04 -13.15
N LEU C 399 -28.16 16.14 -13.65
CA LEU C 399 -28.33 15.83 -15.10
C LEU C 399 -29.21 16.91 -15.73
N PRO C 400 -28.97 17.30 -17.01
CA PRO C 400 -29.89 18.20 -17.72
C PRO C 400 -31.26 17.54 -17.91
N PRO C 401 -32.26 18.27 -18.47
CA PRO C 401 -33.60 17.72 -18.68
C PRO C 401 -33.66 16.45 -19.55
N GLN C 402 -34.64 15.59 -19.29
CA GLN C 402 -34.86 14.31 -20.04
C GLN C 402 -34.92 14.61 -21.55
N SER C 403 -35.47 15.78 -21.89
CA SER C 403 -35.63 16.30 -23.27
C SER C 403 -34.26 16.48 -23.94
N VAL C 404 -33.26 16.93 -23.17
CA VAL C 404 -31.89 17.28 -23.66
C VAL C 404 -31.05 16.00 -23.77
N MET C 405 -31.18 15.11 -22.78
CA MET C 405 -30.40 13.83 -22.71
C MET C 405 -30.85 12.91 -23.85
N ILE C 406 -32.17 12.69 -23.98
CA ILE C 406 -32.77 11.72 -24.94
C ILE C 406 -32.36 12.10 -26.37
N GLU C 407 -32.34 13.41 -26.69
CA GLU C 407 -32.05 13.92 -28.06
C GLU C 407 -30.52 13.90 -28.31
N GLU C 408 -29.71 14.21 -27.29
CA GLU C 408 -28.23 14.20 -27.38
C GLU C 408 -27.74 12.76 -27.57
N VAL C 409 -28.33 11.81 -26.85
CA VAL C 409 -28.04 10.35 -26.94
C VAL C 409 -28.34 9.84 -28.35
N ASN C 410 -29.43 10.32 -28.97
CA ASN C 410 -29.89 9.88 -30.32
C ASN C 410 -28.88 10.32 -31.39
N ALA C 411 -28.11 11.38 -31.11
CA ALA C 411 -27.04 11.91 -32.00
C ALA C 411 -25.88 10.91 -32.06
N ARG C 412 -25.44 10.44 -30.90
CA ARG C 412 -24.33 9.45 -30.77
C ARG C 412 -24.82 8.09 -31.27
N LYS C 413 -26.12 7.82 -31.10
CA LYS C 413 -26.76 6.49 -31.40
C LYS C 413 -26.85 6.27 -32.91
N GLU C 414 -26.86 7.35 -33.70
CA GLU C 414 -26.93 7.27 -35.19
C GLU C 414 -25.49 7.16 -35.75
N ASN C 415 -24.48 7.18 -34.88
CA ASN C 415 -23.06 6.87 -35.22
C ASN C 415 -22.58 7.79 -36.35
N LYS C 416 -22.97 9.06 -36.30
CA LYS C 416 -22.74 10.04 -37.40
C LYS C 416 -21.26 10.44 -37.39
N PRO C 417 -20.48 10.08 -38.44
CA PRO C 417 -19.02 10.25 -38.44
C PRO C 417 -18.50 11.65 -38.08
N SER C 418 -19.12 12.70 -38.63
CA SER C 418 -18.78 14.14 -38.39
C SER C 418 -17.33 14.44 -38.80
N GLY C 419 -16.69 13.54 -39.56
CA GLY C 419 -15.32 13.70 -40.08
C GLY C 419 -14.35 14.28 -39.07
N PHE C 420 -13.36 15.04 -39.55
CA PHE C 420 -12.25 15.64 -38.75
C PHE C 420 -11.59 14.55 -37.88
N GLY C 421 -11.82 14.58 -36.57
CA GLY C 421 -11.13 13.71 -35.59
C GLY C 421 -11.37 12.24 -35.86
N LEU C 422 -10.29 11.45 -35.93
CA LEU C 422 -10.31 9.96 -35.99
C LEU C 422 -11.73 9.46 -35.66
N CYS C 423 -12.59 9.34 -36.68
CA CYS C 423 -14.03 8.98 -36.53
C CYS C 423 -14.20 7.92 -35.42
N TYR C 424 -15.04 8.20 -34.43
CA TYR C 424 -15.26 7.29 -33.27
C TYR C 424 -16.34 6.26 -33.67
N CYS C 425 -15.84 5.05 -33.90
CA CYS C 425 -16.47 3.87 -34.59
C CYS C 425 -18.00 3.90 -34.50
N LYS C 426 -18.57 3.08 -33.62
CA LYS C 426 -20.02 2.72 -33.61
C LYS C 426 -20.54 2.57 -32.18
N ALA C 427 -20.33 1.40 -31.58
CA ALA C 427 -20.94 1.00 -30.28
C ALA C 427 -19.97 1.33 -29.16
N LEU C 428 -20.35 2.23 -28.26
CA LEU C 428 -19.59 2.60 -27.04
C LEU C 428 -18.21 3.17 -27.44
N GLN C 429 -18.03 3.47 -28.73
CA GLN C 429 -17.10 4.52 -29.25
C GLN C 429 -16.92 5.62 -28.21
N SER C 430 -15.69 6.07 -27.95
CA SER C 430 -15.42 7.35 -27.24
C SER C 430 -13.93 7.64 -27.12
N ASP C 431 -13.57 8.90 -27.35
CA ASP C 431 -12.21 9.46 -27.07
C ASP C 431 -11.98 9.45 -25.56
N TYR C 432 -10.78 9.04 -25.14
CA TYR C 432 -10.40 8.93 -23.70
C TYR C 432 -10.39 10.35 -23.10
N ILE C 433 -9.56 11.23 -23.64
CA ILE C 433 -9.29 12.57 -23.05
C ILE C 433 -10.61 13.34 -22.99
N THR C 434 -11.33 13.40 -24.12
CA THR C 434 -12.61 14.14 -24.26
C THR C 434 -13.58 13.75 -23.14
N TYR C 435 -14.01 12.49 -23.14
CA TYR C 435 -15.02 11.91 -22.20
C TYR C 435 -14.59 12.19 -20.75
N ILE C 436 -13.29 12.07 -20.45
CA ILE C 436 -12.74 12.36 -19.10
C ILE C 436 -12.89 13.85 -18.78
N ASP C 437 -12.48 14.73 -19.71
CA ASP C 437 -12.49 16.21 -19.53
C ASP C 437 -13.93 16.71 -19.40
N GLU C 438 -14.85 16.13 -20.15
CA GLU C 438 -16.32 16.40 -20.06
C GLU C 438 -16.80 16.17 -18.61
N LEU C 439 -16.34 15.08 -18.00
CA LEU C 439 -16.76 14.61 -16.65
C LEU C 439 -16.01 15.37 -15.55
N LEU C 440 -14.71 15.59 -15.74
CA LEU C 440 -13.87 16.42 -14.83
C LEU C 440 -14.44 17.84 -14.76
N THR C 441 -14.91 18.36 -15.89
CA THR C 441 -15.62 19.66 -15.99
C THR C 441 -16.86 19.60 -15.09
N TYR C 442 -17.71 18.59 -15.30
CA TYR C 442 -19.00 18.40 -14.59
C TYR C 442 -18.85 18.38 -13.07
N ILE C 443 -17.69 17.95 -12.56
CA ILE C 443 -17.41 17.85 -11.08
C ILE C 443 -16.38 18.91 -10.66
N ASN C 444 -15.92 19.75 -11.60
CA ASN C 444 -15.01 20.91 -11.38
C ASN C 444 -13.64 20.42 -10.88
N ALA C 445 -13.11 19.38 -11.51
CA ALA C 445 -11.77 18.80 -11.26
C ALA C 445 -10.85 19.05 -12.47
N LYS C 446 -11.43 19.45 -13.60
CA LYS C 446 -10.66 19.75 -14.85
C LYS C 446 -9.70 20.89 -14.57
N PRO C 447 -8.37 20.65 -14.59
CA PRO C 447 -7.42 21.71 -14.27
C PRO C 447 -7.36 22.75 -15.41
N ASN C 448 -7.27 24.03 -15.04
CA ASN C 448 -7.15 25.17 -15.99
C ASN C 448 -5.71 25.23 -16.49
N LEU C 449 -5.45 24.69 -17.68
CA LEU C 449 -4.08 24.47 -18.23
C LEU C 449 -3.45 25.82 -18.57
N LEU C 450 -4.26 26.73 -19.12
CA LEU C 450 -3.84 28.11 -19.46
C LEU C 450 -3.29 28.78 -18.20
N SER C 451 -4.12 28.88 -17.16
CA SER C 451 -3.76 29.41 -15.81
C SER C 451 -2.51 28.70 -15.29
N MET C 452 -2.56 27.36 -15.24
CA MET C 452 -1.44 26.47 -14.83
C MET C 452 -0.12 27.03 -15.36
N LEU C 453 -0.06 27.34 -16.67
CA LEU C 453 1.18 27.75 -17.40
C LEU C 453 1.83 28.95 -16.70
N LEU C 454 1.01 29.88 -16.20
CA LEU C 454 1.45 31.14 -15.51
C LEU C 454 1.90 30.82 -14.07
N THR C 455 1.03 30.16 -13.31
CA THR C 455 1.26 29.75 -11.88
C THR C 455 2.41 28.74 -11.83
N ASP C 456 2.23 27.54 -12.41
CA ASP C 456 3.22 26.43 -12.44
C ASP C 456 3.46 25.97 -13.88
N PRO C 457 4.56 26.39 -14.54
CA PRO C 457 4.75 26.14 -15.97
C PRO C 457 5.31 24.74 -16.27
N ARG C 458 6.15 24.22 -15.38
CA ARG C 458 6.71 22.84 -15.45
C ARG C 458 5.54 21.85 -15.59
N LEU C 459 4.75 21.73 -14.52
CA LEU C 459 3.59 20.81 -14.43
C LEU C 459 2.67 21.02 -15.64
N ALA C 460 2.33 22.28 -15.92
CA ALA C 460 1.43 22.71 -17.02
C ALA C 460 1.78 21.99 -18.32
N LEU C 461 3.06 21.96 -18.67
CA LEU C 461 3.56 21.38 -19.96
C LEU C 461 3.59 19.84 -19.88
N THR C 462 4.00 19.30 -18.74
CA THR C 462 4.06 17.83 -18.47
C THR C 462 2.66 17.21 -18.53
N ILE C 463 1.62 18.05 -18.40
CA ILE C 463 0.19 17.65 -18.45
C ILE C 463 -0.31 17.68 -19.90
N PHE C 464 0.15 18.66 -20.69
CA PHE C 464 -0.31 18.87 -22.09
C PHE C 464 0.48 18.01 -23.07
N PHE C 465 1.80 18.07 -22.99
CA PHE C 465 2.75 17.42 -23.94
C PHE C 465 3.12 16.02 -23.45
N GLY C 466 3.25 15.85 -22.14
CA GLY C 466 3.53 14.55 -21.49
C GLY C 466 2.30 13.65 -21.46
N PRO C 467 2.48 12.34 -21.15
CA PRO C 467 1.38 11.39 -21.24
C PRO C 467 0.23 11.75 -20.30
N CYS C 468 -1.00 11.77 -20.81
CA CYS C 468 -2.23 12.13 -20.05
C CYS C 468 -2.52 11.07 -18.97
N THR C 469 -1.66 11.01 -17.96
CA THR C 469 -1.72 10.04 -16.83
C THR C 469 -2.88 10.39 -15.90
N PRO C 470 -3.59 9.38 -15.35
CA PRO C 470 -4.81 9.62 -14.57
C PRO C 470 -4.62 10.50 -13.31
N TYR C 471 -3.38 10.59 -12.83
CA TYR C 471 -2.98 11.45 -11.66
C TYR C 471 -3.51 12.87 -11.87
N GLN C 472 -3.43 13.37 -13.12
CA GLN C 472 -3.76 14.79 -13.48
C GLN C 472 -5.27 15.01 -13.52
N PHE C 473 -6.05 14.03 -13.05
CA PHE C 473 -7.51 14.19 -12.82
C PHE C 473 -7.73 14.68 -11.38
N ARG C 474 -7.02 14.08 -10.43
CA ARG C 474 -7.10 14.42 -8.98
C ARG C 474 -6.06 15.49 -8.62
N LEU C 475 -5.93 16.52 -9.47
CA LEU C 475 -4.92 17.60 -9.29
C LEU C 475 -5.58 18.82 -8.65
N THR C 476 -6.82 19.10 -9.07
CA THR C 476 -7.72 20.12 -8.46
C THR C 476 -9.14 19.56 -8.38
N GLY C 477 -10.03 20.28 -7.69
CA GLY C 477 -11.46 19.92 -7.56
C GLY C 477 -11.72 18.95 -6.40
N PRO C 478 -12.96 18.43 -6.27
CA PRO C 478 -13.29 17.46 -5.22
C PRO C 478 -12.54 16.13 -5.43
N GLY C 479 -12.00 15.59 -4.34
CA GLY C 479 -11.17 14.37 -4.34
C GLY C 479 -9.69 14.67 -4.59
N LYS C 480 -9.35 15.93 -4.83
CA LYS C 480 -7.95 16.39 -5.03
C LYS C 480 -7.00 15.53 -4.18
N TRP C 481 -5.95 14.99 -4.81
CA TRP C 481 -4.89 14.19 -4.14
C TRP C 481 -3.61 15.02 -4.08
N GLU C 482 -2.90 14.97 -2.95
CA GLU C 482 -1.68 15.79 -2.70
C GLU C 482 -0.55 15.26 -3.59
N GLY C 483 -0.20 13.98 -3.43
CA GLY C 483 0.92 13.32 -4.15
C GLY C 483 0.83 13.45 -5.65
N ALA C 484 -0.37 13.76 -6.18
CA ALA C 484 -0.69 13.89 -7.61
C ALA C 484 0.45 14.59 -8.37
N ARG C 485 0.75 15.85 -8.02
CA ARG C 485 1.78 16.67 -8.70
C ARG C 485 3.10 15.89 -8.78
N ASN C 486 3.58 15.42 -7.63
CA ASN C 486 4.86 14.67 -7.47
C ASN C 486 4.81 13.41 -8.35
N ALA C 487 3.66 12.72 -8.37
CA ALA C 487 3.43 11.49 -9.18
C ALA C 487 3.59 11.78 -10.67
N ILE C 488 2.95 12.85 -11.16
CA ILE C 488 2.95 13.26 -12.60
C ILE C 488 4.38 13.55 -13.06
N LEU C 489 5.20 14.15 -12.20
CA LEU C 489 6.57 14.60 -12.56
C LEU C 489 7.55 13.43 -12.46
N THR C 490 7.26 12.45 -11.61
CA THR C 490 8.10 11.24 -11.44
C THR C 490 7.65 10.15 -12.44
N GLN C 491 6.58 10.42 -13.20
CA GLN C 491 5.99 9.52 -14.24
C GLN C 491 7.04 8.56 -14.81
N TRP C 492 8.04 9.12 -15.49
CA TRP C 492 9.00 8.36 -16.35
C TRP C 492 10.01 7.62 -15.48
N ASP C 493 10.40 8.22 -14.35
CA ASP C 493 11.39 7.65 -13.41
C ASP C 493 10.99 6.21 -13.05
N ARG C 494 9.70 6.00 -12.76
CA ARG C 494 9.11 4.66 -12.41
C ARG C 494 9.00 3.81 -13.67
N THR C 495 8.67 4.43 -14.81
CA THR C 495 8.50 3.76 -16.12
C THR C 495 9.83 3.13 -16.56
N PHE C 496 10.96 3.66 -16.09
CA PHE C 496 12.32 3.22 -16.54
C PHE C 496 13.04 2.37 -15.48
N LYS C 497 12.69 2.52 -14.19
CA LYS C 497 13.33 1.75 -13.07
C LYS C 497 13.21 0.24 -13.33
N VAL C 498 12.11 -0.21 -13.91
CA VAL C 498 11.75 -1.66 -14.03
C VAL C 498 12.37 -2.28 -15.31
N THR C 499 12.55 -1.48 -16.36
CA THR C 499 13.21 -1.91 -17.63
C THR C 499 14.73 -1.81 -17.46
N LYS C 500 15.20 -0.76 -16.77
CA LYS C 500 16.64 -0.45 -16.56
C LYS C 500 17.20 -1.27 -15.39
N THR C 501 17.12 -2.60 -15.49
CA THR C 501 17.64 -3.55 -14.46
C THR C 501 19.16 -3.68 -14.59
N ARG C 502 19.77 -2.94 -15.52
CA ARG C 502 21.24 -2.90 -15.74
C ARG C 502 21.68 -1.48 -16.08
N ILE C 503 22.42 -0.86 -15.16
CA ILE C 503 23.06 0.49 -15.32
C ILE C 503 24.17 0.40 -16.37
N VAL C 504 24.73 1.56 -16.75
CA VAL C 504 25.85 1.65 -17.75
C VAL C 504 26.93 2.58 -17.15
N GLN C 505 27.56 3.46 -17.94
CA GLN C 505 28.67 4.35 -17.48
C GLN C 505 28.17 5.79 -17.40
N GLU C 506 27.81 6.39 -18.55
CA GLU C 506 27.40 7.80 -18.74
C GLU C 506 27.99 8.68 -17.62
N SER C 507 12.69 10.82 -20.71
CA SER C 507 11.56 11.69 -20.31
C SER C 507 11.01 12.42 -21.55
N PRO C 508 10.41 11.67 -22.48
CA PRO C 508 9.99 12.16 -23.82
C PRO C 508 8.68 11.52 -24.29
N SER C 509 7.74 12.34 -24.80
CA SER C 509 6.47 11.92 -25.46
C SER C 509 6.39 12.55 -26.87
N PRO C 510 5.28 12.34 -27.59
CA PRO C 510 4.97 12.87 -28.95
C PRO C 510 5.66 12.02 -30.03
N PHE C 511 4.98 11.78 -31.17
CA PHE C 511 5.41 10.82 -32.23
C PHE C 511 4.86 11.20 -33.61
N ALA C 512 4.96 12.49 -33.97
CA ALA C 512 4.59 13.03 -35.30
C ALA C 512 5.80 12.93 -36.25
N SER C 513 5.82 11.90 -37.12
CA SER C 513 6.97 11.53 -37.98
C SER C 513 7.15 12.51 -39.15
N LEU C 514 6.07 12.78 -39.90
CA LEU C 514 6.04 13.71 -41.05
C LEU C 514 5.07 14.87 -40.80
N LEU C 515 4.46 14.95 -39.60
CA LEU C 515 3.49 15.99 -39.19
C LEU C 515 4.17 17.06 -38.32
N LYS C 516 5.35 16.75 -37.76
CA LYS C 516 6.27 17.70 -37.08
C LYS C 516 7.31 18.22 -38.09
N LEU C 517 7.62 17.44 -39.13
CA LEU C 517 8.74 17.66 -40.08
C LEU C 517 8.29 18.52 -41.26
N LEU C 518 7.76 17.90 -42.33
CA LEU C 518 7.32 18.57 -43.57
C LEU C 518 6.06 19.41 -43.32
N SER C 519 5.40 19.22 -42.17
CA SER C 519 4.18 19.95 -41.74
C SER C 519 4.48 20.96 -40.62
N LEU C 520 5.76 21.33 -40.46
CA LEU C 520 6.21 22.58 -39.80
C LEU C 520 6.89 23.46 -40.86
N PRO C 521 6.48 23.31 -42.13
CA PRO C 521 7.01 24.03 -43.32
C PRO C 521 6.17 25.27 -43.59
N VAL C 522 6.26 26.26 -42.68
CA VAL C 522 5.69 27.62 -42.80
C VAL C 522 6.83 28.65 -42.81
N LEU C 523 7.80 28.48 -43.72
CA LEU C 523 8.99 29.34 -43.90
C LEU C 523 8.74 30.40 -44.98
N LEU C 524 8.35 29.96 -46.19
CA LEU C 524 7.99 30.81 -47.35
C LEU C 524 6.60 30.41 -47.88
N ALA D 2 6.23 -29.30 -1.46
CA ALA D 2 5.24 -30.41 -1.49
C ALA D 2 4.51 -30.53 -0.14
N LYS D 3 5.21 -30.27 0.98
CA LYS D 3 4.84 -30.74 2.35
C LYS D 3 3.44 -30.21 2.73
N ARG D 4 2.55 -31.13 3.14
CA ARG D 4 1.16 -30.85 3.62
C ARG D 4 1.18 -30.46 5.11
N VAL D 5 0.80 -29.23 5.43
CA VAL D 5 0.85 -28.68 6.83
C VAL D 5 -0.58 -28.45 7.34
N ALA D 6 -0.87 -29.03 8.50
CA ALA D 6 -2.14 -28.83 9.24
C ALA D 6 -1.99 -27.62 10.19
N ILE D 7 -2.85 -26.62 10.03
CA ILE D 7 -2.89 -25.40 10.88
C ILE D 7 -4.12 -25.49 11.80
N VAL D 8 -3.91 -25.49 13.12
CA VAL D 8 -5.01 -25.56 14.13
C VAL D 8 -5.38 -24.13 14.54
N GLY D 9 -6.54 -23.64 14.10
CA GLY D 9 -7.06 -22.31 14.43
C GLY D 9 -6.72 -21.27 13.36
N ALA D 10 -7.63 -20.33 13.11
CA ALA D 10 -7.49 -19.23 12.12
C ALA D 10 -7.45 -17.88 12.85
N GLY D 11 -6.81 -17.85 14.01
CA GLY D 11 -6.51 -16.59 14.73
C GLY D 11 -5.43 -15.82 14.01
N VAL D 12 -4.99 -14.71 14.59
CA VAL D 12 -3.78 -13.94 14.15
C VAL D 12 -2.67 -14.93 13.78
N SER D 13 -2.31 -15.80 14.72
CA SER D 13 -1.25 -16.83 14.59
C SER D 13 -1.56 -17.78 13.42
N GLY D 14 -2.79 -18.29 13.37
CA GLY D 14 -3.27 -19.18 12.28
C GLY D 14 -3.00 -18.57 10.92
N LEU D 15 -3.58 -17.40 10.66
CA LEU D 15 -3.51 -16.70 9.35
C LEU D 15 -2.04 -16.55 8.92
N ALA D 16 -1.19 -16.11 9.84
CA ALA D 16 0.27 -15.94 9.61
C ALA D 16 0.86 -17.26 9.10
N SER D 17 0.49 -18.37 9.74
CA SER D 17 0.97 -19.73 9.38
C SER D 17 0.53 -20.10 7.96
N ILE D 18 -0.76 -19.89 7.66
CA ILE D 18 -1.32 -20.14 6.30
C ILE D 18 -0.45 -19.35 5.31
N LYS D 19 -0.37 -18.04 5.51
CA LYS D 19 0.38 -17.09 4.62
C LYS D 19 1.84 -17.54 4.48
N CYS D 20 2.53 -17.77 5.60
CA CYS D 20 3.96 -18.19 5.64
C CYS D 20 4.13 -19.52 4.90
N CYS D 21 3.16 -20.43 5.01
CA CYS D 21 3.12 -21.74 4.30
C CYS D 21 3.06 -21.50 2.78
N LEU D 22 1.98 -20.90 2.29
CA LEU D 22 1.81 -20.45 0.87
C LEU D 22 3.11 -19.83 0.34
N GLU D 23 3.68 -18.91 1.12
CA GLU D 23 4.87 -18.09 0.74
C GLU D 23 6.08 -19.00 0.49
N GLU D 24 6.33 -19.97 1.38
CA GLU D 24 7.47 -20.93 1.24
C GLU D 24 7.02 -22.17 0.47
N GLY D 25 5.89 -22.06 -0.25
CA GLY D 25 5.35 -23.09 -1.16
C GLY D 25 5.14 -24.44 -0.47
N LEU D 26 4.40 -24.45 0.64
CA LEU D 26 3.84 -25.68 1.27
C LEU D 26 2.34 -25.72 1.01
N GLU D 27 1.65 -26.74 1.52
CA GLU D 27 0.19 -26.93 1.31
C GLU D 27 -0.52 -26.88 2.65
N PRO D 28 -0.93 -25.67 3.11
CA PRO D 28 -1.61 -25.53 4.40
C PRO D 28 -3.10 -25.89 4.32
N THR D 29 -3.55 -26.71 5.27
CA THR D 29 -4.98 -26.96 5.57
C THR D 29 -5.24 -26.53 7.01
N CYS D 30 -6.04 -25.46 7.16
CA CYS D 30 -6.28 -24.78 8.45
C CYS D 30 -7.68 -25.16 8.97
N PHE D 31 -7.70 -25.75 10.17
CA PHE D 31 -8.93 -26.13 10.89
C PHE D 31 -9.24 -25.06 11.94
N GLU D 32 -10.32 -24.29 11.71
CA GLU D 32 -10.94 -23.35 12.68
C GLU D 32 -12.18 -24.03 13.26
N ARG D 33 -12.41 -23.87 14.56
CA ARG D 33 -13.54 -24.53 15.30
C ARG D 33 -14.79 -23.66 15.24
N SER D 34 -14.62 -22.34 15.16
CA SER D 34 -15.72 -21.34 15.05
C SER D 34 -16.04 -21.11 13.57
N ASP D 35 -16.96 -20.19 13.26
CA ASP D 35 -17.57 -20.03 11.92
C ASP D 35 -16.89 -18.89 11.14
N ASP D 36 -15.86 -18.26 11.71
CA ASP D 36 -15.08 -17.21 11.00
C ASP D 36 -13.72 -17.06 11.67
N LEU D 37 -12.76 -16.49 10.95
CA LEU D 37 -11.37 -16.27 11.42
C LEU D 37 -11.33 -15.23 12.55
N GLY D 38 -10.12 -14.87 12.98
CA GLY D 38 -9.83 -13.78 13.95
C GLY D 38 -9.65 -14.30 15.38
N GLY D 39 -10.42 -15.34 15.72
CA GLY D 39 -10.58 -15.85 17.09
C GLY D 39 -10.93 -14.71 18.04
N LEU D 40 -9.93 -14.19 18.75
CA LEU D 40 -10.12 -13.17 19.80
C LEU D 40 -10.78 -11.93 19.19
N TRP D 41 -10.12 -11.38 18.16
CA TRP D 41 -10.42 -10.04 17.60
C TRP D 41 -11.82 -10.01 17.02
N ARG D 42 -12.39 -11.17 16.67
CA ARG D 42 -13.81 -11.23 16.25
C ARG D 42 -14.67 -11.14 17.50
N PHE D 43 -15.27 -9.98 17.73
CA PHE D 43 -16.24 -9.79 18.84
C PHE D 43 -17.55 -10.45 18.45
N THR D 44 -17.99 -11.44 19.21
CA THR D 44 -19.38 -11.95 19.17
C THR D 44 -20.11 -11.48 20.43
N GLU D 45 -21.44 -11.53 20.38
CA GLU D 45 -22.32 -11.25 21.54
C GLU D 45 -22.14 -12.40 22.53
N HIS D 46 -22.28 -13.63 22.05
CA HIS D 46 -22.19 -14.87 22.86
C HIS D 46 -20.72 -15.18 23.14
N VAL D 47 -20.45 -15.81 24.28
CA VAL D 47 -19.15 -16.49 24.59
C VAL D 47 -19.15 -17.85 23.89
N GLU D 48 -18.27 -18.03 22.90
CA GLU D 48 -18.04 -19.35 22.25
C GLU D 48 -16.97 -20.07 23.08
N GLU D 49 -17.19 -21.36 23.39
CA GLU D 49 -16.22 -22.17 24.17
C GLU D 49 -15.08 -22.56 23.24
N GLY D 50 -13.87 -22.72 23.79
CA GLY D 50 -12.63 -23.05 23.05
C GLY D 50 -12.04 -21.85 22.34
N ARG D 51 -12.70 -20.69 22.42
CA ARG D 51 -12.37 -19.47 21.63
C ARG D 51 -12.40 -18.23 22.51
N ALA D 52 -11.26 -17.52 22.59
CA ALA D 52 -11.05 -16.37 23.49
C ALA D 52 -12.22 -15.39 23.33
N SER D 53 -12.61 -14.75 24.44
CA SER D 53 -13.80 -13.85 24.50
C SER D 53 -13.39 -12.41 24.79
N LEU D 54 -14.19 -11.48 24.28
CA LEU D 54 -13.86 -10.04 24.22
C LEU D 54 -15.07 -9.24 24.69
N TYR D 55 -14.83 -8.13 25.40
CA TYR D 55 -15.86 -7.10 25.71
C TYR D 55 -15.92 -6.10 24.54
N LYS D 56 -17.09 -5.53 24.30
CA LYS D 56 -17.42 -4.71 23.11
C LYS D 56 -16.44 -3.52 22.96
N SER D 57 -15.92 -2.96 24.06
CA SER D 57 -15.21 -1.65 24.05
C SER D 57 -13.72 -1.80 23.69
N VAL D 58 -13.19 -3.03 23.66
CA VAL D 58 -11.73 -3.27 23.59
C VAL D 58 -11.14 -2.49 22.41
N VAL D 59 -10.00 -1.83 22.64
CA VAL D 59 -9.14 -1.28 21.54
C VAL D 59 -7.70 -1.74 21.81
N SER D 60 -6.92 -1.89 20.73
CA SER D 60 -5.50 -2.35 20.77
C SER D 60 -4.76 -1.59 21.86
N ASN D 61 -3.94 -2.30 22.63
CA ASN D 61 -3.05 -1.70 23.66
C ASN D 61 -1.62 -1.70 23.10
N SER D 62 -1.47 -2.13 21.86
CA SER D 62 -0.26 -1.93 21.02
C SER D 62 -0.66 -1.14 19.76
N CYS D 63 0.18 -0.20 19.34
CA CYS D 63 -0.20 0.86 18.38
C CYS D 63 -0.16 0.32 16.95
N LYS D 64 -0.80 1.05 16.05
CA LYS D 64 -1.06 0.67 14.63
C LYS D 64 0.23 0.22 13.95
N GLU D 65 1.14 1.17 13.68
CA GLU D 65 2.41 0.89 12.96
C GLU D 65 3.40 0.29 13.96
N MET D 66 3.21 -0.97 14.34
CA MET D 66 3.95 -1.61 15.47
C MET D 66 3.38 -3.00 15.80
N SER D 67 2.10 -3.20 15.49
CA SER D 67 1.33 -4.45 15.69
C SER D 67 0.63 -4.91 14.40
N CYS D 68 1.28 -4.72 13.25
CA CYS D 68 0.77 -5.14 11.91
C CYS D 68 1.70 -6.22 11.37
N TYR D 69 1.17 -7.10 10.51
CA TYR D 69 1.99 -8.09 9.76
C TYR D 69 3.06 -7.33 8.99
N SER D 70 4.32 -7.79 9.08
CA SER D 70 5.56 -7.09 8.62
C SER D 70 5.43 -6.57 7.18
N ASP D 71 4.64 -7.24 6.34
CA ASP D 71 4.54 -6.95 4.89
C ASP D 71 3.14 -6.40 4.55
N PHE D 72 2.35 -6.09 5.57
CA PHE D 72 0.94 -5.64 5.43
C PHE D 72 0.63 -4.60 6.49
N PRO D 73 0.86 -3.30 6.22
CA PRO D 73 0.57 -2.27 7.19
C PRO D 73 -0.95 -2.14 7.38
N PHE D 74 -1.38 -1.49 8.45
CA PHE D 74 -2.78 -1.05 8.63
C PHE D 74 -3.05 0.00 7.56
N PRO D 75 -4.32 0.19 7.13
CA PRO D 75 -4.70 1.37 6.35
C PRO D 75 -4.22 2.69 6.98
N GLU D 76 -4.08 3.72 6.14
CA GLU D 76 -3.64 5.07 6.60
C GLU D 76 -4.73 5.70 7.49
N ASP D 77 -5.99 5.39 7.20
CA ASP D 77 -7.19 6.02 7.82
C ASP D 77 -7.52 5.33 9.16
N TYR D 78 -6.76 4.29 9.54
CA TYR D 78 -6.99 3.52 10.80
C TYR D 78 -6.42 4.29 11.98
N PRO D 79 -7.16 4.37 13.11
CA PRO D 79 -6.70 5.14 14.26
C PRO D 79 -5.47 4.46 14.87
N ASN D 80 -4.63 5.24 15.56
CA ASN D 80 -3.30 4.76 16.01
C ASN D 80 -3.43 3.54 16.93
N TYR D 81 -4.53 3.44 17.68
CA TYR D 81 -4.89 2.22 18.44
C TYR D 81 -6.28 1.79 18.00
N VAL D 82 -6.35 0.61 17.37
CA VAL D 82 -7.56 0.17 16.61
C VAL D 82 -8.52 -0.54 17.57
N PRO D 83 -9.84 -0.23 17.50
CA PRO D 83 -10.87 -1.05 18.14
C PRO D 83 -11.01 -2.47 17.57
N ASN D 84 -11.51 -3.40 18.41
CA ASN D 84 -11.72 -4.83 18.05
C ASN D 84 -12.45 -4.96 16.70
N SER D 85 -13.40 -4.06 16.45
CA SER D 85 -14.15 -4.01 15.18
C SER D 85 -13.17 -3.92 14.01
N GLN D 86 -12.29 -2.91 14.07
CA GLN D 86 -11.39 -2.52 12.93
C GLN D 86 -10.22 -3.49 12.83
N PHE D 87 -9.77 -4.01 13.98
CA PHE D 87 -8.68 -5.03 14.02
C PHE D 87 -9.12 -6.27 13.21
N LEU D 88 -10.37 -6.69 13.38
CA LEU D 88 -10.94 -7.87 12.65
C LEU D 88 -10.90 -7.60 11.15
N GLU D 89 -11.48 -6.48 10.70
CA GLU D 89 -11.43 -6.04 9.28
C GLU D 89 -10.00 -6.16 8.77
N TYR D 90 -9.02 -5.61 9.49
CA TYR D 90 -7.58 -5.67 9.09
C TYR D 90 -7.15 -7.12 8.92
N LEU D 91 -7.60 -8.04 9.78
CA LEU D 91 -7.26 -9.49 9.64
C LEU D 91 -7.97 -10.06 8.42
N LYS D 92 -9.26 -9.76 8.24
CA LYS D 92 -10.05 -10.25 7.07
C LYS D 92 -9.44 -9.69 5.78
N MET D 93 -8.72 -8.56 5.87
CA MET D 93 -8.00 -7.96 4.71
C MET D 93 -6.73 -8.77 4.41
N TYR D 94 -5.93 -9.05 5.44
CA TYR D 94 -4.73 -9.92 5.35
C TYR D 94 -5.08 -11.25 4.71
N ALA D 95 -6.19 -11.85 5.16
CA ALA D 95 -6.71 -13.16 4.68
C ALA D 95 -7.07 -13.07 3.19
N ASN D 96 -7.84 -12.05 2.82
CA ASN D 96 -8.27 -11.80 1.42
C ASN D 96 -7.03 -11.54 0.56
N ARG D 97 -6.18 -10.60 0.96
CA ARG D 97 -4.99 -10.14 0.18
C ARG D 97 -4.19 -11.35 -0.28
N PHE D 98 -3.69 -12.14 0.68
CA PHE D 98 -2.73 -13.26 0.42
C PHE D 98 -3.48 -14.58 0.21
N ASN D 99 -4.78 -14.51 -0.03
CA ASN D 99 -5.58 -15.61 -0.65
C ASN D 99 -5.62 -16.79 0.33
N LEU D 100 -5.79 -16.50 1.63
CA LEU D 100 -5.68 -17.48 2.74
C LEU D 100 -7.05 -18.14 2.99
N LEU D 101 -8.12 -17.42 2.66
CA LEU D 101 -9.51 -17.88 2.94
C LEU D 101 -9.69 -19.31 2.41
N LYS D 102 -9.24 -19.56 1.17
CA LYS D 102 -9.24 -20.87 0.48
C LYS D 102 -9.00 -22.03 1.45
N HIS D 103 -7.93 -21.94 2.23
CA HIS D 103 -7.27 -23.09 2.92
C HIS D 103 -7.88 -23.34 4.31
N ILE D 104 -8.90 -22.58 4.70
CA ILE D 104 -9.52 -22.69 6.06
C ILE D 104 -10.80 -23.52 5.95
N GLN D 105 -10.94 -24.52 6.84
CA GLN D 105 -12.21 -25.24 7.08
C GLN D 105 -12.79 -24.78 8.41
N PHE D 106 -13.92 -24.07 8.36
CA PHE D 106 -14.63 -23.51 9.54
C PHE D 106 -15.51 -24.57 10.17
N LYS D 107 -15.89 -24.37 11.44
CA LYS D 107 -16.76 -25.30 12.22
C LYS D 107 -16.09 -26.66 12.29
N THR D 108 -14.78 -26.68 12.51
CA THR D 108 -13.92 -27.89 12.44
C THR D 108 -13.02 -27.92 13.69
N LYS D 109 -13.51 -28.51 14.78
CA LYS D 109 -12.69 -28.76 16.02
C LYS D 109 -11.58 -29.76 15.68
N VAL D 110 -10.34 -29.45 16.06
CA VAL D 110 -9.23 -30.45 16.02
C VAL D 110 -9.34 -31.27 17.31
N CYS D 111 -10.00 -32.41 17.25
CA CYS D 111 -10.30 -33.28 18.42
C CYS D 111 -9.02 -33.92 18.94
N SER D 112 -8.06 -34.25 18.05
CA SER D 112 -6.78 -34.91 18.43
C SER D 112 -5.75 -34.81 17.30
N VAL D 113 -4.49 -34.55 17.69
CA VAL D 113 -3.27 -34.65 16.83
C VAL D 113 -2.35 -35.68 17.49
N THR D 114 -2.09 -36.79 16.79
CA THR D 114 -1.26 -37.92 17.28
C THR D 114 -0.19 -38.25 16.24
N LYS D 115 1.04 -38.49 16.69
CA LYS D 115 2.12 -39.06 15.84
C LYS D 115 1.55 -40.23 15.04
N CYS D 116 1.88 -40.32 13.75
CA CYS D 116 1.65 -41.54 12.93
C CYS D 116 2.44 -42.69 13.56
N PRO D 117 2.03 -43.97 13.38
CA PRO D 117 2.78 -45.09 13.94
C PRO D 117 4.22 -45.14 13.41
N ASP D 118 4.42 -44.69 12.16
CA ASP D 118 5.73 -44.72 11.45
C ASP D 118 6.54 -43.45 11.76
N PHE D 119 5.96 -42.52 12.53
CA PHE D 119 6.45 -41.13 12.74
C PHE D 119 7.98 -41.09 12.67
N THR D 120 8.64 -41.91 13.49
CA THR D 120 10.12 -41.88 13.73
C THR D 120 10.88 -41.75 12.40
N VAL D 121 10.28 -42.19 11.27
CA VAL D 121 10.90 -42.13 9.91
C VAL D 121 10.16 -41.11 9.03
N THR D 122 8.83 -41.09 9.08
CA THR D 122 7.96 -40.28 8.17
C THR D 122 7.81 -38.84 8.70
N GLY D 123 7.73 -38.70 10.02
CA GLY D 123 7.55 -37.40 10.70
C GLY D 123 6.15 -36.84 10.50
N GLN D 124 5.15 -37.73 10.38
CA GLN D 124 3.75 -37.36 10.01
C GLN D 124 2.83 -37.40 11.23
N TRP D 125 1.58 -36.96 11.04
CA TRP D 125 0.59 -36.75 12.13
C TRP D 125 -0.81 -37.15 11.67
N GLU D 126 -1.56 -37.81 12.56
CA GLU D 126 -3.01 -38.11 12.40
C GLU D 126 -3.81 -36.99 13.06
N VAL D 127 -4.54 -36.21 12.26
CA VAL D 127 -5.37 -35.05 12.71
C VAL D 127 -6.85 -35.44 12.62
N VAL D 128 -7.47 -35.72 13.76
CA VAL D 128 -8.91 -36.10 13.88
C VAL D 128 -9.72 -34.82 14.09
N THR D 129 -10.67 -34.56 13.21
CA THR D 129 -11.42 -33.27 13.15
C THR D 129 -12.91 -33.54 13.09
N GLN D 130 -13.67 -33.01 14.06
CA GLN D 130 -15.16 -33.06 14.08
C GLN D 130 -15.74 -31.88 13.30
N HIS D 131 -16.69 -32.15 12.40
CA HIS D 131 -17.43 -31.14 11.59
C HIS D 131 -18.87 -31.62 11.38
N GLU D 132 -19.87 -30.82 11.79
CA GLU D 132 -21.30 -31.21 11.81
C GLU D 132 -21.45 -32.56 12.52
N GLY D 133 -20.71 -32.74 13.62
CA GLY D 133 -20.74 -33.94 14.49
C GLY D 133 -20.26 -35.19 13.79
N LYS D 134 -19.34 -35.05 12.82
CA LYS D 134 -18.77 -36.16 12.00
C LYS D 134 -17.24 -36.12 12.11
N GLN D 135 -16.66 -37.03 12.92
CA GLN D 135 -15.18 -37.21 13.04
C GLN D 135 -14.61 -37.61 11.68
N GLU D 136 -13.39 -37.17 11.37
CA GLU D 136 -12.68 -37.49 10.09
C GLU D 136 -11.18 -37.41 10.32
N SER D 137 -10.51 -38.55 10.34
CA SER D 137 -9.02 -38.64 10.40
C SER D 137 -8.44 -38.18 9.06
N ALA D 138 -7.16 -37.82 9.05
CA ALA D 138 -6.39 -37.36 7.86
C ALA D 138 -4.92 -37.22 8.26
N ILE D 139 -4.01 -37.64 7.38
CA ILE D 139 -2.54 -37.67 7.66
C ILE D 139 -1.93 -36.37 7.12
N PHE D 140 -1.02 -35.77 7.89
CA PHE D 140 -0.30 -34.52 7.51
C PHE D 140 1.19 -34.68 7.79
N ASP D 141 2.00 -34.01 6.96
CA ASP D 141 3.49 -34.08 7.01
C ASP D 141 3.98 -33.29 8.23
N ALA D 142 3.25 -32.26 8.65
CA ALA D 142 3.59 -31.40 9.80
C ALA D 142 2.36 -30.61 10.29
N VAL D 143 2.35 -30.24 11.56
CA VAL D 143 1.20 -29.54 12.23
C VAL D 143 1.70 -28.27 12.93
N MET D 144 1.07 -27.14 12.60
CA MET D 144 1.27 -25.82 13.27
C MET D 144 0.03 -25.52 14.14
N VAL D 145 0.20 -25.45 15.46
CA VAL D 145 -0.91 -25.18 16.42
C VAL D 145 -0.91 -23.68 16.76
N CYS D 146 -2.07 -23.06 16.56
CA CYS D 146 -2.32 -21.60 16.72
C CYS D 146 -3.60 -21.40 17.54
N THR D 147 -3.71 -22.12 18.65
CA THR D 147 -4.85 -22.04 19.61
C THR D 147 -4.64 -20.80 20.49
N GLY D 148 -3.39 -20.35 20.58
CA GLY D 148 -2.95 -19.32 21.53
C GLY D 148 -3.33 -19.70 22.95
N PHE D 149 -3.73 -18.72 23.75
CA PHE D 149 -4.19 -18.87 25.16
C PHE D 149 -5.32 -17.86 25.38
N LEU D 150 -5.64 -17.49 26.61
CA LEU D 150 -6.63 -16.43 26.92
C LEU D 150 -8.05 -16.87 26.55
N THR D 151 -8.30 -18.18 26.47
CA THR D 151 -9.67 -18.75 26.26
C THR D 151 -10.12 -19.40 27.57
N ASP D 152 -9.26 -20.25 28.14
CA ASP D 152 -9.49 -20.95 29.44
C ASP D 152 -9.44 -19.94 30.58
N PRO D 153 -10.56 -19.58 31.22
CA PRO D 153 -10.53 -18.64 32.34
C PRO D 153 -9.81 -19.20 33.57
N TYR D 154 -9.27 -18.32 34.40
CA TYR D 154 -8.62 -18.66 35.69
C TYR D 154 -9.33 -17.91 36.82
N LEU D 155 -9.85 -18.65 37.80
CA LEU D 155 -10.81 -18.13 38.82
C LEU D 155 -10.63 -18.88 40.13
N PRO D 156 -9.53 -18.66 40.88
CA PRO D 156 -9.22 -19.44 42.07
C PRO D 156 -10.09 -19.01 43.27
N LEU D 157 -11.26 -19.64 43.38
CA LEU D 157 -12.31 -19.29 44.37
C LEU D 157 -11.83 -19.57 45.81
N ASP D 158 -10.98 -20.59 45.98
CA ASP D 158 -10.22 -20.84 47.24
C ASP D 158 -9.66 -19.50 47.74
N SER D 159 -9.00 -18.77 46.85
CA SER D 159 -8.23 -17.54 47.16
C SER D 159 -9.13 -16.39 47.64
N PHE D 160 -10.46 -16.54 47.55
CA PHE D 160 -11.46 -15.51 47.94
C PHE D 160 -12.46 -16.10 48.94
N PRO D 161 -12.13 -16.09 50.27
CA PRO D 161 -12.90 -16.85 51.25
C PRO D 161 -14.34 -16.35 51.40
N GLY D 162 -15.28 -17.28 51.34
CA GLY D 162 -16.71 -17.04 51.57
C GLY D 162 -17.37 -16.37 50.39
N ILE D 163 -16.81 -16.54 49.19
CA ILE D 163 -17.40 -16.01 47.93
C ILE D 163 -18.68 -16.81 47.61
N ASN D 164 -18.71 -18.07 48.06
CA ASN D 164 -19.89 -18.98 47.98
C ASN D 164 -21.10 -18.30 48.64
N THR D 165 -20.87 -17.62 49.76
CA THR D 165 -21.93 -17.03 50.63
C THR D 165 -22.55 -15.80 49.95
N PHE D 166 -21.82 -15.18 49.02
CA PHE D 166 -22.21 -13.93 48.31
C PHE D 166 -23.55 -14.15 47.61
N LYS D 167 -24.49 -13.23 47.79
CA LYS D 167 -25.89 -13.33 47.29
C LYS D 167 -26.14 -12.33 46.15
N GLY D 168 -25.18 -11.46 45.85
CA GLY D 168 -25.11 -10.69 44.59
C GLY D 168 -24.62 -11.59 43.46
N GLN D 169 -24.43 -11.05 42.25
CA GLN D 169 -23.91 -11.84 41.10
C GLN D 169 -22.42 -11.53 40.92
N TYR D 170 -21.67 -12.52 40.44
CA TYR D 170 -20.21 -12.43 40.15
C TYR D 170 -19.87 -13.31 38.93
N PHE D 171 -18.76 -12.99 38.26
CA PHE D 171 -18.30 -13.71 37.04
C PHE D 171 -16.85 -13.35 36.70
N HIS D 172 -16.28 -14.14 35.78
CA HIS D 172 -14.91 -13.93 35.23
C HIS D 172 -14.95 -12.90 34.09
N SER D 173 -13.90 -12.09 33.97
CA SER D 173 -13.76 -11.05 32.92
C SER D 173 -14.26 -11.61 31.59
N ARG D 174 -13.84 -12.82 31.24
CA ARG D 174 -14.24 -13.56 30.01
C ARG D 174 -15.72 -13.30 29.68
N GLN D 175 -16.60 -13.58 30.66
CA GLN D 175 -18.08 -13.56 30.52
C GLN D 175 -18.58 -12.13 30.30
N TYR D 176 -17.72 -11.14 30.49
CA TYR D 176 -18.10 -9.69 30.37
C TYR D 176 -18.22 -9.31 28.90
N LYS D 177 -19.30 -8.59 28.57
CA LYS D 177 -19.57 -8.09 27.20
C LYS D 177 -19.93 -6.61 27.25
N HIS D 178 -20.98 -6.26 27.99
CA HIS D 178 -21.57 -4.89 27.98
C HIS D 178 -21.69 -4.31 29.39
N PRO D 179 -21.49 -2.98 29.55
CA PRO D 179 -21.49 -2.34 30.87
C PRO D 179 -22.88 -1.98 31.42
N ASP D 180 -23.93 -2.21 30.65
CA ASP D 180 -25.34 -2.02 31.10
C ASP D 180 -25.56 -2.68 32.47
N ILE D 181 -25.00 -3.87 32.67
CA ILE D 181 -25.39 -4.80 33.78
C ILE D 181 -25.08 -4.16 35.13
N PHE D 182 -24.07 -3.29 35.21
CA PHE D 182 -23.83 -2.48 36.44
C PHE D 182 -24.33 -1.05 36.22
N LYS D 183 -25.64 -0.87 36.05
CA LYS D 183 -26.23 0.47 35.86
C LYS D 183 -25.91 1.30 37.10
N ASP D 184 -26.59 1.01 38.20
CA ASP D 184 -26.49 1.84 39.44
C ASP D 184 -25.88 0.98 40.55
N LYS D 185 -25.22 -0.11 40.17
CA LYS D 185 -24.80 -1.14 41.15
C LYS D 185 -23.52 -0.69 41.87
N ARG D 186 -23.13 -1.47 42.88
CA ARG D 186 -21.87 -1.31 43.64
C ARG D 186 -20.91 -2.40 43.18
N VAL D 187 -19.90 -2.02 42.40
CA VAL D 187 -19.05 -2.97 41.61
C VAL D 187 -17.66 -3.11 42.23
N LEU D 188 -17.24 -4.36 42.42
CA LEU D 188 -15.85 -4.71 42.77
C LEU D 188 -15.24 -5.47 41.59
N VAL D 189 -14.29 -4.83 40.89
CA VAL D 189 -13.42 -5.53 39.91
C VAL D 189 -12.20 -6.09 40.67
N VAL D 190 -12.06 -7.41 40.68
CA VAL D 190 -10.92 -8.10 41.35
C VAL D 190 -9.81 -8.30 40.34
N GLY D 191 -8.59 -7.86 40.65
CA GLY D 191 -7.42 -8.07 39.77
C GLY D 191 -7.23 -6.93 38.79
N MET D 192 -6.10 -6.24 38.89
CA MET D 192 -5.75 -5.06 38.05
C MET D 192 -5.08 -5.53 36.76
N GLY D 193 -5.58 -6.62 36.18
CA GLY D 193 -5.28 -7.03 34.79
C GLY D 193 -5.75 -5.94 33.84
N ASN D 194 -5.08 -5.79 32.71
CA ASN D 194 -5.46 -4.80 31.65
C ASN D 194 -6.98 -4.84 31.45
N SER D 195 -7.54 -6.07 31.42
CA SER D 195 -9.00 -6.35 31.33
C SER D 195 -9.70 -5.75 32.55
N GLY D 196 -9.23 -6.11 33.75
CA GLY D 196 -9.76 -5.59 35.03
C GLY D 196 -9.90 -4.07 35.00
N THR D 197 -8.77 -3.37 34.97
CA THR D 197 -8.68 -1.88 34.89
C THR D 197 -9.67 -1.33 33.85
N ASP D 198 -9.63 -1.85 32.64
CA ASP D 198 -10.51 -1.41 31.51
C ASP D 198 -11.99 -1.52 31.93
N ILE D 199 -12.36 -2.63 32.58
CA ILE D 199 -13.78 -2.93 32.97
C ILE D 199 -14.18 -1.99 34.13
N ALA D 200 -13.39 -2.00 35.20
CA ALA D 200 -13.57 -1.10 36.36
C ALA D 200 -13.87 0.31 35.84
N VAL D 201 -12.93 0.89 35.09
CA VAL D 201 -13.08 2.23 34.45
C VAL D 201 -14.44 2.27 33.74
N GLU D 202 -14.71 1.29 32.89
CA GLU D 202 -15.96 1.27 32.08
C GLU D 202 -17.16 1.32 33.03
N ALA D 203 -17.19 0.44 34.02
CA ALA D 203 -18.29 0.35 35.02
C ALA D 203 -18.53 1.74 35.61
N SER D 204 -17.46 2.46 35.95
CA SER D 204 -17.48 3.79 36.63
C SER D 204 -18.39 4.75 35.85
N HIS D 205 -18.43 4.61 34.54
CA HIS D 205 -19.28 5.44 33.65
C HIS D 205 -20.72 5.46 34.18
N LEU D 206 -21.21 4.33 34.70
CA LEU D 206 -22.64 4.15 35.08
C LEU D 206 -22.77 3.82 36.56
N ALA D 207 -22.03 2.84 37.06
CA ALA D 207 -22.21 2.22 38.40
C ALA D 207 -22.18 3.30 39.50
N LYS D 208 -22.94 3.07 40.58
CA LYS D 208 -23.02 3.99 41.75
C LYS D 208 -21.64 4.10 42.42
N LYS D 209 -20.96 2.98 42.57
CA LYS D 209 -19.61 2.91 43.17
C LYS D 209 -18.82 1.82 42.45
N VAL D 210 -17.52 2.03 42.25
CA VAL D 210 -16.61 0.99 41.66
C VAL D 210 -15.32 0.91 42.47
N PHE D 211 -14.97 -0.32 42.86
CA PHE D 211 -13.71 -0.66 43.56
C PHE D 211 -12.90 -1.63 42.71
N LEU D 212 -11.62 -1.32 42.54
CA LEU D 212 -10.64 -2.14 41.78
C LEU D 212 -9.67 -2.74 42.80
N SER D 213 -9.89 -4.00 43.18
CA SER D 213 -9.06 -4.69 44.20
C SER D 213 -7.82 -5.28 43.55
N THR D 214 -6.66 -4.67 43.79
CA THR D 214 -5.34 -5.22 43.33
C THR D 214 -4.87 -6.24 44.37
N THR D 215 -3.63 -6.71 44.24
CA THR D 215 -2.98 -7.66 45.19
C THR D 215 -1.53 -7.23 45.38
N GLY D 216 -0.79 -7.14 44.27
CA GLY D 216 0.58 -6.61 44.24
C GLY D 216 0.60 -5.15 43.87
N GLY D 217 -0.51 -4.62 43.35
CA GLY D 217 -0.51 -3.30 42.67
C GLY D 217 0.18 -3.41 41.33
N ALA D 218 0.26 -2.31 40.57
CA ALA D 218 0.81 -2.28 39.19
C ALA D 218 1.23 -0.88 38.78
N TRP D 219 2.20 -0.79 37.85
CA TRP D 219 2.53 0.46 37.13
C TRP D 219 1.51 0.65 36.01
N VAL D 220 1.10 1.90 35.78
CA VAL D 220 0.01 2.27 34.83
C VAL D 220 0.55 3.36 33.91
N MET D 221 0.36 3.21 32.60
CA MET D 221 0.79 4.23 31.60
C MET D 221 -0.30 4.39 30.53
N SER D 222 -0.33 5.57 29.91
CA SER D 222 -1.30 5.96 28.86
C SER D 222 -0.76 5.51 27.51
N ARG D 223 -1.69 5.26 26.57
CA ARG D 223 -1.41 5.12 25.12
C ARG D 223 -0.83 6.44 24.61
N VAL D 224 -1.33 7.55 25.17
CA VAL D 224 -0.94 8.96 24.80
C VAL D 224 0.58 9.13 24.98
N PHE D 225 1.13 8.78 26.14
CA PHE D 225 2.59 8.79 26.43
C PHE D 225 3.23 10.09 25.91
N ASP D 226 4.50 10.03 25.49
CA ASP D 226 5.37 11.22 25.30
C ASP D 226 4.94 11.98 24.04
N SER D 227 4.36 13.17 24.23
CA SER D 227 4.07 14.17 23.17
C SER D 227 2.93 13.69 22.26
N GLY D 228 2.07 12.81 22.78
CA GLY D 228 0.97 12.19 21.99
C GLY D 228 1.49 11.20 20.96
N TYR D 229 2.60 10.54 21.30
CA TYR D 229 3.19 9.43 20.51
C TYR D 229 2.75 8.12 21.14
N PRO D 230 2.22 7.16 20.36
CA PRO D 230 1.96 5.82 20.89
C PRO D 230 3.19 5.33 21.67
N TRP D 231 2.98 4.94 22.92
CA TRP D 231 4.06 4.60 23.88
C TRP D 231 5.08 3.66 23.24
N ASP D 232 4.61 2.63 22.54
CA ASP D 232 5.45 1.55 21.94
C ASP D 232 6.37 2.15 20.86
N MET D 233 5.89 3.16 20.12
CA MET D 233 6.70 3.82 19.05
C MET D 233 7.82 4.65 19.68
N VAL D 234 7.79 4.81 21.00
CA VAL D 234 8.85 5.54 21.77
C VAL D 234 9.66 4.54 22.58
N PHE D 235 8.98 3.61 23.23
CA PHE D 235 9.56 2.64 24.20
C PHE D 235 10.26 1.48 23.48
N THR D 236 9.53 0.76 22.61
CA THR D 236 10.02 -0.44 21.88
C THR D 236 10.71 0.03 20.59
N THR D 237 11.90 0.60 20.75
CA THR D 237 12.84 1.02 19.67
C THR D 237 14.22 0.38 19.94
N ARG D 238 14.94 -0.01 18.88
CA ARG D 238 16.24 -0.75 18.97
C ARG D 238 17.17 -0.06 19.97
N PHE D 239 17.37 1.25 19.83
CA PHE D 239 18.31 2.08 20.64
C PHE D 239 17.98 1.95 22.14
N GLN D 240 16.75 2.27 22.51
CA GLN D 240 16.24 2.15 23.91
C GLN D 240 16.45 0.72 24.41
N ASN D 241 15.96 -0.25 23.64
CA ASN D 241 16.05 -1.71 23.99
C ASN D 241 17.51 -2.08 24.24
N MET D 242 18.44 -1.48 23.47
CA MET D 242 19.90 -1.61 23.69
C MET D 242 20.24 -1.10 25.10
N LEU D 243 19.89 0.16 25.38
CA LEU D 243 20.19 0.84 26.68
C LEU D 243 19.73 -0.04 27.85
N ARG D 244 18.42 -0.31 27.93
CA ARG D 244 17.78 -1.08 29.03
C ARG D 244 18.57 -2.37 29.28
N ASN D 245 18.84 -3.13 28.21
CA ASN D 245 19.36 -4.53 28.28
C ASN D 245 20.86 -4.51 28.64
N SER D 246 21.57 -3.43 28.30
CA SER D 246 22.98 -3.20 28.70
C SER D 246 23.02 -2.17 29.84
N LEU D 247 22.44 -2.53 30.99
CA LEU D 247 22.25 -1.60 32.15
C LEU D 247 21.64 -2.36 33.32
N PRO D 248 22.23 -2.29 34.54
CA PRO D 248 21.86 -3.17 35.65
C PRO D 248 20.40 -3.06 36.10
N THR D 249 19.77 -4.21 36.37
CA THR D 249 18.32 -4.34 36.71
C THR D 249 17.96 -3.30 37.75
N PRO D 250 18.61 -3.26 38.93
CA PRO D 250 18.29 -2.28 39.97
C PRO D 250 18.11 -0.84 39.46
N ILE D 251 18.93 -0.39 38.50
CA ILE D 251 18.81 0.98 37.93
C ILE D 251 17.54 1.06 37.07
N VAL D 252 17.53 0.36 35.93
CA VAL D 252 16.44 0.46 34.91
C VAL D 252 15.07 0.40 35.61
N THR D 253 14.90 -0.50 36.59
CA THR D 253 13.62 -0.68 37.35
C THR D 253 13.30 0.62 38.10
N TRP D 254 14.28 1.14 38.85
CA TRP D 254 14.18 2.48 39.53
C TRP D 254 13.94 3.56 38.47
N LEU D 255 14.65 3.46 37.36
CA LEU D 255 14.59 4.43 36.23
C LEU D 255 13.18 4.47 35.64
N MET D 256 12.49 3.33 35.63
CA MET D 256 11.12 3.15 35.07
C MET D 256 10.12 3.83 36.00
N ALA D 257 10.21 3.52 37.29
CA ALA D 257 9.38 4.11 38.38
C ALA D 257 9.31 5.63 38.20
N ARG D 258 10.46 6.28 37.99
CA ARG D 258 10.55 7.74 37.67
C ARG D 258 9.62 8.05 36.49
N LYS D 259 9.81 7.37 35.37
CA LYS D 259 9.10 7.64 34.08
C LYS D 259 7.62 7.23 34.18
N MET D 260 7.26 6.38 35.16
CA MET D 260 5.86 5.92 35.38
C MET D 260 5.14 6.91 36.31
N ASN D 261 5.86 7.40 37.34
CA ASN D 261 5.34 8.32 38.38
C ASN D 261 5.20 9.74 37.82
N SER D 262 6.04 10.10 36.84
CA SER D 262 6.06 11.42 36.16
C SER D 262 4.66 11.79 35.64
N TRP D 263 3.79 10.80 35.41
CA TRP D 263 2.36 11.02 35.04
C TRP D 263 1.55 11.38 36.29
N PHE D 264 1.61 10.52 37.30
CA PHE D 264 0.96 10.70 38.63
C PHE D 264 1.64 9.83 39.67
N ASN D 265 1.85 10.39 40.88
CA ASN D 265 2.47 9.70 42.05
C ASN D 265 1.65 8.45 42.37
N HIS D 266 2.13 7.28 41.91
CA HIS D 266 1.47 5.96 42.07
C HIS D 266 1.22 5.66 43.55
N ALA D 267 2.11 6.15 44.42
CA ALA D 267 2.05 5.96 45.90
C ALA D 267 0.75 6.58 46.43
N ASN D 268 0.51 7.85 46.10
CA ASN D 268 -0.66 8.66 46.52
C ASN D 268 -1.96 8.01 46.05
N TYR D 269 -1.94 7.38 44.86
CA TYR D 269 -3.15 6.78 44.22
C TYR D 269 -3.36 5.34 44.73
N GLY D 270 -2.34 4.78 45.40
CA GLY D 270 -2.37 3.45 46.03
C GLY D 270 -2.19 2.34 45.01
N LEU D 271 -1.45 2.63 43.94
CA LEU D 271 -1.16 1.66 42.85
C LEU D 271 0.21 1.02 43.09
N VAL D 272 1.16 1.81 43.58
CA VAL D 272 2.57 1.38 43.86
C VAL D 272 2.59 -0.11 44.15
N PRO D 273 3.27 -0.92 43.29
CA PRO D 273 3.61 -2.30 43.66
C PRO D 273 4.49 -2.36 44.93
N GLU D 274 4.08 -3.19 45.90
CA GLU D 274 4.84 -3.46 47.16
C GLU D 274 6.25 -3.94 46.81
N ASP D 275 6.33 -4.99 45.98
CA ASP D 275 7.61 -5.60 45.50
C ASP D 275 8.03 -4.87 44.22
N ARG D 276 9.03 -3.99 44.32
CA ARG D 276 9.72 -3.39 43.14
C ARG D 276 10.59 -4.50 42.51
N THR D 277 11.65 -4.16 41.77
CA THR D 277 12.72 -5.09 41.29
C THR D 277 12.17 -6.37 40.63
N GLN D 278 10.85 -6.49 40.49
CA GLN D 278 10.15 -7.66 39.87
C GLN D 278 8.97 -7.12 39.06
N LEU D 279 9.28 -6.27 38.06
CA LEU D 279 8.28 -5.47 37.28
C LEU D 279 7.37 -6.40 36.48
N ARG D 280 6.12 -6.57 36.95
CA ARG D 280 5.04 -7.30 36.24
C ARG D 280 4.56 -6.44 35.06
N GLU D 281 3.88 -7.03 34.08
CA GLU D 281 3.43 -6.30 32.86
C GLU D 281 2.72 -5.00 33.28
N PRO D 282 3.17 -3.83 32.78
CA PRO D 282 2.54 -2.56 33.14
C PRO D 282 1.15 -2.45 32.50
N VAL D 283 0.17 -1.95 33.25
CA VAL D 283 -1.25 -1.74 32.82
C VAL D 283 -1.28 -0.60 31.80
N LEU D 284 -2.14 -0.73 30.80
CA LEU D 284 -2.34 0.30 29.74
C LEU D 284 -3.79 0.77 29.74
N ASN D 285 -4.01 1.89 30.41
CA ASN D 285 -5.32 2.59 30.51
C ASN D 285 -5.05 4.10 30.54
N ASP D 286 -5.84 4.87 29.81
CA ASP D 286 -5.67 6.35 29.73
C ASP D 286 -6.64 7.06 30.67
N GLU D 287 -7.64 6.34 31.19
CA GLU D 287 -8.74 6.94 31.99
C GLU D 287 -8.39 6.86 33.48
N LEU D 288 -7.93 5.69 33.94
CA LEU D 288 -7.89 5.27 35.38
C LEU D 288 -7.67 6.48 36.28
N PRO D 289 -6.52 7.20 36.21
CA PRO D 289 -6.23 8.26 37.16
C PRO D 289 -7.35 9.30 37.28
N GLY D 290 -7.84 9.77 36.12
CA GLY D 290 -9.06 10.62 36.02
C GLY D 290 -10.21 10.08 36.86
N CYS D 291 -10.39 8.76 36.92
CA CYS D 291 -11.42 8.07 37.75
C CYS D 291 -11.05 8.13 39.22
N ILE D 292 -9.78 7.87 39.54
CA ILE D 292 -9.31 7.79 40.94
C ILE D 292 -9.46 9.17 41.58
N ILE D 293 -8.99 10.21 40.88
CA ILE D 293 -8.96 11.59 41.42
C ILE D 293 -10.38 12.13 41.55
N THR D 294 -11.31 11.63 40.73
CA THR D 294 -12.77 11.98 40.80
C THR D 294 -13.55 10.94 41.62
N GLY D 295 -12.86 9.88 42.06
CA GLY D 295 -13.43 8.89 43.01
C GLY D 295 -14.51 8.04 42.39
N LYS D 296 -14.54 7.93 41.05
CA LYS D 296 -15.51 7.07 40.32
C LYS D 296 -15.01 5.63 40.40
N VAL D 297 -13.70 5.46 40.39
CA VAL D 297 -12.98 4.18 40.68
C VAL D 297 -12.04 4.43 41.85
N LEU D 298 -12.00 3.51 42.82
CA LEU D 298 -11.09 3.60 44.00
C LEU D 298 -10.36 2.26 44.17
N ILE D 299 -9.03 2.30 44.23
CA ILE D 299 -8.19 1.08 44.35
C ILE D 299 -8.27 0.53 45.76
N LYS D 300 -8.50 -0.77 45.92
CA LYS D 300 -8.59 -1.45 47.24
C LYS D 300 -7.55 -2.55 47.32
N PRO D 301 -6.97 -2.78 48.51
CA PRO D 301 -5.72 -3.53 48.62
C PRO D 301 -5.80 -4.99 48.17
N SER D 302 -6.89 -5.67 48.51
CA SER D 302 -7.01 -7.14 48.37
C SER D 302 -8.27 -7.60 49.07
N ILE D 303 -8.91 -8.68 48.60
CA ILE D 303 -10.09 -9.27 49.31
C ILE D 303 -9.58 -10.04 50.53
N LYS D 304 -10.08 -9.69 51.72
CA LYS D 304 -9.80 -10.41 53.00
C LYS D 304 -10.86 -11.51 53.18
N GLU D 305 -12.13 -11.13 53.08
CA GLU D 305 -13.25 -12.10 52.90
C GLU D 305 -14.44 -11.36 52.28
N VAL D 306 -15.37 -12.13 51.71
CA VAL D 306 -16.61 -11.60 51.08
C VAL D 306 -17.80 -12.15 51.87
N LYS D 307 -18.74 -11.26 52.20
CA LYS D 307 -19.92 -11.53 53.07
C LYS D 307 -21.15 -11.78 52.20
N GLU D 308 -22.31 -11.99 52.80
CA GLU D 308 -23.62 -12.22 52.11
C GLU D 308 -23.79 -11.19 50.99
N ASN D 309 -23.65 -9.89 51.32
CA ASN D 309 -23.92 -8.76 50.37
C ASN D 309 -22.86 -7.68 50.54
N SER D 310 -21.62 -8.09 50.79
CA SER D 310 -20.52 -7.16 51.15
C SER D 310 -19.15 -7.84 51.04
N VAL D 311 -18.09 -7.03 50.97
CA VAL D 311 -16.67 -7.49 50.89
C VAL D 311 -15.86 -6.73 51.92
N ILE D 312 -14.87 -7.40 52.49
CA ILE D 312 -13.88 -6.77 53.42
C ILE D 312 -12.49 -6.94 52.79
N PHE D 313 -11.73 -5.85 52.73
CA PHE D 313 -10.37 -5.82 52.14
C PHE D 313 -9.34 -5.84 53.29
N ASN D 314 -8.16 -6.41 53.04
CA ASN D 314 -7.02 -6.46 54.01
C ASN D 314 -6.60 -5.02 54.34
N ASN D 315 -6.11 -4.77 55.57
CA ASN D 315 -5.62 -3.42 56.01
C ASN D 315 -6.68 -2.35 55.73
N THR D 316 -7.94 -2.74 55.65
CA THR D 316 -9.08 -1.86 55.25
C THR D 316 -10.20 -2.04 56.26
N PRO D 317 -10.37 -1.09 57.21
CA PRO D 317 -11.35 -1.24 58.26
C PRO D 317 -12.79 -1.22 57.70
N LYS D 318 -13.06 -0.38 56.69
CA LYS D 318 -14.42 -0.22 56.13
C LYS D 318 -14.82 -1.45 55.29
N GLU D 319 -15.84 -2.16 55.77
CA GLU D 319 -16.65 -3.17 55.04
C GLU D 319 -17.42 -2.40 53.96
N GLU D 320 -17.40 -2.89 52.71
CA GLU D 320 -17.98 -2.17 51.54
C GLU D 320 -19.14 -2.97 50.94
N PRO D 321 -20.35 -2.39 50.86
CA PRO D 321 -21.49 -3.11 50.29
C PRO D 321 -21.22 -3.26 48.79
N ILE D 322 -21.39 -4.47 48.26
CA ILE D 322 -21.10 -4.80 46.82
C ILE D 322 -22.26 -5.58 46.21
N ASP D 323 -22.61 -5.28 44.96
CA ASP D 323 -23.72 -5.96 44.23
C ASP D 323 -23.12 -6.92 43.18
N ILE D 324 -22.05 -6.49 42.53
CA ILE D 324 -21.40 -7.24 41.41
C ILE D 324 -19.90 -7.35 41.65
N ILE D 325 -19.38 -8.57 41.62
CA ILE D 325 -17.91 -8.83 41.69
C ILE D 325 -17.47 -9.36 40.32
N VAL D 326 -16.54 -8.67 39.67
CA VAL D 326 -15.94 -9.08 38.37
C VAL D 326 -14.53 -9.55 38.66
N PHE D 327 -14.20 -10.80 38.31
CA PHE D 327 -12.87 -11.42 38.53
C PHE D 327 -12.04 -11.34 37.24
N ALA D 328 -11.25 -10.27 37.11
CA ALA D 328 -10.29 -10.07 35.99
C ALA D 328 -8.97 -10.77 36.34
N THR D 329 -9.08 -12.05 36.71
CA THR D 329 -8.03 -12.86 37.38
C THR D 329 -7.19 -13.64 36.36
N GLY D 330 -7.33 -13.29 35.06
CA GLY D 330 -6.50 -13.83 33.96
C GLY D 330 -7.01 -15.16 33.47
N TYR D 331 -6.24 -15.80 32.59
CA TYR D 331 -6.60 -17.08 31.91
C TYR D 331 -5.47 -18.10 32.12
N THR D 332 -5.84 -19.38 32.06
CA THR D 332 -4.89 -20.52 31.95
C THR D 332 -4.70 -20.82 30.46
N PHE D 333 -4.14 -21.99 30.13
CA PHE D 333 -4.07 -22.53 28.74
C PHE D 333 -3.80 -24.03 28.81
N ALA D 334 -4.24 -24.74 27.77
CA ALA D 334 -4.10 -26.21 27.63
C ALA D 334 -4.11 -26.58 26.14
N PHE D 335 -3.75 -27.82 25.84
CA PHE D 335 -3.82 -28.41 24.48
C PHE D 335 -4.48 -29.78 24.58
N PRO D 336 -5.83 -29.83 24.52
CA PRO D 336 -6.57 -31.09 24.59
C PRO D 336 -6.29 -32.08 23.44
N PHE D 337 -5.87 -31.56 22.28
CA PHE D 337 -5.64 -32.36 21.05
C PHE D 337 -4.21 -32.90 21.00
N LEU D 338 -3.27 -32.25 21.70
CA LEU D 338 -1.90 -32.80 21.92
C LEU D 338 -1.94 -33.77 23.12
N ASP D 339 -1.02 -34.74 23.12
CA ASP D 339 -0.78 -35.67 24.25
C ASP D 339 0.39 -35.12 25.09
N GLU D 340 0.46 -35.49 26.37
CA GLU D 340 1.53 -35.03 27.31
C GLU D 340 2.91 -35.42 26.78
N SER D 341 3.00 -36.54 26.06
CA SER D 341 4.24 -37.04 25.40
C SER D 341 4.86 -35.94 24.52
N VAL D 342 4.02 -35.04 23.98
CA VAL D 342 4.40 -34.00 22.97
C VAL D 342 4.64 -32.66 23.65
N VAL D 343 3.61 -32.09 24.31
CA VAL D 343 3.63 -30.75 24.97
C VAL D 343 3.26 -30.89 26.46
N LYS D 344 4.01 -30.21 27.34
CA LYS D 344 4.02 -30.43 28.81
C LYS D 344 2.80 -29.75 29.46
N VAL D 345 2.73 -28.42 29.33
CA VAL D 345 1.79 -27.44 29.97
C VAL D 345 2.01 -27.39 31.49
N GLU D 346 3.27 -27.26 31.94
CA GLU D 346 3.64 -27.17 33.39
C GLU D 346 4.03 -25.73 33.77
N ASN D 347 3.34 -25.17 34.78
CA ASN D 347 3.65 -23.83 35.36
C ASN D 347 3.56 -22.74 34.30
N GLY D 348 2.39 -22.65 33.65
CA GLY D 348 2.08 -21.64 32.60
C GLY D 348 3.13 -21.61 31.51
N GLN D 349 3.58 -22.78 31.06
CA GLN D 349 4.79 -22.96 30.21
C GLN D 349 4.79 -24.37 29.63
N ALA D 350 5.10 -24.53 28.34
CA ALA D 350 4.98 -25.79 27.56
C ALA D 350 6.35 -26.47 27.37
N SER D 351 7.43 -25.77 27.70
CA SER D 351 8.84 -26.27 27.76
C SER D 351 9.41 -26.38 26.35
N LEU D 352 8.96 -25.53 25.43
CA LEU D 352 9.30 -25.58 23.98
C LEU D 352 10.55 -24.76 23.69
N TYR D 353 11.44 -25.28 22.85
CA TYR D 353 12.60 -24.53 22.29
C TYR D 353 12.05 -23.34 21.50
N LYS D 354 12.49 -22.13 21.85
CA LYS D 354 12.01 -20.85 21.24
C LYS D 354 10.49 -20.76 21.32
N TYR D 355 9.89 -21.37 22.37
CA TYR D 355 8.43 -21.35 22.67
C TYR D 355 7.62 -21.87 21.48
N ILE D 356 8.22 -22.75 20.66
CA ILE D 356 7.61 -23.31 19.41
C ILE D 356 7.77 -24.84 19.37
N PHE D 357 8.99 -25.35 19.23
CA PHE D 357 9.28 -26.80 18.94
C PHE D 357 9.43 -27.58 20.23
N PRO D 358 8.81 -28.79 20.36
CA PRO D 358 8.84 -29.55 21.59
C PRO D 358 10.15 -30.28 21.89
N ALA D 359 11.17 -30.13 21.03
CA ALA D 359 12.61 -30.23 21.37
C ALA D 359 12.99 -31.59 21.96
N HIS D 360 12.33 -32.66 21.52
CA HIS D 360 12.72 -34.07 21.81
C HIS D 360 12.24 -34.97 20.67
N LEU D 361 11.05 -34.69 20.13
CA LEU D 361 10.56 -35.27 18.85
C LEU D 361 11.73 -35.55 17.90
N PRO D 362 11.89 -36.81 17.43
CA PRO D 362 12.91 -37.13 16.44
C PRO D 362 12.89 -36.15 15.27
N LYS D 363 11.71 -35.98 14.65
CA LYS D 363 11.47 -35.10 13.48
C LYS D 363 10.86 -33.78 13.96
N PRO D 364 11.41 -32.62 13.56
CA PRO D 364 10.83 -31.32 13.93
C PRO D 364 9.67 -30.92 13.01
N THR D 365 8.50 -31.53 13.20
CA THR D 365 7.32 -31.36 12.30
C THR D 365 6.05 -30.95 13.06
N LEU D 366 6.16 -30.58 14.33
CA LEU D 366 5.06 -29.89 15.06
C LEU D 366 5.61 -28.60 15.66
N ALA D 367 4.95 -27.49 15.34
CA ALA D 367 5.32 -26.12 15.76
C ALA D 367 4.13 -25.48 16.49
N VAL D 368 4.41 -24.81 17.60
CA VAL D 368 3.41 -24.07 18.41
C VAL D 368 3.62 -22.58 18.17
N ILE D 369 2.73 -21.96 17.41
CA ILE D 369 2.78 -20.50 17.13
C ILE D 369 1.91 -19.76 18.15
N GLY D 370 2.43 -18.68 18.73
CA GLY D 370 1.65 -17.71 19.53
C GLY D 370 1.48 -18.15 20.97
N LEU D 371 2.41 -18.93 21.50
CA LEU D 371 2.47 -19.24 22.94
C LEU D 371 3.69 -18.54 23.52
N ILE D 372 3.63 -17.22 23.54
CA ILE D 372 4.73 -16.32 23.99
C ILE D 372 4.11 -15.02 24.53
N LYS D 373 4.77 -14.42 25.53
CA LYS D 373 4.35 -13.15 26.17
C LYS D 373 5.48 -12.15 25.98
N PRO D 374 5.58 -11.57 24.76
CA PRO D 374 6.65 -10.62 24.44
C PRO D 374 6.40 -9.21 24.97
N LEU D 375 7.42 -8.35 24.85
CA LEU D 375 7.42 -6.92 25.31
C LEU D 375 6.95 -6.03 24.16
N GLY D 376 5.90 -6.48 23.46
CA GLY D 376 5.45 -5.93 22.17
C GLY D 376 4.30 -6.74 21.62
N SER D 377 3.94 -6.54 20.36
CA SER D 377 2.70 -7.12 19.76
C SER D 377 2.88 -8.60 19.44
N ILE D 378 1.81 -9.38 19.65
CA ILE D 378 1.69 -10.81 19.25
C ILE D 378 1.77 -10.91 17.73
N ILE D 379 1.04 -10.03 17.03
CA ILE D 379 0.86 -10.05 15.54
C ILE D 379 2.19 -10.34 14.87
N PRO D 380 3.21 -9.45 14.97
CA PRO D 380 4.48 -9.65 14.27
C PRO D 380 5.31 -10.81 14.84
N THR D 381 5.26 -10.99 16.15
CA THR D 381 5.94 -12.12 16.87
C THR D 381 5.45 -13.45 16.30
N GLY D 382 4.14 -13.70 16.36
CA GLY D 382 3.49 -14.89 15.77
C GLY D 382 3.91 -15.10 14.32
N GLU D 383 3.88 -14.04 13.51
CA GLU D 383 4.27 -14.05 12.08
C GLU D 383 5.76 -14.42 11.95
N THR D 384 6.61 -13.66 12.62
CA THR D 384 8.08 -13.87 12.63
C THR D 384 8.39 -15.25 13.21
N GLN D 385 7.64 -15.70 14.21
CA GLN D 385 7.66 -17.11 14.69
C GLN D 385 7.44 -18.05 13.49
N ALA D 386 6.33 -17.87 12.77
CA ALA D 386 5.85 -18.74 11.67
C ALA D 386 6.88 -18.79 10.54
N ARG D 387 7.55 -17.67 10.24
CA ARG D 387 8.56 -17.62 9.16
C ARG D 387 9.62 -18.69 9.44
N TRP D 388 10.27 -18.60 10.60
CA TRP D 388 11.35 -19.53 11.02
C TRP D 388 10.80 -20.95 11.20
N ALA D 389 9.51 -21.07 11.52
CA ALA D 389 8.84 -22.37 11.72
C ALA D 389 8.71 -23.11 10.38
N VAL D 390 7.90 -22.61 9.46
CA VAL D 390 7.60 -23.30 8.17
C VAL D 390 8.92 -23.72 7.52
N ARG D 391 9.99 -22.94 7.72
CA ARG D 391 11.31 -23.19 7.05
C ARG D 391 12.09 -24.28 7.79
N VAL D 392 11.67 -24.65 9.00
CA VAL D 392 12.19 -25.86 9.70
C VAL D 392 11.43 -27.09 9.17
N LEU D 393 10.11 -26.96 9.07
CA LEU D 393 9.18 -28.01 8.52
C LEU D 393 9.55 -28.35 7.06
N LYS D 394 9.91 -27.32 6.28
CA LYS D 394 10.41 -27.46 4.89
C LYS D 394 11.83 -28.04 4.92
N GLY D 395 12.56 -27.85 6.01
CA GLY D 395 13.92 -28.39 6.21
C GLY D 395 15.00 -27.47 5.66
N ILE D 396 14.62 -26.25 5.23
CA ILE D 396 15.56 -25.22 4.68
C ILE D 396 16.40 -24.64 5.82
N ASN D 397 15.80 -24.55 7.02
CA ASN D 397 16.52 -24.27 8.29
C ASN D 397 16.40 -25.54 9.15
N LYS D 398 17.24 -25.65 10.17
CA LYS D 398 17.33 -26.89 10.99
C LYS D 398 17.54 -26.51 12.47
N LEU D 399 16.92 -27.28 13.37
CA LEU D 399 17.08 -27.12 14.85
C LEU D 399 18.39 -27.77 15.26
N PRO D 400 19.10 -27.24 16.27
CA PRO D 400 20.27 -27.92 16.83
C PRO D 400 19.91 -29.26 17.48
N PRO D 401 20.90 -30.04 17.97
CA PRO D 401 20.62 -31.35 18.59
C PRO D 401 19.67 -31.31 19.80
N GLN D 402 18.91 -32.39 20.00
CA GLN D 402 17.94 -32.55 21.13
C GLN D 402 18.68 -32.25 22.45
N SER D 403 19.95 -32.63 22.52
CA SER D 403 20.85 -32.42 23.69
C SER D 403 21.02 -30.93 23.99
N VAL D 404 21.08 -30.11 22.95
CA VAL D 404 21.36 -28.64 23.05
C VAL D 404 20.06 -27.90 23.38
N MET D 405 18.95 -28.30 22.77
CA MET D 405 17.61 -27.65 22.95
C MET D 405 17.12 -27.92 24.39
N ILE D 406 17.13 -29.19 24.80
CA ILE D 406 16.57 -29.62 26.12
C ILE D 406 17.28 -28.88 27.25
N GLU D 407 18.60 -28.70 27.14
CA GLU D 407 19.44 -28.08 28.22
C GLU D 407 19.27 -26.55 28.17
N GLU D 408 19.16 -25.96 26.98
CA GLU D 408 18.98 -24.50 26.79
C GLU D 408 17.60 -24.09 27.31
N VAL D 409 16.59 -24.91 27.02
CA VAL D 409 15.19 -24.71 27.50
C VAL D 409 15.17 -24.71 29.03
N ASN D 410 15.92 -25.61 29.66
CA ASN D 410 15.93 -25.79 31.15
C ASN D 410 16.52 -24.54 31.82
N ALA D 411 17.34 -23.77 31.11
CA ALA D 411 17.95 -22.50 31.58
C ALA D 411 16.87 -21.42 31.72
N ARG D 412 16.02 -21.28 30.70
CA ARG D 412 14.90 -20.31 30.67
C ARG D 412 13.80 -20.79 31.64
N LYS D 413 13.68 -22.12 31.83
CA LYS D 413 12.60 -22.78 32.63
C LYS D 413 12.84 -22.58 34.13
N GLU D 414 14.09 -22.34 34.54
CA GLU D 414 14.43 -22.07 35.96
C GLU D 414 14.29 -20.55 36.24
N ASN D 415 13.92 -19.76 35.23
CA ASN D 415 13.53 -18.32 35.36
C ASN D 415 14.64 -17.53 36.04
N LYS D 416 15.90 -17.80 35.68
CA LYS D 416 17.10 -17.27 36.38
C LYS D 416 17.28 -15.80 35.99
N PRO D 417 17.14 -14.84 36.94
CA PRO D 417 17.10 -13.41 36.60
C PRO D 417 18.25 -12.87 35.74
N SER D 418 19.49 -13.27 36.04
CA SER D 418 20.73 -12.88 35.31
C SER D 418 20.92 -11.36 35.32
N GLY D 419 20.20 -10.64 36.18
CA GLY D 419 20.31 -9.18 36.37
C GLY D 419 20.45 -8.42 35.06
N PHE D 420 21.16 -7.28 35.11
CA PHE D 420 21.35 -6.33 33.97
C PHE D 420 19.99 -5.97 33.36
N GLY D 421 19.67 -6.48 32.17
CA GLY D 421 18.47 -6.09 31.39
C GLY D 421 17.18 -6.37 32.14
N LEU D 422 16.30 -5.37 32.25
CA LEU D 422 14.91 -5.49 32.77
C LEU D 422 14.53 -6.98 32.88
N CYS D 423 14.82 -7.61 34.02
CA CYS D 423 14.63 -9.08 34.26
C CYS D 423 13.35 -9.58 33.59
N TYR D 424 13.45 -10.59 32.73
CA TYR D 424 12.29 -11.13 31.97
C TYR D 424 11.59 -12.16 32.87
N CYS D 425 10.42 -11.73 33.35
CA CYS D 425 9.58 -12.27 34.47
C CYS D 425 9.79 -13.78 34.70
N LYS D 426 8.85 -14.60 34.22
CA LYS D 426 8.72 -16.03 34.58
C LYS D 426 8.23 -16.84 33.36
N ALA D 427 6.93 -16.87 33.13
CA ALA D 427 6.29 -17.79 32.16
C ALA D 427 6.17 -17.06 30.84
N LEU D 428 6.81 -17.57 29.79
CA LEU D 428 6.69 -17.06 28.39
C LEU D 428 7.16 -15.59 28.33
N GLN D 429 7.78 -15.11 29.41
CA GLN D 429 8.77 -14.01 29.40
C GLN D 429 9.52 -13.98 28.05
N SER D 430 9.69 -12.80 27.45
CA SER D 430 10.68 -12.61 26.35
C SER D 430 10.72 -11.16 25.86
N ASP D 431 11.92 -10.65 25.64
CA ASP D 431 12.17 -9.36 24.95
C ASP D 431 11.70 -9.47 23.50
N TYR D 432 11.01 -8.43 22.99
CA TYR D 432 10.45 -8.39 21.62
C TYR D 432 11.61 -8.39 20.62
N ILE D 433 12.49 -7.40 20.71
CA ILE D 433 13.57 -7.16 19.70
C ILE D 433 14.49 -8.39 19.64
N THR D 434 14.95 -8.84 20.81
CA THR D 434 15.87 -10.01 20.97
C THR D 434 15.32 -11.22 20.22
N TYR D 435 14.19 -11.75 20.69
CA TYR D 435 13.52 -12.97 20.17
C TYR D 435 13.31 -12.84 18.65
N ILE D 436 12.93 -11.66 18.19
CA ILE D 436 12.74 -11.39 16.73
C ILE D 436 14.10 -11.50 16.02
N ASP D 437 15.12 -10.82 16.53
CA ASP D 437 16.46 -10.75 15.89
C ASP D 437 17.08 -12.16 15.86
N GLU D 438 16.90 -12.93 16.94
CA GLU D 438 17.34 -14.35 17.05
C GLU D 438 16.79 -15.14 15.86
N LEU D 439 15.51 -14.91 15.53
CA LEU D 439 14.75 -15.65 14.49
C LEU D 439 15.04 -15.10 13.09
N LEU D 440 15.14 -13.77 12.97
CA LEU D 440 15.54 -13.11 11.70
C LEU D 440 16.95 -13.57 11.31
N THR D 441 17.83 -13.73 12.30
CA THR D 441 19.19 -14.31 12.12
C THR D 441 19.03 -15.70 11.51
N TYR D 442 18.28 -16.58 12.18
CA TYR D 442 18.07 -18.01 11.84
C TYR D 442 17.57 -18.19 10.39
N ILE D 443 16.88 -17.19 9.83
CA ILE D 443 16.33 -17.26 8.43
C ILE D 443 17.07 -16.25 7.53
N ASN D 444 18.07 -15.55 8.08
CA ASN D 444 18.98 -14.64 7.32
C ASN D 444 18.17 -13.47 6.73
N ALA D 445 17.29 -12.89 7.55
CA ALA D 445 16.49 -11.67 7.25
C ALA D 445 16.95 -10.50 8.13
N LYS D 446 17.72 -10.77 9.19
CA LYS D 446 18.24 -9.73 10.12
C LYS D 446 19.13 -8.77 9.35
N PRO D 447 18.72 -7.49 9.17
CA PRO D 447 19.50 -6.55 8.36
C PRO D 447 20.79 -6.14 9.08
N ASN D 448 21.89 -6.05 8.33
CA ASN D 448 23.23 -5.65 8.84
C ASN D 448 23.23 -4.12 9.02
N LEU D 449 23.02 -3.65 10.25
CA LEU D 449 22.78 -2.22 10.57
C LEU D 449 24.08 -1.42 10.36
N LEU D 450 25.21 -2.02 10.75
CA LEU D 450 26.55 -1.43 10.59
C LEU D 450 26.76 -1.13 9.10
N SER D 451 26.67 -2.17 8.26
CA SER D 451 26.74 -2.06 6.77
C SER D 451 25.73 -1.02 6.28
N MET D 452 24.46 -1.20 6.64
CA MET D 452 23.35 -0.26 6.31
C MET D 452 23.87 1.18 6.38
N LEU D 453 24.49 1.55 7.50
CA LEU D 453 24.92 2.94 7.83
C LEU D 453 25.76 3.52 6.67
N LEU D 454 26.62 2.68 6.08
CA LEU D 454 27.55 3.07 4.98
C LEU D 454 26.76 3.17 3.67
N THR D 455 26.07 2.09 3.31
CA THR D 455 25.24 1.97 2.07
C THR D 455 24.11 3.01 2.11
N ASP D 456 23.16 2.86 3.05
CA ASP D 456 21.98 3.76 3.22
C ASP D 456 21.92 4.26 4.67
N PRO D 457 22.35 5.50 4.95
CA PRO D 457 22.49 5.99 6.33
C PRO D 457 21.16 6.47 6.94
N ARG D 458 20.31 7.07 6.10
CA ARG D 458 18.94 7.53 6.47
C ARG D 458 18.22 6.35 7.13
N LEU D 459 17.90 5.34 6.32
CA LEU D 459 17.15 4.10 6.73
C LEU D 459 17.83 3.48 7.96
N ALA D 460 19.16 3.35 7.91
CA ALA D 460 20.00 2.74 8.97
C ALA D 460 19.64 3.32 10.34
N LEU D 461 19.54 4.64 10.43
CA LEU D 461 19.29 5.35 11.71
C LEU D 461 17.81 5.20 12.12
N THR D 462 16.88 5.33 11.15
CA THR D 462 15.41 5.23 11.34
C THR D 462 15.04 3.83 11.85
N ILE D 463 15.95 2.87 11.68
CA ILE D 463 15.77 1.44 12.10
C ILE D 463 16.30 1.30 13.53
N PHE D 464 17.39 1.99 13.86
CA PHE D 464 18.06 1.85 15.18
C PHE D 464 17.39 2.77 16.21
N PHE D 465 17.25 4.06 15.88
CA PHE D 465 16.76 5.13 16.80
C PHE D 465 15.23 5.27 16.70
N GLY D 466 14.69 5.11 15.49
CA GLY D 466 13.23 5.13 15.23
C GLY D 466 12.54 3.86 15.73
N PRO D 467 11.19 3.85 15.79
CA PRO D 467 10.45 2.72 16.37
C PRO D 467 10.68 1.42 15.60
N CYS D 468 11.00 0.35 16.32
CA CYS D 468 11.30 -1.00 15.75
C CYS D 468 10.02 -1.60 15.12
N THR D 469 9.58 -0.99 14.03
CA THR D 469 8.35 -1.37 13.27
C THR D 469 8.58 -2.67 12.51
N PRO D 470 7.57 -3.56 12.43
CA PRO D 470 7.74 -4.89 11.86
C PRO D 470 8.15 -4.91 10.37
N TYR D 471 7.95 -3.80 9.66
CA TYR D 471 8.41 -3.61 8.25
C TYR D 471 9.90 -3.96 8.10
N GLN D 472 10.72 -3.57 9.07
CA GLN D 472 12.20 -3.71 9.05
C GLN D 472 12.63 -5.15 9.30
N PHE D 473 11.67 -6.08 9.32
CA PHE D 473 11.96 -7.54 9.33
C PHE D 473 12.05 -8.03 7.88
N ARG D 474 11.12 -7.58 7.03
CA ARG D 474 11.04 -7.95 5.59
C ARG D 474 11.83 -6.94 4.73
N LEU D 475 13.01 -6.56 5.19
CA LEU D 475 13.85 -5.54 4.52
C LEU D 475 14.90 -6.25 3.67
N THR D 476 15.47 -7.33 4.22
CA THR D 476 16.41 -8.25 3.50
C THR D 476 16.06 -9.70 3.87
N GLY D 477 16.66 -10.66 3.15
CA GLY D 477 16.48 -12.10 3.39
C GLY D 477 15.27 -12.68 2.65
N PRO D 478 14.90 -13.96 2.93
CA PRO D 478 13.74 -14.58 2.30
C PRO D 478 12.44 -13.91 2.76
N GLY D 479 11.53 -13.65 1.82
CA GLY D 479 10.25 -12.95 2.05
C GLY D 479 10.39 -11.44 1.90
N LYS D 480 11.62 -10.95 1.67
CA LYS D 480 11.93 -9.52 1.45
C LYS D 480 10.73 -8.85 0.74
N TRP D 481 10.25 -7.74 1.30
CA TRP D 481 9.14 -6.91 0.73
C TRP D 481 9.73 -5.59 0.19
N GLU D 482 9.28 -5.17 -0.99
CA GLU D 482 9.81 -3.98 -1.71
C GLU D 482 9.41 -2.72 -0.93
N GLY D 483 8.10 -2.52 -0.75
CA GLY D 483 7.52 -1.32 -0.10
C GLY D 483 8.10 -1.05 1.29
N ALA D 484 8.68 -2.08 1.92
CA ALA D 484 9.25 -2.06 3.30
C ALA D 484 9.99 -0.74 3.58
N ARG D 485 11.02 -0.43 2.80
CA ARG D 485 11.86 0.78 2.97
C ARG D 485 10.97 2.01 3.02
N ASN D 486 10.15 2.20 1.98
CA ASN D 486 9.21 3.33 1.85
C ASN D 486 8.27 3.38 3.07
N ALA D 487 7.79 2.22 3.52
CA ALA D 487 6.88 2.06 4.69
C ALA D 487 7.56 2.56 5.97
N ILE D 488 8.80 2.15 6.21
CA ILE D 488 9.59 2.49 7.43
C ILE D 488 9.80 4.01 7.51
N LEU D 489 9.98 4.66 6.37
CA LEU D 489 10.33 6.12 6.32
C LEU D 489 9.06 6.96 6.40
N THR D 490 7.92 6.43 5.94
CA THR D 490 6.60 7.12 6.02
C THR D 490 5.92 6.81 7.37
N GLN D 491 6.53 5.96 8.20
CA GLN D 491 6.05 5.53 9.55
C GLN D 491 5.15 6.59 10.19
N TRP D 492 5.71 7.76 10.46
CA TRP D 492 5.12 8.82 11.32
C TRP D 492 4.04 9.57 10.54
N ASP D 493 4.22 9.74 9.23
CA ASP D 493 3.29 10.47 8.33
C ASP D 493 1.88 9.88 8.50
N ARG D 494 1.78 8.55 8.55
CA ARG D 494 0.51 7.79 8.73
C ARG D 494 0.06 7.89 10.20
N THR D 495 1.02 7.87 11.13
CA THR D 495 0.77 7.95 12.60
C THR D 495 0.12 9.30 12.96
N PHE D 496 0.32 10.33 12.15
CA PHE D 496 -0.16 11.71 12.43
C PHE D 496 -1.35 12.12 11.54
N LYS D 497 -1.54 11.51 10.38
CA LYS D 497 -2.66 11.84 9.45
C LYS D 497 -4.01 11.68 10.17
N VAL D 498 -4.12 10.69 11.07
CA VAL D 498 -5.41 10.24 11.71
C VAL D 498 -5.71 11.07 12.96
N THR D 499 -4.70 11.55 13.68
CA THR D 499 -4.83 12.43 14.86
C THR D 499 -5.02 13.87 14.39
N LYS D 500 -4.29 14.26 13.34
CA LYS D 500 -4.23 15.65 12.79
C LYS D 500 -5.43 15.90 11.87
N THR D 501 -6.65 15.73 12.39
CA THR D 501 -7.91 15.93 11.62
C THR D 501 -8.22 17.42 11.47
N ARG D 502 -7.33 18.27 11.99
CA ARG D 502 -7.45 19.75 11.91
C ARG D 502 -6.06 20.39 11.73
N ILE D 503 -5.82 20.92 10.53
CA ILE D 503 -4.58 21.67 10.13
C ILE D 503 -4.52 22.99 10.93
N VAL D 504 -3.41 23.71 10.83
CA VAL D 504 -3.19 25.01 11.52
C VAL D 504 -2.64 26.02 10.49
N GLN D 505 -1.65 26.85 10.83
CA GLN D 505 -1.09 27.89 9.91
C GLN D 505 0.34 27.48 9.51
N GLU D 506 8.68 14.00 11.98
CA GLU D 506 9.01 12.59 11.69
C GLU D 506 10.26 12.18 12.48
N SER D 507 10.13 12.05 13.81
CA SER D 507 11.19 11.63 14.76
C SER D 507 10.56 11.09 16.05
N PRO D 508 11.29 10.25 16.79
CA PRO D 508 10.88 9.64 18.08
C PRO D 508 11.43 10.45 19.25
N SER D 509 11.59 9.83 20.42
CA SER D 509 12.31 10.40 21.60
C SER D 509 13.22 9.33 22.22
N PRO D 510 14.16 9.76 23.07
CA PRO D 510 15.13 8.90 23.82
C PRO D 510 14.69 8.77 25.29
N PHE D 511 15.63 8.56 26.21
CA PHE D 511 15.40 8.23 27.65
C PHE D 511 14.58 9.33 28.36
N ALA D 512 14.87 10.60 28.06
CA ALA D 512 14.18 11.81 28.60
C ALA D 512 13.51 12.59 27.47
N SER D 513 14.30 13.01 26.47
CA SER D 513 13.86 13.66 25.20
C SER D 513 15.08 13.91 24.29
N LEU D 514 14.86 13.89 22.97
CA LEU D 514 15.87 14.10 21.89
C LEU D 514 17.28 14.29 22.48
N LEU D 515 25.92 16.29 29.32
CA LEU D 515 27.15 16.69 30.04
C LEU D 515 28.25 15.64 29.83
N LYS D 516 29.45 15.88 30.38
CA LYS D 516 30.64 15.01 30.25
C LYS D 516 30.44 13.73 31.08
N LEU D 517 30.57 12.55 30.45
CA LEU D 517 30.22 11.22 31.03
C LEU D 517 31.12 10.11 30.46
N LEU D 518 30.94 8.87 30.97
CA LEU D 518 31.69 7.64 30.61
C LEU D 518 32.99 7.98 29.87
PA FAD E . -26.58 29.19 40.59
O1A FAD E . -27.09 29.25 39.18
O2A FAD E . -25.87 27.96 41.08
O5B FAD E . -27.79 29.49 41.57
C5B FAD E . -28.70 30.56 41.27
C4B FAD E . -29.96 30.32 42.06
O4B FAD E . -30.82 31.47 41.94
C3B FAD E . -30.79 29.10 41.62
O3B FAD E . -31.13 28.27 42.72
C2B FAD E . -32.01 29.73 40.95
O2B FAD E . -33.16 28.95 41.12
C1B FAD E . -32.14 31.04 41.72
N9A FAD E . -32.85 32.11 41.04
C8A FAD E . -32.64 32.57 39.76
N7A FAD E . -33.45 33.56 39.45
C5A FAD E . -34.21 33.76 40.59
C6A FAD E . -35.24 34.66 40.89
N6A FAD E . -35.67 35.58 40.03
N1A FAD E . -35.79 34.60 42.12
C2A FAD E . -35.32 33.68 42.98
N3A FAD E . -34.36 32.78 42.80
C4A FAD E . -33.85 32.88 41.57
N1 FAD E . -17.45 26.51 39.92
C2 FAD E . -16.46 26.14 40.76
O2 FAD E . -15.99 26.94 41.57
N3 FAD E . -15.94 24.89 40.75
C4 FAD E . -16.40 23.92 39.90
O4 FAD E . -15.90 22.80 39.93
C4X FAD E . -17.43 24.27 39.01
N5 FAD E . -17.88 23.35 38.20
C5X FAD E . -18.89 23.71 37.34
C6 FAD E . -19.37 22.72 36.47
C7 FAD E . -20.38 22.98 35.58
C7M FAD E . -20.86 21.88 34.67
C8 FAD E . -20.95 24.27 35.54
C8M FAD E . -22.06 24.59 34.55
C9 FAD E . -20.49 25.26 36.40
C9A FAD E . -19.45 25.00 37.32
N10 FAD E . -18.96 25.95 38.21
C10 FAD E . -17.93 25.62 39.07
C1' FAD E . -19.50 27.32 38.23
C2' FAD E . -20.81 27.45 38.98
O2' FAD E . -21.56 28.57 38.46
C3' FAD E . -20.61 27.66 40.49
O3' FAD E . -19.81 26.59 40.94
C4' FAD E . -21.88 27.73 41.34
O4' FAD E . -22.92 26.98 40.70
C5' FAD E . -22.37 29.14 41.58
O5' FAD E . -23.75 29.24 42.05
P FAD E . -24.47 30.68 42.00
O1P FAD E . -25.08 30.99 43.33
O2P FAD E . -23.53 31.70 41.43
O3P FAD E . -25.65 30.46 40.94
PA NAP F . -17.89 27.92 27.63
O1A NAP F . -17.98 29.40 27.36
O2A NAP F . -16.69 27.35 28.33
O5B NAP F . -18.02 27.14 26.24
C5B NAP F . -18.57 27.80 25.11
C4B NAP F . -17.70 27.46 23.90
O4B NAP F . -18.51 27.46 22.72
C3B NAP F . -16.57 28.45 23.65
O3B NAP F . -15.39 28.13 24.41
C2B NAP F . -16.36 28.31 22.17
O2B NAP F . -15.45 27.25 21.89
C1B NAP F . -17.74 27.96 21.63
N9A NAP F . -18.43 29.13 21.03
C8A NAP F . -18.85 30.25 21.65
N7A NAP F . -19.45 31.09 20.77
C5A NAP F . -19.42 30.49 19.56
C6A NAP F . -19.87 30.81 18.20
N6A NAP F . -20.49 31.97 17.95
N1A NAP F . -19.64 29.89 17.21
C2A NAP F . -19.02 28.72 17.44
N3A NAP F . -18.58 28.37 18.66
C4A NAP F . -18.74 29.19 19.73
O3 NAP F . -19.24 27.40 28.35
PN NAP F . -19.42 25.91 28.97
O1N NAP F . -18.24 25.04 28.57
O2N NAP F . -20.82 25.38 28.70
O5D NAP F . -19.36 26.19 30.57
C5D NAP F . -18.82 27.39 31.14
C4D NAP F . -18.20 27.07 32.49
O4D NAP F . -18.89 25.96 33.07
C3D NAP F . -16.73 26.65 32.43
O3D NAP F . -15.80 27.74 32.44
C2D NAP F . -16.60 25.80 33.66
O2D NAP F . -16.39 26.62 34.83
C1D NAP F . -17.96 25.11 33.78
N1N NAP F . -17.98 23.71 33.30
C2N NAP F . -17.14 22.79 33.83
C3N NAP F . -17.14 21.44 33.43
C7N NAP F . -16.21 20.38 33.99
O7N NAP F . -15.29 19.94 33.31
N7N NAP F . -16.49 19.96 35.22
C4N NAP F . -18.05 21.05 32.46
C5N NAP F . -18.92 22.00 31.92
C6N NAP F . -18.88 23.32 32.36
P2B NAP F . -14.60 27.10 20.53
O1X NAP F . -13.77 28.36 20.59
O2X NAP F . -13.80 25.84 20.73
O3X NAP F . -15.63 27.01 19.41
C1B LMT G . 2.88 40.54 46.38
C2B LMT G . 2.46 39.08 46.09
C3B LMT G . 1.31 38.60 46.97
C4B LMT G . 1.39 39.24 48.35
C5B LMT G . 1.27 40.76 48.24
C6B LMT G . 1.95 41.45 49.41
O1B LMT G . 3.29 41.25 45.18
O2B LMT G . 2.09 38.85 44.72
O3B LMT G . 1.32 37.17 47.09
O4' LMT G . 0.36 38.71 49.19
O5B LMT G . 1.79 41.27 47.00
O6B LMT G . 1.42 42.77 49.53
C1' LMT G . 4.86 42.74 42.39
C2' LMT G . 6.04 41.95 42.95
C3' LMT G . 5.49 41.08 44.08
C4' LMT G . 4.62 41.85 45.10
C5' LMT G . 4.49 43.37 44.77
C6' LMT G . 5.60 44.18 45.44
O1' LMT G . 5.13 43.31 41.10
O2' LMT G . 6.69 41.15 41.96
O3' LMT G . 6.59 40.44 44.74
O5' LMT G . 4.50 43.73 43.37
O6' LMT G . 5.10 45.43 45.98
C1 LMT G . 3.96 43.72 40.36
C2 LMT G . 4.08 43.43 38.86
C3 LMT G . 4.45 44.66 38.03
C4 LMT G . 5.81 44.51 37.35
C5 LMT G . 7.01 44.57 38.31
C6 LMT G . 8.12 43.59 37.91
C7 LMT G . 9.32 43.53 38.87
C8 LMT G . 9.19 42.46 39.96
C9 LMT G . 10.20 41.31 39.83
C10 LMT G . 10.00 40.26 40.94
C11 LMT G . 11.03 39.14 40.88
C12 LMT G . 10.77 38.07 41.93
C1 GOL H . -20.57 33.95 25.60
O1 GOL H . -21.73 34.72 25.29
C2 GOL H . -20.89 32.48 25.88
O2 GOL H . -20.72 31.73 24.68
C3 GOL H . -20.05 31.84 26.97
O3 GOL H . -19.88 32.65 28.13
CL CL I . -30.49 13.82 27.12
C1 GOL J . -14.70 29.24 37.75
O1 GOL J . -14.75 29.61 36.37
C2 GOL J . -14.38 27.78 37.94
O2 GOL J . -15.39 26.98 37.31
C3 GOL J . -13.00 27.39 37.41
O3 GOL J . -12.56 26.13 37.90
PA FAD K . 28.47 -28.61 -38.50
O1A FAD K . 28.89 -28.64 -37.07
O2A FAD K . 27.08 -28.22 -38.85
O5B FAD K . 28.79 -30.03 -39.16
C5B FAD K . 30.03 -30.68 -38.83
C4B FAD K . 29.87 -32.15 -39.14
O4B FAD K . 31.16 -32.80 -38.99
C3B FAD K . 28.90 -32.91 -38.23
O3B FAD K . 27.97 -33.67 -38.97
C2B FAD K . 29.82 -33.78 -37.37
O2B FAD K . 29.17 -34.98 -37.00
C1B FAD K . 30.99 -34.02 -38.32
N9A FAD K . 32.26 -34.36 -37.69
C8A FAD K . 32.88 -33.72 -36.65
N7A FAD K . 34.01 -34.28 -36.32
C5A FAD K . 34.15 -35.34 -37.21
C6A FAD K . 35.15 -36.32 -37.38
N6A FAD K . 36.25 -36.39 -36.65
N1A FAD K . 34.96 -37.23 -38.37
C2A FAD K . 33.86 -37.16 -39.12
N3A FAD K . 32.85 -36.29 -39.05
C4A FAD K . 33.07 -35.40 -38.05
N1 FAD K . 24.47 -20.07 -40.03
C2 FAD K . 23.82 -19.44 -41.03
O2 FAD K . 24.39 -19.16 -42.08
N3 FAD K . 22.52 -19.09 -40.92
C4 FAD K . 21.79 -19.33 -39.79
O4 FAD K . 20.62 -18.99 -39.73
C4X FAD K . 22.43 -19.99 -38.72
N5 FAD K . 21.74 -20.25 -37.65
C5X FAD K . 22.39 -20.90 -36.63
C6 FAD K . 21.64 -21.19 -35.47
C7 FAD K . 22.20 -21.84 -34.41
C7M FAD K . 21.34 -22.13 -33.20
C8 FAD K . 23.57 -22.23 -34.45
C8M FAD K . 24.19 -22.94 -33.28
C9 FAD K . 24.31 -21.96 -35.59
C9A FAD K . 23.74 -21.30 -36.70
N10 FAD K . 24.46 -21.00 -37.87
C10 FAD K . 23.82 -20.34 -38.92
C1' FAD K . 25.87 -21.39 -38.01
C2' FAD K . 26.08 -22.86 -38.38
O2' FAD K . 27.36 -23.26 -37.90
C3' FAD K . 26.00 -23.13 -39.88
O3' FAD K . 24.76 -22.66 -40.38
C4' FAD K . 26.17 -24.59 -40.31
O4' FAD K . 25.69 -25.45 -39.27
C5' FAD K . 27.60 -24.94 -40.65
O5' FAD K . 27.85 -26.37 -40.70
P FAD K . 29.36 -26.89 -40.74
O1P FAD K . 29.48 -27.86 -41.88
O2P FAD K . 30.30 -25.73 -40.71
O3P FAD K . 29.47 -27.67 -39.34
PA NAP L . 27.76 -16.55 -28.39
O1A NAP L . 29.22 -16.28 -28.66
O2A NAP L . 26.72 -15.85 -29.25
O5B NAP L . 27.47 -16.24 -26.85
C5B NAP L . 28.54 -16.25 -25.91
C4B NAP L . 28.46 -14.97 -25.11
O4B NAP L . 28.41 -15.29 -23.72
C3B NAP L . 29.65 -14.04 -25.25
O3B NAP L . 29.61 -13.29 -26.47
C2B NAP L . 29.48 -13.17 -24.00
O2B NAP L . 28.49 -12.14 -24.23
C1B NAP L . 29.02 -14.22 -22.99
N9A NAP L . 30.16 -14.74 -22.20
C8A NAP L . 31.12 -15.59 -22.59
N7A NAP L . 32.00 -15.83 -21.57
C5A NAP L . 31.58 -15.11 -20.51
C6A NAP L . 32.01 -14.87 -19.10
N6A NAP L . 33.10 -15.48 -18.58
N1A NAP L . 31.27 -14.03 -18.33
C2A NAP L . 30.16 -13.41 -18.79
N3A NAP L . 29.73 -13.58 -20.05
C4A NAP L . 30.36 -14.39 -20.93
O3 NAP L . 27.52 -18.13 -28.45
PN NAP L . 26.06 -18.78 -28.59
O1N NAP L . 25.04 -17.73 -28.25
O2N NAP L . 26.03 -20.09 -27.83
O5D NAP L . 25.91 -19.14 -30.16
C5D NAP L . 27.01 -19.13 -31.06
C4D NAP L . 26.49 -18.86 -32.46
O4D NAP L . 25.30 -19.63 -32.70
C3D NAP L . 26.11 -17.40 -32.67
O3D NAP L . 27.17 -16.68 -33.30
C2D NAP L . 24.88 -17.44 -33.56
O2D NAP L . 25.20 -17.11 -34.92
C1D NAP L . 24.36 -18.88 -33.47
N1N NAP L . 22.99 -18.94 -32.91
C2N NAP L . 21.98 -18.37 -33.60
C3N NAP L . 20.67 -18.40 -33.13
C7N NAP L . 19.55 -17.77 -33.88
O7N NAP L . 19.28 -16.60 -33.67
N7N NAP L . 18.87 -18.50 -34.77
C4N NAP L . 20.40 -19.03 -31.93
C5N NAP L . 21.44 -19.61 -31.22
C6N NAP L . 22.75 -19.57 -31.73
P2B NAP L . 27.96 -11.04 -23.16
O1X NAP L . 28.31 -9.70 -23.78
O2X NAP L . 26.47 -11.24 -23.04
O3X NAP L . 28.72 -11.37 -21.90
PA FAD M . -15.60 -7.38 -14.78
O1A FAD M . -16.26 -8.33 -15.73
O2A FAD M . -14.11 -7.34 -14.61
O5B FAD M . -16.25 -7.57 -13.34
C5B FAD M . -17.67 -7.75 -13.25
C4B FAD M . -17.97 -8.39 -11.93
O4B FAD M . -19.41 -8.43 -11.76
C3B FAD M . -17.48 -9.84 -11.77
O3B FAD M . -16.72 -10.01 -10.57
C2B FAD M . -18.77 -10.65 -11.78
O2B FAD M . -18.65 -11.82 -11.01
C1B FAD M . -19.76 -9.66 -11.20
N9A FAD M . -21.17 -9.90 -11.52
C8A FAD M . -21.72 -10.11 -12.76
N7A FAD M . -23.02 -10.28 -12.71
C5A FAD M . -23.34 -10.13 -11.37
C6A FAD M . -24.56 -10.18 -10.69
N6A FAD M . -25.73 -10.39 -11.28
N1A FAD M . -24.53 -9.99 -9.35
C2A FAD M . -23.35 -9.78 -8.76
N3A FAD M . -22.14 -9.72 -9.31
C4A FAD M . -22.21 -9.91 -10.63
N1 FAD M . -8.73 -2.90 -19.68
C2 FAD M . -7.74 -2.01 -19.44
O2 FAD M . -7.98 -0.87 -19.09
N3 FAD M . -6.44 -2.35 -19.58
C4 FAD M . -6.06 -3.60 -19.97
O4 FAD M . -4.87 -3.85 -20.11
C4X FAD M . -7.05 -4.55 -20.22
N5 FAD M . -6.69 -5.75 -20.59
C5X FAD M . -7.68 -6.66 -20.83
C6 FAD M . -7.27 -7.94 -21.23
C7 FAD M . -8.19 -8.93 -21.51
C7M FAD M . -7.71 -10.30 -21.91
C8 FAD M . -9.58 -8.64 -21.39
C8M FAD M . -10.60 -9.71 -21.69
C9 FAD M . -9.98 -7.37 -20.98
C9A FAD M . -9.05 -6.36 -20.70
N10 FAD M . -9.40 -5.07 -20.29
C10 FAD M . -8.41 -4.12 -20.05
C1' FAD M . -10.82 -4.69 -20.15
C2' FAD M . -11.45 -5.15 -18.83
O2' FAD M . -12.87 -5.30 -19.01
C3' FAD M . -11.20 -4.17 -17.67
O3' FAD M . -9.81 -3.96 -17.50
C4' FAD M . -11.77 -4.61 -16.32
O4' FAD M . -11.79 -6.03 -16.22
C5' FAD M . -13.17 -4.06 -16.09
O5' FAD M . -13.90 -4.76 -15.06
P FAD M . -15.47 -4.44 -14.84
O1P FAD M . -15.70 -4.04 -13.41
O2P FAD M . -15.96 -3.48 -15.87
O3P FAD M . -16.09 -5.89 -15.12
PA NAP N . -12.75 -8.34 -29.64
O1A NAP N . -14.01 -7.93 -28.93
O2A NAP N . -11.44 -7.59 -29.49
O5B NAP N . -13.15 -8.29 -31.19
C5B NAP N . -13.98 -9.29 -31.78
C4B NAP N . -13.15 -9.98 -32.84
O4B NAP N . -13.88 -11.10 -33.34
C3B NAP N . -12.86 -9.06 -34.03
O3B NAP N . -11.50 -8.63 -34.02
C2B NAP N . -13.16 -9.88 -35.26
O2B NAP N . -11.94 -10.18 -35.96
C1B NAP N . -13.80 -11.17 -34.77
N9A NAP N . -15.14 -11.34 -35.33
C8A NAP N . -16.27 -10.71 -34.94
N7A NAP N . -17.32 -11.12 -35.69
C5A NAP N . -16.86 -12.02 -36.59
C6A NAP N . -17.43 -12.84 -37.69
N6A NAP N . -18.75 -12.77 -37.97
N1A NAP N . -16.58 -13.66 -38.38
C2A NAP N . -15.25 -13.74 -38.11
N3A NAP N . -14.67 -13.02 -37.12
C4A NAP N . -15.42 -12.17 -36.35
O3 NAP N . -12.46 -9.90 -29.36
PN NAP N . -11.33 -10.41 -28.33
O1N NAP N . -10.05 -10.49 -29.10
O2N NAP N . -11.84 -11.70 -27.70
O5D NAP N . -11.12 -9.23 -27.24
C5D NAP N . -12.03 -8.89 -26.20
C4D NAP N . -11.74 -7.56 -25.48
O4D NAP N . -10.72 -7.75 -24.50
C3D NAP N . -11.25 -6.39 -26.32
O3D NAP N . -11.88 -5.21 -25.83
C2D NAP N . -9.74 -6.37 -26.15
O2D NAP N . -9.17 -5.06 -26.20
C1D NAP N . -9.51 -7.05 -24.80
N1N NAP N . -8.40 -8.01 -24.83
C2N NAP N . -7.15 -7.58 -24.57
C3N NAP N . -6.08 -8.48 -24.58
C7N NAP N . -4.69 -8.05 -24.32
O7N NAP N . -4.16 -7.35 -25.16
N7N NAP N . -4.06 -8.45 -23.21
C4N NAP N . -6.29 -9.82 -24.85
C5N NAP N . -7.58 -10.25 -25.11
C6N NAP N . -8.63 -9.33 -25.08
P2B NAP N . -11.69 -9.85 -37.51
O1X NAP N . -12.51 -8.61 -37.81
O2X NAP N . -10.21 -9.59 -37.55
O3X NAP N . -12.16 -11.12 -38.20
C1B LMT O . 33.69 9.03 -23.76
C2B LMT O . 32.62 7.97 -23.41
C3B LMT O . 31.62 8.42 -22.36
C4B LMT O . 32.29 9.11 -21.19
C5B LMT O . 33.22 10.22 -21.68
C6B LMT O . 33.90 10.92 -20.52
O1B LMT O . 33.26 10.06 -24.68
O2B LMT O . 31.89 7.56 -24.58
O3B LMT O . 30.89 7.28 -21.88
O4' LMT O . 31.31 9.64 -20.28
O5B LMT O . 34.20 9.65 -22.57
O6B LMT O . 35.00 11.73 -20.97
C1' LMT O . 34.56 10.86 -28.69
C2' LMT O . 33.22 10.15 -28.46
C3' LMT O . 32.71 10.47 -27.05
C4' LMT O . 33.75 9.96 -26.04
C5' LMT O . 35.06 10.75 -26.28
C6' LMT O . 36.18 10.32 -25.33
O1' LMT O . 35.06 10.40 -29.96
O2' LMT O . 32.26 10.53 -29.46
O3' LMT O . 31.42 9.88 -26.87
O5' LMT O . 35.50 10.54 -27.64
O6' LMT O . 37.44 10.89 -25.69
C1 LMT O . 36.04 11.26 -30.58
C2 LMT O . 36.46 10.68 -31.92
C3 LMT O . 37.87 11.11 -32.31
C4 LMT O . 37.93 11.57 -33.76
C5 LMT O . 37.36 12.97 -33.95
C6 LMT O . 38.09 13.69 -35.09
C7 LMT O . 37.26 14.81 -35.74
C8 LMT O . 37.54 14.95 -37.25
C9 LMT O . 38.93 15.53 -37.56
C10 LMT O . 40.05 14.48 -37.51
C11 LMT O . 41.20 14.78 -38.48
C12 LMT O . 41.87 13.52 -38.99
C1B LMT P . 8.98 26.54 -10.46
C2B LMT P . 8.34 26.42 -11.86
C3B LMT P . 9.21 25.89 -13.02
C4B LMT P . 10.48 25.14 -12.63
C5B LMT P . 10.46 24.74 -11.16
C6B LMT P . 11.72 24.00 -10.71
O1B LMT P . 8.09 25.93 -9.49
O2B LMT P . 7.19 25.56 -11.82
O3B LMT P . 9.56 27.01 -13.85
O4' LMT P . 10.64 23.98 -13.46
O5B LMT P . 10.29 25.93 -10.37
O6B LMT P . 12.88 24.82 -10.85
C1' LMT P . 6.97 29.00 -7.81
C2' LMT P . 8.12 28.56 -6.92
C3' LMT P . 8.89 27.43 -7.59
C4' LMT P . 7.97 26.31 -8.10
C5' LMT P . 6.46 26.54 -7.85
C6' LMT P . 6.00 25.98 -6.50
O1' LMT P . 6.32 30.17 -7.26
O2' LMT P . 9.00 29.67 -6.65
O3' LMT P . 9.84 26.88 -6.64
O5' LMT P . 6.02 27.93 -7.97
O6' LMT P . 5.50 24.63 -6.60
C1 LMT P . 6.64 31.42 -7.88
C2 LMT P . 5.77 31.65 -9.11
C3 LMT P . 4.74 32.75 -8.87
C4 LMT P . 3.78 32.90 -10.04
C5 LMT P . 2.70 33.96 -9.75
C6 LMT P . 1.34 33.33 -9.42
C7 LMT P . 0.19 34.34 -9.46
C8 LMT P . -0.81 34.03 -10.58
C9 LMT P . -2.16 34.73 -10.37
C10 LMT P . -2.66 35.42 -11.66
C11 LMT P . -2.99 34.41 -12.75
C12 LMT P . -3.99 35.01 -13.74
CL CL Q . -7.66 -25.03 -22.77
PA FAD R . -6.86 -16.65 19.22
O1A FAD R . -7.42 -17.16 20.52
O2A FAD R . -7.08 -15.25 18.75
O5B FAD R . -7.36 -17.60 18.06
C5B FAD R . -7.34 -19.02 18.31
C4B FAD R . -8.26 -19.66 17.32
O4B FAD R . -8.14 -21.10 17.45
C3B FAD R . -9.75 -19.32 17.51
O3B FAD R . -10.34 -18.82 16.31
C2B FAD R . -10.35 -20.64 18.01
O2B FAD R . -11.66 -20.86 17.56
C1B FAD R . -9.42 -21.68 17.38
N9A FAD R . -9.35 -22.97 18.01
C8A FAD R . -9.09 -23.24 19.33
N7A FAD R . -9.07 -24.53 19.59
C5A FAD R . -9.29 -25.14 18.35
C6A FAD R . -9.37 -26.48 17.94
N6A FAD R . -9.20 -27.52 18.76
N1A FAD R . -9.59 -26.73 16.63
C2A FAD R . -9.74 -25.68 15.79
N3A FAD R . -9.71 -24.39 16.07
C4A FAD R . -9.47 -24.18 17.38
N1 FAD R . -2.14 -8.56 21.19
C2 FAD R . -1.51 -7.57 20.52
O2 FAD R . -0.48 -7.81 19.88
N3 FAD R . -1.97 -6.30 20.51
C4 FAD R . -3.11 -5.93 21.19
O4 FAD R . -3.49 -4.77 21.17
C4X FAD R . -3.79 -6.93 21.90
N5 FAD R . -4.87 -6.58 22.52
C5X FAD R . -5.54 -7.57 23.19
C6 FAD R . -6.71 -7.21 23.88
C7 FAD R . -7.43 -8.12 24.60
C7M FAD R . -8.68 -7.67 25.30
C8 FAD R . -7.01 -9.47 24.65
C8M FAD R . -7.78 -10.48 25.46
C9 FAD R . -5.86 -9.84 23.98
C9A FAD R . -5.09 -8.91 23.24
N10 FAD R . -3.93 -9.24 22.55
C10 FAD R . -3.24 -8.26 21.85
C1' FAD R . -3.40 -10.62 22.54
C2' FAD R . -4.13 -11.56 21.59
O2' FAD R . -4.02 -12.90 22.07
C3' FAD R . -3.58 -11.49 20.16
O3' FAD R . -3.63 -10.15 19.70
C4' FAD R . -4.30 -12.35 19.12
O4' FAD R . -5.67 -12.46 19.49
C5' FAD R . -3.66 -13.72 18.97
O5' FAD R . -4.49 -14.72 18.29
P FAD R . -4.04 -16.28 18.38
O1P FAD R . -4.05 -16.79 16.97
O2P FAD R . -2.78 -16.51 19.16
O3P FAD R . -5.26 -16.92 19.21
PA NAP S . -3.76 -10.72 33.02
O1A NAP S . -3.00 -11.99 33.28
O2A NAP S . -3.14 -9.53 32.31
O5B NAP S . -4.26 -10.19 34.45
C5B NAP S . -4.47 -11.12 35.50
C4B NAP S . -4.35 -10.43 36.84
O4B NAP S . -5.14 -11.14 37.78
C3B NAP S . -2.97 -10.45 37.47
O3B NAP S . -2.13 -9.40 36.98
C2B NAP S . -3.26 -10.25 38.93
O2B NAP S . -3.32 -8.84 39.20
C1B NAP S . -4.64 -10.90 39.07
N9A NAP S . -4.62 -12.14 39.90
C8A NAP S . -4.17 -13.37 39.59
N7A NAP S . -4.36 -14.21 40.64
C5A NAP S . -4.95 -13.52 41.64
C6A NAP S . -5.43 -13.74 43.04
N6A NAP S . -5.35 -14.95 43.65
N1A NAP S . -5.99 -12.70 43.70
C2A NAP S . -6.11 -11.47 43.17
N3A NAP S . -5.68 -11.19 41.94
C4A NAP S . -5.12 -12.15 41.13
O3 NAP S . -5.15 -11.10 32.32
PN NAP S . -6.17 -10.00 31.74
O1N NAP S . -5.80 -8.61 32.22
O2N NAP S . -7.58 -10.53 31.98
O5D NAP S . -5.81 -10.00 30.16
C5D NAP S . -4.69 -10.74 29.61
C4D NAP S . -4.01 -10.04 28.45
O4D NAP S . -5.00 -9.55 27.54
C3D NAP S . -3.15 -8.83 28.81
O3D NAP S . -1.78 -9.17 28.99
C2D NAP S . -3.29 -7.91 27.62
O2D NAP S . -2.25 -8.18 26.68
C1D NAP S . -4.62 -8.29 26.98
N1N NAP S . -5.67 -7.27 27.17
C2N NAP S . -5.54 -6.07 26.58
C3N NAP S . -6.52 -5.10 26.72
C7N NAP S . -6.41 -3.74 26.11
O7N NAP S . -6.22 -2.83 26.91
N7N NAP S . -6.54 -3.60 24.80
C4N NAP S . -7.63 -5.33 27.50
C5N NAP S . -7.76 -6.57 28.09
C6N NAP S . -6.76 -7.53 27.92
P2B NAP S . -2.98 -8.13 40.62
O1X NAP S . -1.69 -8.80 41.04
O2X NAP S . -2.80 -6.67 40.26
O3X NAP S . -4.14 -8.41 41.56
C1B LMT T . 21.13 9.99 1.58
C2B LMT T . 19.94 10.14 0.60
C3B LMT T . 19.25 8.84 0.14
C4B LMT T . 20.06 7.58 0.43
C5B LMT T . 21.55 7.87 0.36
C6B LMT T . 22.09 8.39 -1.00
O1B LMT T . 20.79 10.09 2.98
O2B LMT T . 18.91 10.98 1.14
O3B LMT T . 19.00 8.91 -1.27
O4' LMT T . 19.70 7.10 1.74
O5B LMT T . 21.88 8.78 1.42
O6B LMT T . 21.33 7.95 -2.13
C1' LMT T . 22.17 13.20 5.47
C2' LMT T . 21.84 11.75 5.92
C3' LMT T . 20.67 11.06 5.19
C4' LMT T . 20.55 11.35 3.68
C5' LMT T . 21.39 12.57 3.25
C6' LMT T . 20.85 13.29 2.01
O1' LMT T . 21.89 14.12 6.54
O2' LMT T . 23.00 10.93 5.80
O3' LMT T . 19.46 11.43 5.86
O5' LMT T . 21.39 13.54 4.31
O6' LMT T . 21.59 14.50 1.74
C1 LMT T . 22.47 15.42 6.42
C2 LMT T . 21.86 16.38 7.45
C3 LMT T . 22.74 16.52 8.71
C4 LMT T . 22.53 17.84 9.45
C5 LMT T . 23.86 18.57 9.70
C6 LMT T . 24.29 19.46 8.52
C7 LMT T . 25.23 18.78 7.52
C8 LMT T . 25.83 19.77 6.50
C9 LMT T . 24.77 20.63 5.80
C10 LMT T . 25.21 21.19 4.43
C11 LMT T . 24.06 21.85 3.67
C12 LMT T . 24.39 22.07 2.21
CL CL U . -16.02 -13.43 21.69
C1B LMT V . 30.53 -0.73 32.60
C2B LMT V . 29.57 0.47 32.76
C3B LMT V . 29.90 1.59 31.77
C4B LMT V . 31.41 1.75 31.59
C5B LMT V . 32.06 0.45 31.12
C6B LMT V . 33.38 0.12 31.83
O1B LMT V . 29.85 -1.99 32.75
O2B LMT V . 28.21 0.05 32.59
O3B LMT V . 29.37 2.84 32.20
O4' LMT V . 31.63 2.82 30.66
O5B LMT V . 31.17 -0.67 31.31
O6B LMT V . 34.42 0.96 31.36
C1' LMT V . 31.79 -5.75 33.55
C2' LMT V . 31.99 -4.56 34.50
C3' LMT V . 30.89 -3.51 34.38
C4' LMT V . 30.74 -3.12 32.91
C5' LMT V . 30.27 -4.39 32.19
C6' LMT V . 29.84 -4.20 30.73
O1' LMT V . 33.02 -6.49 33.46
O2' LMT V . 32.05 -5.02 35.84
O3' LMT V . 31.20 -2.38 35.20
O5' LMT V . 31.36 -5.34 32.24
O6' LMT V . 29.26 -2.93 30.46
C1 LMT V . 33.03 -7.83 33.97
C2 LMT V . 32.97 -8.84 32.82
C3 LMT V . 31.54 -9.09 32.34
C4 LMT V . 31.40 -9.09 30.82
C5 LMT V . 30.05 -8.54 30.34
C6 LMT V . 30.20 -7.28 29.48
C7 LMT V . 30.64 -7.58 28.05
C8 LMT V . 30.85 -6.30 27.24
C9 LMT V . 31.87 -6.47 26.11
C10 LMT V . 32.23 -5.11 25.50
C11 LMT V . 32.95 -5.22 24.16
C12 LMT V . 32.94 -3.90 23.42
C1B LMT W . 25.09 -6.79 25.66
C2B LMT W . 25.47 -6.14 27.00
C3B LMT W . 25.91 -7.17 28.04
C4B LMT W . 24.79 -8.17 28.29
C5B LMT W . 24.03 -8.57 27.02
C6B LMT W . 22.60 -7.99 27.02
O1B LMT W . 26.15 -6.63 24.68
O2B LMT W . 26.52 -5.17 26.83
O3B LMT W . 26.25 -6.54 29.29
O4' LMT W . 25.37 -9.34 28.89
O5B LMT W . 24.77 -8.19 25.84
O6B LMT W . 21.82 -8.51 25.93
C1' LMT W . 23.68 -5.20 21.78
C2' LMT W . 24.50 -6.38 21.26
C3' LMT W . 25.16 -7.05 22.47
C4' LMT W . 25.92 -6.06 23.37
C5' LMT W . 25.30 -4.65 23.44
C6' LMT W . 26.36 -3.60 23.78
O1' LMT W . 22.71 -4.57 20.91
O2' LMT W . 23.72 -7.37 20.56
O3' LMT W . 26.04 -8.07 21.97
O5' LMT W . 24.65 -4.25 22.22
O6' LMT W . 25.88 -2.70 24.79
C1 LMT W . 22.72 -4.80 19.50
C2 LMT W . 21.61 -5.79 19.12
C3 LMT W . 20.88 -5.47 17.81
C4 LMT W . 21.77 -4.93 16.67
C5 LMT W . 23.01 -5.75 16.31
C6 LMT W . 24.17 -4.87 15.83
C7 LMT W . 25.07 -5.55 14.80
C8 LMT W . 25.63 -6.90 15.26
C9 LMT W . 26.39 -6.84 16.60
C10 LMT W . 27.25 -8.09 16.81
C11 LMT W . 27.77 -8.19 18.25
C12 LMT W . 28.62 -9.44 18.43
#